data_1GU0
#
_entry.id   1GU0
#
_cell.length_a   116.200
_cell.length_b   138.400
_cell.length_c   141.200
_cell.angle_alpha   90.00
_cell.angle_beta   90.00
_cell.angle_gamma   90.00
#
_symmetry.space_group_name_H-M   'P 21 21 21'
#
loop_
_entity.id
_entity.type
_entity.pdbx_description
1 polymer '3-DEHYDROQUINATE DEHYDRATASE'
2 non-polymer 2-AMINO-2-HYDROXYMETHYL-PROPANE-1,3-DIOL
3 water water
#
_entity_poly.entity_id   1
_entity_poly.type   'polypeptide(L)'
_entity_poly.pdbx_seq_one_letter_code
;PRSLANAPIMILNGPNLNLLGQRQPEIYGSDTLADVEALCVKAAAAHGGTVDFRQSNHEGELVDWIHEARLNHCGIVINP
AAYSHTSVAILDALNTCDGLPVVEVHISNIHQREPFRHHSYVSQRADGVVAGCGVQGYVFGVERIAALAGAGSARA
;
_entity_poly.pdbx_strand_id   A,B,C,D,E,F,G,H,I,J,K,L
#
loop_
_chem_comp.id
_chem_comp.type
_chem_comp.name
_chem_comp.formula
TRS non-polymer 2-AMINO-2-HYDROXYMETHYL-PROPANE-1,3-DIOL 'C4 H12 N O3 1'
#
# COMPACT_ATOMS: atom_id res chain seq x y z
N ARG A 2 1.50 -7.19 -44.87
CA ARG A 2 1.81 -8.65 -44.95
C ARG A 2 0.64 -9.53 -44.51
N SER A 3 0.10 -10.29 -45.46
CA SER A 3 -0.96 -11.28 -45.30
C SER A 3 -0.60 -12.71 -44.84
N LEU A 4 -1.63 -13.46 -44.46
CA LEU A 4 -1.48 -14.86 -44.06
C LEU A 4 -0.94 -15.67 -45.22
N ALA A 5 -1.28 -15.28 -46.44
CA ALA A 5 -0.75 -16.01 -47.58
C ALA A 5 0.62 -15.51 -47.96
N ASN A 6 0.90 -14.26 -47.65
CA ASN A 6 2.19 -13.65 -47.93
C ASN A 6 3.33 -14.18 -47.04
N ALA A 7 3.07 -14.25 -45.74
CA ALA A 7 4.12 -14.51 -44.77
C ALA A 7 3.61 -15.37 -43.65
N PRO A 8 4.52 -16.07 -43.02
CA PRO A 8 4.11 -16.86 -41.87
C PRO A 8 3.81 -16.00 -40.63
N ILE A 9 3.09 -16.68 -39.76
CA ILE A 9 2.84 -16.26 -38.42
C ILE A 9 3.96 -16.75 -37.54
N MET A 10 4.48 -15.86 -36.70
CA MET A 10 5.51 -16.17 -35.71
C MET A 10 4.86 -16.65 -34.42
N ILE A 11 5.36 -17.76 -33.90
CA ILE A 11 4.79 -18.31 -32.67
C ILE A 11 6.00 -18.40 -31.77
N LEU A 12 6.08 -17.53 -30.79
CA LEU A 12 7.22 -17.50 -29.88
C LEU A 12 6.86 -18.06 -28.53
N ASN A 13 7.80 -18.76 -27.94
CA ASN A 13 7.61 -19.44 -26.68
C ASN A 13 8.77 -19.12 -25.78
N GLY A 14 8.46 -18.59 -24.61
CA GLY A 14 9.41 -18.20 -23.58
C GLY A 14 10.07 -19.34 -22.82
N PRO A 15 10.69 -19.03 -21.70
CA PRO A 15 11.44 -20.01 -20.92
C PRO A 15 10.67 -21.17 -20.29
N ASN A 16 11.40 -22.29 -20.22
CA ASN A 16 10.90 -23.49 -19.60
C ASN A 16 9.90 -24.28 -20.48
N LEU A 17 9.32 -23.67 -21.51
CA LEU A 17 8.32 -24.36 -22.29
C LEU A 17 8.92 -25.50 -23.15
N ASN A 18 10.24 -25.56 -23.31
CA ASN A 18 10.87 -26.71 -23.90
C ASN A 18 10.57 -27.99 -23.15
N LEU A 19 10.25 -27.88 -21.86
CA LEU A 19 9.99 -29.05 -21.01
C LEU A 19 8.52 -29.36 -20.87
N LEU A 20 7.72 -28.70 -21.69
CA LEU A 20 6.31 -28.97 -21.62
C LEU A 20 5.96 -30.45 -21.82
N GLY A 21 5.06 -30.93 -20.97
CA GLY A 21 4.70 -32.33 -21.00
C GLY A 21 5.72 -33.37 -20.57
N GLN A 22 6.88 -32.96 -20.07
CA GLN A 22 7.91 -33.95 -19.75
C GLN A 22 8.11 -34.00 -18.26
N ARG A 23 7.17 -33.43 -17.51
CA ARG A 23 7.33 -33.34 -16.07
C ARG A 23 6.57 -34.46 -15.39
N GLN A 24 5.43 -34.12 -14.83
CA GLN A 24 4.60 -35.10 -14.16
C GLN A 24 3.38 -35.34 -15.05
N PRO A 25 3.50 -36.28 -15.98
CA PRO A 25 2.38 -36.67 -16.84
C PRO A 25 1.30 -37.27 -15.94
N GLU A 26 0.48 -36.38 -15.39
CA GLU A 26 -0.51 -36.71 -14.36
C GLU A 26 -1.13 -35.41 -13.84
N ILE A 27 -0.26 -34.51 -13.39
CA ILE A 27 -0.67 -33.22 -12.80
C ILE A 27 -0.56 -32.15 -13.89
N TYR A 28 0.46 -32.27 -14.72
CA TYR A 28 0.62 -31.44 -15.90
C TYR A 28 0.21 -32.30 -17.09
N GLY A 29 -0.01 -31.68 -18.24
CA GLY A 29 -0.41 -32.43 -19.42
C GLY A 29 0.59 -33.46 -19.91
N SER A 30 0.24 -33.97 -21.07
CA SER A 30 1.01 -34.97 -21.76
C SER A 30 1.48 -34.36 -23.08
N ASP A 31 0.89 -33.24 -23.48
CA ASP A 31 1.29 -32.59 -24.71
C ASP A 31 2.66 -31.94 -24.59
N THR A 32 3.42 -32.05 -25.68
CA THR A 32 4.76 -31.50 -25.80
C THR A 32 4.80 -30.25 -26.63
N LEU A 33 5.93 -29.56 -26.61
CA LEU A 33 6.07 -28.43 -27.51
C LEU A 33 5.84 -28.87 -28.94
N ALA A 34 6.24 -30.09 -29.28
CA ALA A 34 6.00 -30.60 -30.63
C ALA A 34 4.50 -30.78 -30.85
N ASP A 35 3.76 -31.25 -29.85
CA ASP A 35 2.32 -31.27 -30.05
C ASP A 35 1.72 -29.88 -30.33
N VAL A 36 2.16 -28.86 -29.61
CA VAL A 36 1.69 -27.49 -29.80
C VAL A 36 2.06 -26.98 -31.18
N GLU A 37 3.31 -27.13 -31.58
CA GLU A 37 3.69 -26.73 -32.92
C GLU A 37 2.75 -27.34 -33.97
N ALA A 38 2.37 -28.61 -33.81
CA ALA A 38 1.57 -29.25 -34.80
C ALA A 38 0.15 -28.70 -34.79
N LEU A 39 -0.36 -28.36 -33.60
CA LEU A 39 -1.67 -27.72 -33.45
C LEU A 39 -1.67 -26.38 -34.19
N CYS A 40 -0.57 -25.66 -34.14
CA CYS A 40 -0.45 -24.40 -34.83
C CYS A 40 -0.35 -24.56 -36.37
N VAL A 41 0.46 -25.50 -36.85
CA VAL A 41 0.69 -25.74 -38.29
C VAL A 41 -0.66 -26.11 -38.89
N LYS A 42 -1.42 -26.91 -38.16
CA LYS A 42 -2.71 -27.36 -38.61
C LYS A 42 -3.75 -26.25 -38.71
N ALA A 43 -3.90 -25.48 -37.62
CA ALA A 43 -4.86 -24.39 -37.58
C ALA A 43 -4.51 -23.35 -38.63
N ALA A 44 -3.24 -23.05 -38.85
CA ALA A 44 -2.85 -22.09 -39.90
C ALA A 44 -3.09 -22.61 -41.34
N ALA A 45 -2.77 -23.88 -41.58
CA ALA A 45 -3.10 -24.49 -42.87
C ALA A 45 -4.59 -24.34 -43.22
N ALA A 46 -5.51 -24.49 -42.26
CA ALA A 46 -6.93 -24.27 -42.56
C ALA A 46 -7.17 -22.87 -43.20
N HIS A 47 -6.40 -21.85 -42.83
CA HIS A 47 -6.59 -20.51 -43.38
C HIS A 47 -5.58 -20.24 -44.48
N GLY A 48 -5.02 -21.27 -45.07
CA GLY A 48 -4.00 -21.08 -46.07
C GLY A 48 -2.73 -20.37 -45.63
N GLY A 49 -2.29 -20.54 -44.39
CA GLY A 49 -1.05 -19.93 -43.97
C GLY A 49 -0.09 -20.91 -43.30
N THR A 50 1.03 -20.35 -42.84
CA THR A 50 2.13 -21.09 -42.26
C THR A 50 2.61 -20.45 -40.97
N VAL A 51 3.39 -21.22 -40.24
CA VAL A 51 3.91 -20.70 -39.02
C VAL A 51 5.40 -20.91 -38.98
N ASP A 52 6.01 -20.22 -38.04
CA ASP A 52 7.41 -20.22 -37.82
C ASP A 52 7.41 -20.19 -36.31
N PHE A 53 7.78 -21.35 -35.79
CA PHE A 53 7.59 -21.70 -34.40
C PHE A 53 8.96 -21.81 -33.72
N ARG A 54 9.11 -21.05 -32.63
CA ARG A 54 10.32 -20.96 -31.86
C ARG A 54 10.09 -20.92 -30.34
N GLN A 55 11.15 -21.35 -29.66
CA GLN A 55 11.27 -21.34 -28.23
C GLN A 55 12.65 -20.88 -27.83
N SER A 56 12.70 -20.13 -26.73
CA SER A 56 13.94 -19.70 -26.12
C SER A 56 13.72 -19.39 -24.64
N ASN A 57 14.79 -19.61 -23.90
CA ASN A 57 14.95 -19.22 -22.51
C ASN A 57 15.59 -17.85 -22.35
N HIS A 58 16.04 -17.23 -23.43
CA HIS A 58 16.66 -15.89 -23.34
C HIS A 58 15.81 -14.74 -23.86
N GLU A 59 15.62 -13.79 -22.95
CA GLU A 59 14.89 -12.56 -23.13
C GLU A 59 15.34 -11.77 -24.34
N GLY A 60 16.62 -11.58 -24.49
CA GLY A 60 17.15 -10.80 -25.57
C GLY A 60 16.96 -11.50 -26.89
N GLU A 61 17.06 -12.83 -26.90
CA GLU A 61 16.80 -13.57 -28.13
C GLU A 61 15.33 -13.40 -28.53
N LEU A 62 14.38 -13.39 -27.55
CA LEU A 62 12.99 -13.18 -27.90
C LEU A 62 12.79 -11.77 -28.48
N VAL A 63 13.43 -10.81 -27.87
CA VAL A 63 13.46 -9.47 -28.44
C VAL A 63 13.92 -9.52 -29.89
N ASP A 64 15.04 -10.21 -30.16
CA ASP A 64 15.57 -10.25 -31.54
C ASP A 64 14.57 -10.88 -32.50
N TRP A 65 13.88 -11.91 -32.02
CA TRP A 65 12.88 -12.57 -32.83
C TRP A 65 11.68 -11.68 -33.05
N ILE A 66 11.48 -10.68 -32.20
CA ILE A 66 10.30 -9.85 -32.36
C ILE A 66 10.65 -8.82 -33.47
N HIS A 67 11.87 -8.39 -33.43
CA HIS A 67 12.27 -7.39 -34.37
C HIS A 67 12.19 -8.08 -35.72
N GLU A 68 12.49 -9.38 -35.77
CA GLU A 68 12.50 -10.12 -37.01
C GLU A 68 11.08 -10.16 -37.57
N ALA A 69 10.15 -10.54 -36.70
CA ALA A 69 8.75 -10.68 -37.07
C ALA A 69 8.16 -9.42 -37.64
N ARG A 70 8.66 -8.34 -37.09
CA ARG A 70 8.20 -7.06 -37.41
C ARG A 70 8.41 -6.80 -38.86
N LEU A 71 9.46 -7.34 -39.47
CA LEU A 71 9.69 -7.02 -40.88
C LEU A 71 9.32 -8.15 -41.84
N ASN A 72 9.09 -9.35 -41.30
CA ASN A 72 9.00 -10.56 -42.09
C ASN A 72 7.78 -11.48 -41.87
N HIS A 73 6.90 -11.19 -40.92
CA HIS A 73 5.80 -12.07 -40.57
C HIS A 73 4.46 -11.34 -40.53
N CYS A 74 3.34 -12.06 -40.47
CA CYS A 74 2.06 -11.36 -40.54
C CYS A 74 1.37 -11.19 -39.18
N GLY A 75 1.93 -11.72 -38.10
CA GLY A 75 1.35 -11.63 -36.78
C GLY A 75 2.25 -12.37 -35.80
N ILE A 76 1.99 -12.25 -34.51
CA ILE A 76 2.76 -12.93 -33.49
C ILE A 76 1.82 -13.53 -32.48
N VAL A 77 1.94 -14.84 -32.29
CA VAL A 77 1.32 -15.54 -31.17
C VAL A 77 2.46 -15.71 -30.18
N ILE A 78 2.24 -15.27 -28.95
CA ILE A 78 3.33 -15.36 -27.99
C ILE A 78 2.89 -15.86 -26.63
N ASN A 79 3.66 -16.82 -26.19
CA ASN A 79 3.56 -17.31 -24.85
C ASN A 79 4.92 -16.93 -24.18
N PRO A 80 4.93 -15.80 -23.50
CA PRO A 80 6.17 -15.27 -22.89
C PRO A 80 6.51 -16.01 -21.63
N ALA A 81 5.64 -16.89 -21.16
CA ALA A 81 5.91 -17.58 -19.90
C ALA A 81 6.40 -16.63 -18.79
N ALA A 82 7.53 -16.95 -18.20
CA ALA A 82 7.89 -16.21 -17.03
C ALA A 82 8.26 -14.77 -17.34
N TYR A 83 8.76 -14.48 -18.56
CA TYR A 83 9.10 -13.14 -18.93
C TYR A 83 7.83 -12.29 -19.03
N SER A 84 6.67 -12.89 -19.09
CA SER A 84 5.47 -12.07 -19.10
C SER A 84 5.46 -11.12 -17.92
N HIS A 85 5.85 -11.65 -16.77
CA HIS A 85 5.84 -10.89 -15.53
C HIS A 85 7.01 -10.07 -15.19
N THR A 86 8.05 -10.12 -16.00
CA THR A 86 9.22 -9.40 -15.64
C THR A 86 9.77 -8.58 -16.77
N SER A 87 9.34 -8.80 -18.00
CA SER A 87 10.05 -8.26 -19.15
C SER A 87 9.50 -6.99 -19.81
N VAL A 88 9.95 -5.85 -19.34
CA VAL A 88 9.65 -4.63 -19.98
C VAL A 88 10.30 -4.66 -21.36
N ALA A 89 11.36 -5.41 -21.53
CA ALA A 89 12.07 -5.38 -22.81
C ALA A 89 11.26 -6.08 -23.88
N ILE A 90 10.49 -7.09 -23.51
CA ILE A 90 9.70 -7.74 -24.53
C ILE A 90 8.53 -6.84 -24.91
N LEU A 91 8.00 -6.14 -23.89
CA LEU A 91 6.90 -5.20 -24.13
C LEU A 91 7.38 -4.09 -25.08
N ASP A 92 8.55 -3.52 -24.80
CA ASP A 92 8.98 -2.46 -25.68
C ASP A 92 9.17 -3.03 -27.10
N ALA A 93 9.59 -4.28 -27.19
CA ALA A 93 9.89 -4.88 -28.49
C ALA A 93 8.62 -4.96 -29.33
N LEU A 94 7.58 -5.51 -28.73
CA LEU A 94 6.23 -5.61 -29.29
C LEU A 94 5.63 -4.23 -29.66
N ASN A 95 6.00 -3.19 -28.91
CA ASN A 95 5.56 -1.81 -29.17
C ASN A 95 6.24 -1.28 -30.46
N THR A 96 7.34 -1.84 -30.93
CA THR A 96 7.87 -1.33 -32.22
C THR A 96 7.12 -1.92 -33.45
N CYS A 97 6.27 -2.89 -33.16
CA CYS A 97 5.50 -3.56 -34.19
C CYS A 97 4.19 -2.89 -34.54
N ASP A 98 4.26 -1.61 -34.85
CA ASP A 98 3.07 -0.86 -35.25
C ASP A 98 2.23 -1.62 -36.27
N GLY A 99 0.93 -1.74 -35.97
CA GLY A 99 -0.03 -2.37 -36.85
C GLY A 99 -0.02 -3.89 -36.94
N LEU A 100 0.84 -4.51 -36.14
CA LEU A 100 0.98 -5.95 -36.21
C LEU A 100 0.16 -6.59 -35.13
N PRO A 101 -0.68 -7.53 -35.51
CA PRO A 101 -1.52 -8.19 -34.54
C PRO A 101 -0.68 -9.05 -33.63
N VAL A 102 -1.09 -9.06 -32.37
CA VAL A 102 -0.37 -9.78 -31.37
C VAL A 102 -1.37 -10.40 -30.44
N VAL A 103 -1.23 -11.69 -30.20
CA VAL A 103 -2.06 -12.38 -29.22
C VAL A 103 -1.16 -13.12 -28.23
N GLU A 104 -1.38 -12.88 -26.92
CA GLU A 104 -0.72 -13.53 -25.81
C GLU A 104 -1.49 -14.76 -25.40
N VAL A 105 -0.77 -15.86 -25.16
CA VAL A 105 -1.33 -17.14 -24.76
C VAL A 105 -0.65 -17.63 -23.51
N HIS A 106 -1.43 -18.12 -22.57
CA HIS A 106 -0.95 -18.69 -21.31
C HIS A 106 -1.71 -19.98 -21.20
N ILE A 107 -0.97 -21.05 -21.04
CA ILE A 107 -1.58 -22.37 -20.93
C ILE A 107 -2.44 -22.47 -19.74
N SER A 108 -1.87 -22.04 -18.62
CA SER A 108 -2.55 -22.24 -17.34
C SER A 108 -3.34 -20.97 -17.06
N ASN A 109 -4.29 -21.00 -16.14
CA ASN A 109 -5.00 -19.78 -15.69
C ASN A 109 -4.19 -19.01 -14.66
N ILE A 110 -3.33 -18.12 -15.14
CA ILE A 110 -2.47 -17.34 -14.27
C ILE A 110 -3.26 -16.59 -13.21
N HIS A 111 -4.52 -16.25 -13.42
CA HIS A 111 -5.26 -15.56 -12.36
C HIS A 111 -5.56 -16.46 -11.18
N GLN A 112 -5.21 -17.73 -11.22
CA GLN A 112 -5.52 -18.61 -10.07
C GLN A 112 -4.26 -18.91 -9.30
N ARG A 113 -3.15 -18.36 -9.79
CA ARG A 113 -1.86 -18.70 -9.21
C ARG A 113 -1.44 -17.53 -8.31
N GLU A 114 -0.18 -17.56 -7.91
CA GLU A 114 0.36 -16.51 -7.08
C GLU A 114 0.10 -15.14 -7.68
N PRO A 115 -0.06 -14.20 -6.76
CA PRO A 115 -0.23 -12.79 -7.10
C PRO A 115 0.81 -12.24 -8.03
N PHE A 116 2.09 -12.62 -7.98
CA PHE A 116 3.06 -12.02 -8.92
C PHE A 116 2.75 -12.47 -10.38
N ARG A 117 1.95 -13.52 -10.52
CA ARG A 117 1.64 -14.00 -11.85
C ARG A 117 0.48 -13.26 -12.47
N HIS A 118 -0.32 -12.57 -11.65
CA HIS A 118 -1.54 -11.89 -12.10
C HIS A 118 -1.29 -10.70 -13.06
N HIS A 119 -0.08 -10.16 -13.13
CA HIS A 119 0.18 -9.03 -14.02
C HIS A 119 1.14 -9.47 -15.14
N SER A 120 0.84 -9.06 -16.38
CA SER A 120 1.73 -9.27 -17.50
C SER A 120 2.07 -7.97 -18.19
N TYR A 121 3.35 -7.68 -18.43
CA TYR A 121 3.71 -6.53 -19.21
C TYR A 121 3.24 -6.62 -20.66
N VAL A 122 3.18 -7.86 -21.18
CA VAL A 122 2.84 -8.14 -22.55
C VAL A 122 1.35 -7.81 -22.84
N SER A 123 0.48 -8.08 -21.87
CA SER A 123 -0.93 -7.81 -22.01
C SER A 123 -1.25 -6.36 -22.25
N GLN A 124 -0.38 -5.40 -21.96
CA GLN A 124 -0.76 -4.04 -22.30
C GLN A 124 -0.55 -3.69 -23.78
N ARG A 125 0.20 -4.49 -24.52
CA ARG A 125 0.32 -4.30 -25.96
C ARG A 125 -0.55 -5.32 -26.68
N ALA A 126 -0.76 -6.50 -26.12
CA ALA A 126 -1.39 -7.58 -26.93
C ALA A 126 -2.81 -7.24 -27.37
N ASP A 127 -3.22 -7.62 -28.57
CA ASP A 127 -4.56 -7.26 -28.94
C ASP A 127 -5.49 -8.15 -28.10
N GLY A 128 -5.10 -9.40 -27.95
CA GLY A 128 -5.89 -10.36 -27.20
C GLY A 128 -4.96 -11.18 -26.32
N VAL A 129 -5.53 -11.65 -25.21
CA VAL A 129 -4.85 -12.47 -24.26
C VAL A 129 -5.80 -13.63 -23.99
N VAL A 130 -5.28 -14.85 -24.11
CA VAL A 130 -5.99 -16.06 -23.85
C VAL A 130 -5.22 -16.75 -22.71
N ALA A 131 -5.91 -17.19 -21.68
CA ALA A 131 -5.25 -17.85 -20.57
C ALA A 131 -6.13 -18.94 -20.01
N GLY A 132 -5.53 -20.05 -19.61
CA GLY A 132 -6.29 -21.15 -19.06
C GLY A 132 -7.12 -22.00 -20.00
N CYS A 133 -6.90 -21.91 -21.31
CA CYS A 133 -7.60 -22.79 -22.21
C CYS A 133 -6.74 -23.95 -22.65
N GLY A 134 -5.67 -24.28 -21.95
CA GLY A 134 -4.84 -25.38 -22.37
C GLY A 134 -3.99 -25.04 -23.59
N VAL A 135 -3.50 -26.06 -24.29
CA VAL A 135 -2.68 -25.84 -25.49
C VAL A 135 -3.62 -25.44 -26.59
N GLN A 136 -4.89 -25.76 -26.38
CA GLN A 136 -5.90 -25.25 -27.30
C GLN A 136 -5.82 -23.73 -27.48
N GLY A 137 -5.40 -22.99 -26.46
CA GLY A 137 -5.33 -21.54 -26.64
C GLY A 137 -4.38 -21.09 -27.75
N TYR A 138 -3.38 -21.90 -28.04
CA TYR A 138 -2.59 -21.62 -29.25
C TYR A 138 -3.42 -21.68 -30.57
N VAL A 139 -4.47 -22.50 -30.63
CA VAL A 139 -5.26 -22.59 -31.86
C VAL A 139 -6.11 -21.34 -31.96
N PHE A 140 -6.71 -20.96 -30.83
CA PHE A 140 -7.38 -19.64 -30.70
C PHE A 140 -6.47 -18.49 -31.12
N GLY A 141 -5.23 -18.47 -30.63
CA GLY A 141 -4.30 -17.42 -30.97
C GLY A 141 -4.12 -17.37 -32.48
N VAL A 142 -3.87 -18.53 -33.09
CA VAL A 142 -3.87 -18.65 -34.56
C VAL A 142 -5.15 -18.19 -35.23
N GLU A 143 -6.30 -18.65 -34.76
CA GLU A 143 -7.51 -18.17 -35.41
C GLU A 143 -7.64 -16.64 -35.38
N ARG A 144 -7.29 -16.02 -34.25
CA ARG A 144 -7.43 -14.60 -34.07
C ARG A 144 -6.49 -13.84 -35.02
N ILE A 145 -5.26 -14.33 -35.13
CA ILE A 145 -4.31 -13.70 -36.01
C ILE A 145 -4.89 -13.80 -37.40
N ALA A 146 -5.57 -14.90 -37.67
CA ALA A 146 -6.15 -15.09 -38.99
C ALA A 146 -7.19 -14.03 -39.25
N ALA A 147 -8.05 -13.77 -38.27
CA ALA A 147 -9.07 -12.79 -38.49
C ALA A 147 -8.50 -11.37 -38.52
N LEU A 148 -7.49 -11.05 -37.73
CA LEU A 148 -7.00 -9.70 -37.81
C LEU A 148 -6.19 -9.43 -39.09
N ALA A 149 -5.44 -10.42 -39.51
CA ALA A 149 -4.56 -10.21 -40.63
C ALA A 149 -5.39 -10.14 -41.90
N GLY A 150 -6.54 -10.80 -41.89
CA GLY A 150 -7.47 -10.76 -43.02
C GLY A 150 -8.79 -10.07 -42.74
N ARG B 2 18.79 -40.25 -7.83
CA ARG B 2 20.27 -40.14 -8.05
C ARG B 2 21.01 -39.57 -6.84
N SER B 3 21.92 -40.40 -6.33
CA SER B 3 22.80 -40.15 -5.19
C SER B 3 24.04 -39.33 -5.41
N LEU B 4 24.63 -38.97 -4.29
CA LEU B 4 25.90 -38.28 -4.25
C LEU B 4 26.98 -39.15 -4.87
N ALA B 5 26.83 -40.47 -4.78
CA ALA B 5 27.81 -41.36 -5.45
C ALA B 5 27.59 -41.54 -6.96
N ASN B 6 26.36 -41.33 -7.43
CA ASN B 6 25.99 -41.43 -8.86
C ASN B 6 26.30 -40.21 -9.74
N ALA B 7 26.03 -39.03 -9.19
CA ALA B 7 26.13 -37.83 -9.99
C ALA B 7 26.57 -36.71 -9.13
N PRO B 8 27.14 -35.75 -9.79
CA PRO B 8 27.66 -34.58 -9.12
C PRO B 8 26.59 -33.59 -8.64
N ILE B 9 27.03 -32.73 -7.74
CA ILE B 9 26.23 -31.63 -7.24
C ILE B 9 26.51 -30.46 -8.16
N MET B 10 25.44 -29.87 -8.72
CA MET B 10 25.57 -28.66 -9.55
C MET B 10 25.62 -27.44 -8.62
N ILE B 11 26.65 -26.61 -8.75
CA ILE B 11 26.74 -25.41 -7.98
C ILE B 11 26.66 -24.31 -9.05
N LEU B 12 25.63 -23.46 -8.97
CA LEU B 12 25.43 -22.37 -9.94
C LEU B 12 25.60 -20.99 -9.31
N ASN B 13 26.30 -20.10 -10.02
CA ASN B 13 26.60 -18.77 -9.55
C ASN B 13 26.08 -17.77 -10.55
N GLY B 14 25.35 -16.75 -10.05
CA GLY B 14 24.69 -15.72 -10.86
C GLY B 14 25.61 -14.61 -11.30
N PRO B 15 25.03 -13.54 -11.81
CA PRO B 15 25.85 -12.44 -12.33
C PRO B 15 26.73 -11.71 -11.33
N ASN B 16 27.86 -11.27 -11.86
CA ASN B 16 28.78 -10.48 -11.07
C ASN B 16 29.63 -11.32 -10.11
N LEU B 17 29.30 -12.59 -9.87
CA LEU B 17 30.11 -13.36 -8.94
C LEU B 17 31.52 -13.67 -9.54
N ASN B 18 31.70 -13.60 -10.84
CA ASN B 18 33.05 -13.75 -11.36
C ASN B 18 33.99 -12.75 -10.74
N LEU B 19 33.54 -11.57 -10.33
CA LEU B 19 34.44 -10.60 -9.72
C LEU B 19 34.67 -10.83 -8.23
N LEU B 20 34.14 -11.93 -7.73
CA LEU B 20 34.25 -12.19 -6.31
C LEU B 20 35.69 -12.10 -5.81
N GLY B 21 35.88 -11.25 -4.82
CA GLY B 21 37.18 -11.07 -4.20
C GLY B 21 38.17 -10.29 -5.03
N GLN B 22 37.73 -9.58 -6.06
CA GLN B 22 38.68 -8.82 -6.86
C GLN B 22 38.30 -7.37 -6.77
N ARG B 23 37.51 -7.02 -5.77
CA ARG B 23 37.04 -5.66 -5.67
C ARG B 23 37.81 -4.85 -4.66
N GLN B 24 37.30 -4.75 -3.44
CA GLN B 24 37.97 -3.98 -2.40
C GLN B 24 38.34 -4.94 -1.31
N PRO B 25 39.47 -5.60 -1.51
CA PRO B 25 39.99 -6.58 -0.56
C PRO B 25 40.30 -5.79 0.70
N GLU B 26 39.25 -5.62 1.50
CA GLU B 26 39.31 -4.75 2.66
C GLU B 26 37.87 -4.72 3.13
N ILE B 27 37.01 -4.26 2.23
CA ILE B 27 35.60 -4.09 2.52
C ILE B 27 34.94 -5.38 2.12
N TYR B 28 35.42 -5.90 1.01
CA TYR B 28 34.98 -7.19 0.52
C TYR B 28 36.11 -8.15 0.83
N GLY B 29 35.74 -9.41 0.97
CA GLY B 29 36.68 -10.48 1.25
C GLY B 29 37.83 -10.58 0.26
N SER B 30 38.54 -11.70 0.34
CA SER B 30 39.69 -11.96 -0.53
C SER B 30 39.58 -13.30 -1.28
N ASP B 31 38.60 -14.12 -0.88
CA ASP B 31 38.30 -15.39 -1.54
C ASP B 31 37.78 -15.14 -2.97
N THR B 32 38.29 -15.89 -3.92
CA THR B 32 37.77 -15.76 -5.27
C THR B 32 36.81 -16.89 -5.55
N LEU B 33 36.23 -16.86 -6.74
CA LEU B 33 35.28 -17.89 -7.13
C LEU B 33 35.93 -19.27 -7.14
N ALA B 34 37.19 -19.24 -7.50
CA ALA B 34 38.03 -20.40 -7.49
C ALA B 34 38.27 -20.90 -6.06
N ASP B 35 38.44 -19.99 -5.12
CA ASP B 35 38.57 -20.44 -3.75
C ASP B 35 37.28 -21.18 -3.36
N VAL B 36 36.15 -20.63 -3.79
CA VAL B 36 34.88 -21.17 -3.35
C VAL B 36 34.72 -22.57 -3.94
N GLU B 37 35.04 -22.66 -5.23
CA GLU B 37 34.92 -23.94 -5.91
C GLU B 37 35.82 -24.93 -5.19
N ALA B 38 37.04 -24.53 -4.83
CA ALA B 38 37.89 -25.46 -4.08
C ALA B 38 37.23 -25.96 -2.78
N LEU B 39 36.62 -25.02 -2.04
CA LEU B 39 35.90 -25.35 -0.82
C LEU B 39 34.74 -26.33 -1.05
N CYS B 40 33.99 -26.16 -2.13
CA CYS B 40 32.91 -27.08 -2.40
C CYS B 40 33.44 -28.49 -2.75
N VAL B 41 34.51 -28.56 -3.54
CA VAL B 41 35.01 -29.87 -3.94
C VAL B 41 35.44 -30.62 -2.71
N LYS B 42 36.10 -29.90 -1.80
CA LYS B 42 36.57 -30.53 -0.60
C LYS B 42 35.37 -31.02 0.20
N ALA B 43 34.36 -30.20 0.45
CA ALA B 43 33.27 -30.71 1.24
C ALA B 43 32.56 -31.87 0.54
N ALA B 44 32.32 -31.80 -0.76
CA ALA B 44 31.69 -32.94 -1.43
C ALA B 44 32.51 -34.24 -1.31
N ALA B 45 33.83 -34.13 -1.48
CA ALA B 45 34.72 -35.28 -1.41
C ALA B 45 34.61 -35.99 -0.06
N ALA B 46 34.54 -35.21 1.02
CA ALA B 46 34.35 -35.78 2.34
C ALA B 46 33.14 -36.73 2.36
N HIS B 47 32.16 -36.49 1.50
CA HIS B 47 30.98 -37.35 1.42
C HIS B 47 31.06 -38.33 0.26
N GLY B 48 32.22 -38.42 -0.35
CA GLY B 48 32.33 -39.28 -1.50
C GLY B 48 31.53 -38.77 -2.69
N GLY B 49 31.38 -37.46 -2.84
CA GLY B 49 30.63 -36.89 -3.94
C GLY B 49 31.51 -35.97 -4.76
N THR B 50 30.98 -35.46 -5.86
CA THR B 50 31.66 -34.50 -6.67
C THR B 50 30.79 -33.26 -6.94
N VAL B 51 31.40 -32.22 -7.47
CA VAL B 51 30.67 -31.01 -7.82
C VAL B 51 30.93 -30.59 -9.25
N ASP B 52 29.99 -29.86 -9.85
CA ASP B 52 30.09 -29.30 -11.19
C ASP B 52 29.88 -27.79 -11.00
N PHE B 53 30.94 -26.98 -11.04
CA PHE B 53 30.85 -25.62 -10.54
C PHE B 53 30.81 -24.61 -11.67
N ARG B 54 29.76 -23.78 -11.75
CA ARG B 54 29.61 -22.87 -12.90
C ARG B 54 29.09 -21.46 -12.55
N GLN B 55 29.37 -20.52 -13.44
CA GLN B 55 28.97 -19.14 -13.30
C GLN B 55 28.64 -18.48 -14.64
N SER B 56 27.66 -17.59 -14.58
CA SER B 56 27.14 -16.97 -15.77
C SER B 56 26.43 -15.66 -15.46
N ASN B 57 26.65 -14.71 -16.34
CA ASN B 57 25.94 -13.49 -16.24
C ASN B 57 24.53 -13.52 -16.87
N HIS B 58 24.20 -14.60 -17.56
CA HIS B 58 22.93 -14.72 -18.31
C HIS B 58 21.82 -15.56 -17.73
N GLU B 59 20.65 -14.95 -17.63
CA GLU B 59 19.51 -15.55 -17.01
C GLU B 59 19.11 -16.90 -17.68
N GLY B 60 19.00 -16.85 -19.01
CA GLY B 60 18.69 -17.98 -19.88
C GLY B 60 19.69 -19.10 -19.83
N GLU B 61 20.97 -18.77 -19.78
CA GLU B 61 21.97 -19.78 -19.60
C GLU B 61 21.82 -20.43 -18.23
N LEU B 62 21.45 -19.70 -17.19
CA LEU B 62 21.24 -20.32 -15.86
C LEU B 62 20.08 -21.30 -15.93
N VAL B 63 19.06 -20.97 -16.69
CA VAL B 63 17.88 -21.82 -16.82
C VAL B 63 18.28 -23.13 -17.51
N ASP B 64 19.03 -23.03 -18.63
CA ASP B 64 19.51 -24.21 -19.37
C ASP B 64 20.27 -25.14 -18.41
N TRP B 65 21.18 -24.56 -17.60
CA TRP B 65 22.00 -25.36 -16.68
C TRP B 65 21.09 -26.02 -15.65
N ILE B 66 20.00 -25.38 -15.30
CA ILE B 66 19.06 -25.97 -14.33
C ILE B 66 18.32 -27.17 -14.94
N HIS B 67 17.97 -27.06 -16.23
CA HIS B 67 17.38 -28.18 -17.00
C HIS B 67 18.27 -29.42 -17.09
N GLU B 68 19.56 -29.15 -17.25
CA GLU B 68 20.59 -30.17 -17.28
C GLU B 68 20.69 -30.86 -15.94
N ALA B 69 20.76 -30.06 -14.90
CA ALA B 69 20.92 -30.64 -13.59
C ALA B 69 19.76 -31.55 -13.30
N ARG B 70 18.60 -31.15 -13.74
CA ARG B 70 17.39 -31.88 -13.47
C ARG B 70 17.53 -33.34 -13.95
N LEU B 71 18.30 -33.56 -15.01
CA LEU B 71 18.48 -34.90 -15.54
C LEU B 71 19.82 -35.57 -15.16
N ASN B 72 20.83 -34.77 -14.81
CA ASN B 72 22.17 -35.28 -14.66
C ASN B 72 22.87 -35.06 -13.30
N HIS B 73 22.26 -34.33 -12.38
CA HIS B 73 22.92 -34.02 -11.13
C HIS B 73 22.11 -34.48 -9.94
N CYS B 74 22.72 -34.61 -8.77
CA CYS B 74 21.98 -35.03 -7.59
C CYS B 74 21.38 -33.92 -6.72
N GLY B 75 21.65 -32.67 -7.07
CA GLY B 75 21.12 -31.55 -6.35
C GLY B 75 21.69 -30.25 -6.82
N ILE B 76 21.08 -29.19 -6.31
CA ILE B 76 21.57 -27.89 -6.69
C ILE B 76 21.85 -26.99 -5.49
N VAL B 77 23.00 -26.34 -5.55
CA VAL B 77 23.36 -25.28 -4.65
C VAL B 77 23.42 -24.06 -5.55
N ILE B 78 22.65 -23.01 -5.22
CA ILE B 78 22.63 -21.87 -6.14
C ILE B 78 22.69 -20.55 -5.37
N ASN B 79 23.59 -19.71 -5.85
CA ASN B 79 23.68 -18.30 -5.49
C ASN B 79 23.19 -17.52 -6.72
N PRO B 80 21.90 -17.14 -6.75
CA PRO B 80 21.38 -16.45 -7.91
C PRO B 80 21.85 -15.03 -7.99
N ALA B 81 22.48 -14.51 -6.93
CA ALA B 81 22.91 -13.13 -6.93
C ALA B 81 21.64 -12.30 -7.21
N ALA B 82 21.80 -11.32 -8.08
CA ALA B 82 20.80 -10.35 -8.43
C ALA B 82 19.56 -10.86 -9.05
N TYR B 83 19.71 -11.94 -9.81
CA TYR B 83 18.61 -12.68 -10.36
C TYR B 83 17.73 -13.25 -9.28
N SER B 84 18.17 -13.39 -8.02
CA SER B 84 17.26 -13.84 -6.93
C SER B 84 15.99 -13.00 -6.81
N HIS B 85 16.21 -11.72 -7.05
CA HIS B 85 15.22 -10.69 -6.88
C HIS B 85 14.40 -10.39 -8.14
N THR B 86 14.89 -10.79 -9.29
CA THR B 86 14.21 -10.48 -10.51
C THR B 86 13.73 -11.66 -11.27
N SER B 87 14.23 -12.88 -11.04
CA SER B 87 13.98 -13.91 -12.04
C SER B 87 12.96 -14.96 -11.70
N VAL B 88 11.77 -14.72 -12.19
CA VAL B 88 10.70 -15.69 -12.18
C VAL B 88 11.04 -16.91 -13.04
N ALA B 89 11.79 -16.70 -14.11
CA ALA B 89 12.30 -17.73 -15.02
C ALA B 89 13.16 -18.77 -14.32
N ILE B 90 14.12 -18.32 -13.52
CA ILE B 90 14.98 -19.25 -12.78
C ILE B 90 14.11 -19.96 -11.75
N LEU B 91 13.12 -19.31 -11.19
CA LEU B 91 12.22 -20.05 -10.23
C LEU B 91 11.41 -21.12 -10.94
N ASP B 92 10.88 -20.79 -12.11
CA ASP B 92 10.07 -21.78 -12.81
C ASP B 92 10.98 -22.95 -13.30
N ALA B 93 12.24 -22.67 -13.67
CA ALA B 93 13.19 -23.75 -13.99
C ALA B 93 13.33 -24.69 -12.78
N LEU B 94 13.66 -24.13 -11.62
CA LEU B 94 13.81 -24.89 -10.38
C LEU B 94 12.53 -25.66 -10.11
N ASN B 95 11.40 -25.08 -10.50
CA ASN B 95 10.12 -25.75 -10.17
C ASN B 95 9.90 -27.03 -11.00
N THR B 96 10.60 -27.16 -12.10
CA THR B 96 10.52 -28.42 -12.85
C THR B 96 11.36 -29.54 -12.24
N CYS B 97 12.32 -29.19 -11.38
CA CYS B 97 13.15 -30.19 -10.71
C CYS B 97 12.43 -30.98 -9.64
N ASP B 98 11.37 -31.70 -10.01
CA ASP B 98 10.60 -32.34 -8.94
C ASP B 98 11.46 -33.31 -8.17
N GLY B 99 11.35 -33.25 -6.84
CA GLY B 99 12.01 -34.18 -5.94
C GLY B 99 13.48 -33.90 -5.74
N LEU B 100 14.01 -32.96 -6.50
CA LEU B 100 15.41 -32.58 -6.37
C LEU B 100 15.68 -31.59 -5.23
N PRO B 101 16.75 -31.82 -4.49
CA PRO B 101 17.18 -30.89 -3.44
C PRO B 101 17.85 -29.63 -3.96
N VAL B 102 17.51 -28.51 -3.34
CA VAL B 102 18.02 -27.22 -3.79
C VAL B 102 18.22 -26.35 -2.59
N VAL B 103 19.40 -25.73 -2.53
CA VAL B 103 19.72 -24.83 -1.43
C VAL B 103 20.29 -23.59 -2.03
N GLU B 104 19.74 -22.48 -1.58
CA GLU B 104 20.07 -21.13 -2.05
C GLU B 104 21.04 -20.56 -1.06
N VAL B 105 22.08 -19.93 -1.55
CA VAL B 105 23.08 -19.34 -0.74
C VAL B 105 23.33 -17.88 -1.19
N HIS B 106 23.31 -16.96 -0.21
CA HIS B 106 23.79 -15.56 -0.39
C HIS B 106 24.99 -15.34 0.50
N ILE B 107 26.05 -14.75 -0.04
CA ILE B 107 27.27 -14.54 0.74
C ILE B 107 27.04 -13.52 1.91
N SER B 108 26.41 -12.38 1.58
CA SER B 108 26.08 -11.30 2.48
C SER B 108 24.70 -11.54 3.02
N ASN B 109 24.40 -10.93 4.15
CA ASN B 109 23.05 -11.07 4.71
C ASN B 109 22.10 -10.14 3.99
N ILE B 110 21.37 -10.67 3.02
CA ILE B 110 20.51 -9.80 2.21
C ILE B 110 19.48 -9.01 3.00
N HIS B 111 19.14 -9.48 4.18
CA HIS B 111 18.17 -8.79 5.01
C HIS B 111 18.68 -7.50 5.67
N GLN B 112 19.97 -7.22 5.55
CA GLN B 112 20.52 -5.97 6.08
C GLN B 112 20.72 -4.99 4.95
N ARG B 113 20.48 -5.38 3.70
CA ARG B 113 20.73 -4.41 2.63
C ARG B 113 19.38 -3.80 2.16
N GLU B 114 19.36 -3.14 1.01
CA GLU B 114 18.17 -2.47 0.51
C GLU B 114 16.92 -3.36 0.51
N PRO B 115 15.78 -2.78 0.86
CA PRO B 115 14.51 -3.49 0.79
C PRO B 115 14.24 -4.28 -0.48
N PHE B 116 14.76 -3.87 -1.63
CA PHE B 116 14.51 -4.69 -2.81
C PHE B 116 15.29 -5.97 -2.87
N ARG B 117 16.31 -6.09 -2.02
CA ARG B 117 17.01 -7.37 -1.89
C ARG B 117 16.37 -8.25 -0.84
N HIS B 118 15.36 -7.79 -0.14
CA HIS B 118 14.84 -8.65 0.91
C HIS B 118 14.01 -9.84 0.36
N HIS B 119 13.50 -9.73 -0.86
CA HIS B 119 12.66 -10.75 -1.48
C HIS B 119 13.46 -11.54 -2.56
N SER B 120 13.39 -12.86 -2.50
CA SER B 120 13.94 -13.79 -3.47
C SER B 120 12.88 -14.73 -3.95
N TYR B 121 12.70 -14.76 -5.26
CA TYR B 121 11.83 -15.65 -6.01
C TYR B 121 12.34 -17.09 -5.82
N VAL B 122 13.68 -17.28 -5.74
CA VAL B 122 14.27 -18.63 -5.58
C VAL B 122 13.87 -19.25 -4.23
N SER B 123 13.68 -18.41 -3.21
CA SER B 123 13.42 -18.93 -1.89
C SER B 123 12.10 -19.62 -1.80
N GLN B 124 11.19 -19.49 -2.76
CA GLN B 124 9.95 -20.25 -2.61
C GLN B 124 9.99 -21.65 -3.13
N ARG B 125 11.04 -21.95 -3.85
CA ARG B 125 11.26 -23.32 -4.33
C ARG B 125 12.37 -23.95 -3.51
N ALA B 126 13.31 -23.14 -3.06
CA ALA B 126 14.48 -23.69 -2.37
C ALA B 126 14.12 -24.46 -1.10
N ASP B 127 14.67 -25.64 -0.90
CA ASP B 127 14.42 -26.37 0.33
C ASP B 127 14.95 -25.63 1.54
N GLY B 128 16.14 -25.07 1.39
CA GLY B 128 16.81 -24.30 2.38
C GLY B 128 17.47 -23.07 1.76
N VAL B 129 17.68 -22.09 2.62
CA VAL B 129 18.23 -20.81 2.23
C VAL B 129 19.26 -20.44 3.24
N VAL B 130 20.46 -20.11 2.78
CA VAL B 130 21.54 -19.76 3.69
C VAL B 130 22.07 -18.39 3.27
N ALA B 131 22.04 -17.46 4.21
CA ALA B 131 22.44 -16.10 3.90
C ALA B 131 23.36 -15.44 4.94
N GLY B 132 24.35 -14.70 4.49
CA GLY B 132 25.27 -14.06 5.40
C GLY B 132 26.21 -14.94 6.24
N CYS B 133 26.56 -16.11 5.73
CA CYS B 133 27.50 -16.99 6.37
C CYS B 133 28.77 -17.02 5.57
N GLY B 134 29.04 -15.99 4.78
CA GLY B 134 30.22 -15.95 3.93
C GLY B 134 30.25 -17.04 2.89
N VAL B 135 31.44 -17.24 2.35
CA VAL B 135 31.72 -18.27 1.40
C VAL B 135 31.54 -19.60 2.13
N GLN B 136 31.47 -19.60 3.46
CA GLN B 136 31.25 -20.82 4.20
C GLN B 136 29.85 -21.33 3.93
N GLY B 137 28.96 -20.41 3.58
CA GLY B 137 27.60 -20.78 3.28
C GLY B 137 27.57 -21.77 2.15
N TYR B 138 28.50 -21.71 1.17
CA TYR B 138 28.53 -22.78 0.18
C TYR B 138 28.86 -24.17 0.70
N VAL B 139 29.64 -24.26 1.78
CA VAL B 139 29.96 -25.55 2.37
C VAL B 139 28.74 -26.17 3.05
N PHE B 140 27.95 -25.30 3.66
CA PHE B 140 26.75 -25.69 4.34
C PHE B 140 25.78 -26.18 3.32
N GLY B 141 25.73 -25.49 2.19
CA GLY B 141 24.93 -25.95 1.06
C GLY B 141 25.22 -27.37 0.60
N VAL B 142 26.48 -27.63 0.33
CA VAL B 142 26.93 -28.99 -0.01
C VAL B 142 26.60 -29.99 1.09
N GLU B 143 26.77 -29.66 2.35
CA GLU B 143 26.41 -30.65 3.38
C GLU B 143 24.92 -30.89 3.46
N ARG B 144 24.14 -29.86 3.17
CA ARG B 144 22.70 -30.05 3.19
C ARG B 144 22.29 -30.99 2.03
N ILE B 145 22.86 -30.76 0.86
CA ILE B 145 22.55 -31.58 -0.28
C ILE B 145 22.93 -33.02 0.03
N ALA B 146 24.09 -33.19 0.66
CA ALA B 146 24.60 -34.49 1.01
C ALA B 146 23.59 -35.22 1.87
N ALA B 147 23.07 -34.55 2.86
CA ALA B 147 22.10 -35.13 3.76
C ALA B 147 20.75 -35.36 3.08
N LEU B 148 20.40 -34.56 2.08
CA LEU B 148 19.08 -34.75 1.51
C LEU B 148 19.18 -35.83 0.44
N ALA B 149 20.34 -35.90 -0.20
CA ALA B 149 20.53 -36.85 -1.28
C ALA B 149 20.72 -38.26 -0.75
N GLY B 150 21.12 -38.41 0.52
CA GLY B 150 21.27 -39.70 1.17
C GLY B 150 20.31 -39.96 2.33
N ARG C 2 42.15 6.38 -14.71
CA ARG C 2 42.08 6.47 -16.21
C ARG C 2 41.44 7.79 -16.69
N SER C 3 42.18 8.60 -17.45
CA SER C 3 41.68 9.80 -18.10
C SER C 3 41.06 9.65 -19.50
N LEU C 4 40.50 10.77 -19.96
CA LEU C 4 39.93 10.89 -21.28
C LEU C 4 40.96 10.64 -22.34
N ALA C 5 42.15 11.19 -22.12
CA ALA C 5 43.25 11.07 -23.09
C ALA C 5 43.83 9.64 -23.15
N ASN C 6 43.82 8.99 -22.00
CA ASN C 6 44.30 7.63 -21.78
C ASN C 6 43.33 6.59 -22.29
N ALA C 7 42.05 6.76 -21.95
CA ALA C 7 41.10 5.75 -22.37
C ALA C 7 39.79 6.32 -22.88
N PRO C 8 39.10 5.49 -23.65
CA PRO C 8 37.83 5.92 -24.23
C PRO C 8 36.70 5.88 -23.22
N ILE C 9 35.65 6.57 -23.61
CA ILE C 9 34.44 6.59 -22.86
C ILE C 9 33.55 5.45 -23.32
N MET C 10 33.01 4.66 -22.40
CA MET C 10 32.15 3.58 -22.84
C MET C 10 30.74 4.12 -22.97
N ILE C 11 30.16 3.92 -24.14
CA ILE C 11 28.74 4.28 -24.30
C ILE C 11 27.90 3.07 -24.53
N LEU C 12 27.03 2.74 -23.59
CA LEU C 12 26.22 1.57 -23.72
C LEU C 12 24.77 1.85 -23.94
N ASN C 13 24.19 1.13 -24.90
CA ASN C 13 22.78 1.22 -25.21
C ASN C 13 22.06 -0.12 -25.05
N GLY C 14 20.94 -0.11 -24.35
CA GLY C 14 20.11 -1.25 -24.00
C GLY C 14 19.19 -1.70 -25.12
N PRO C 15 18.22 -2.54 -24.78
CA PRO C 15 17.37 -3.20 -25.78
C PRO C 15 16.46 -2.31 -26.63
N ASN C 16 16.25 -2.71 -27.88
CA ASN C 16 15.36 -2.01 -28.82
C ASN C 16 15.97 -0.75 -29.35
N LEU C 17 17.05 -0.28 -28.74
CA LEU C 17 17.62 0.97 -29.29
C LEU C 17 18.24 0.79 -30.69
N ASN C 18 18.58 -0.43 -31.09
CA ASN C 18 18.95 -0.70 -32.49
C ASN C 18 17.94 -0.15 -33.51
N LEU C 19 16.67 -0.07 -33.12
CA LEU C 19 15.63 0.42 -34.01
C LEU C 19 15.38 1.93 -33.96
N LEU C 20 16.25 2.68 -33.28
CA LEU C 20 16.06 4.12 -33.18
C LEU C 20 15.99 4.83 -34.53
N GLY C 21 14.98 5.68 -34.66
CA GLY C 21 14.73 6.42 -35.88
C GLY C 21 14.23 5.59 -37.07
N GLN C 22 13.83 4.34 -36.84
CA GLN C 22 13.35 3.49 -37.94
C GLN C 22 11.89 3.11 -37.74
N ARG C 23 11.22 3.77 -36.80
CA ARG C 23 9.84 3.45 -36.48
C ARG C 23 8.91 4.39 -37.22
N GLN C 24 8.39 5.38 -36.51
CA GLN C 24 7.47 6.32 -37.13
C GLN C 24 8.13 7.71 -37.21
N PRO C 25 8.92 7.92 -38.26
CA PRO C 25 9.59 9.20 -38.52
C PRO C 25 8.54 10.29 -38.69
N GLU C 26 8.04 10.72 -37.54
CA GLU C 26 6.89 11.60 -37.45
C GLU C 26 6.56 11.71 -35.96
N ILE C 27 6.42 10.56 -35.30
CA ILE C 27 6.09 10.50 -33.88
C ILE C 27 7.35 10.30 -33.07
N TYR C 28 8.26 9.53 -33.65
CA TYR C 28 9.57 9.35 -33.09
C TYR C 28 10.52 10.11 -33.98
N GLY C 29 11.70 10.39 -33.46
CA GLY C 29 12.68 11.13 -34.24
C GLY C 29 13.05 10.45 -35.55
N SER C 30 14.11 10.99 -36.14
CA SER C 30 14.66 10.53 -37.41
C SER C 30 16.11 10.06 -37.23
N ASP C 31 16.74 10.53 -36.16
CA ASP C 31 18.11 10.14 -35.84
C ASP C 31 18.21 8.64 -35.56
N THR C 32 19.30 8.05 -35.99
CA THR C 32 19.53 6.63 -35.78
C THR C 32 20.63 6.45 -34.77
N LEU C 33 20.76 5.22 -34.30
CA LEU C 33 21.85 4.91 -33.39
C LEU C 33 23.18 5.36 -34.01
N ALA C 34 23.29 5.35 -35.34
CA ALA C 34 24.57 5.80 -35.96
C ALA C 34 24.74 7.32 -35.84
N ASP C 35 23.64 8.04 -36.00
CA ASP C 35 23.65 9.48 -35.83
C ASP C 35 24.07 9.72 -34.37
N VAL C 36 23.43 9.03 -33.41
CA VAL C 36 23.81 9.23 -32.02
C VAL C 36 25.30 9.00 -31.75
N GLU C 37 25.85 7.91 -32.28
CA GLU C 37 27.29 7.63 -32.07
C GLU C 37 28.20 8.74 -32.60
N ALA C 38 27.80 9.29 -33.74
CA ALA C 38 28.59 10.34 -34.32
C ALA C 38 28.50 11.55 -33.41
N LEU C 39 27.34 11.72 -32.76
CA LEU C 39 27.18 12.88 -31.88
C LEU C 39 28.21 12.75 -30.75
N CYS C 40 28.32 11.52 -30.22
CA CYS C 40 29.32 11.24 -29.19
C CYS C 40 30.80 11.45 -29.59
N VAL C 41 31.15 11.03 -30.79
CA VAL C 41 32.55 11.02 -31.24
C VAL C 41 32.97 12.48 -31.29
N LYS C 42 32.20 13.27 -32.01
CA LYS C 42 32.31 14.69 -31.99
C LYS C 42 32.50 15.29 -30.60
N ALA C 43 31.50 15.10 -29.77
CA ALA C 43 31.54 15.65 -28.41
C ALA C 43 32.79 15.23 -27.70
N ALA C 44 33.14 13.96 -27.79
CA ALA C 44 34.30 13.51 -27.04
C ALA C 44 35.53 14.13 -27.67
N ALA C 45 35.54 14.25 -28.99
CA ALA C 45 36.75 14.75 -29.68
C ALA C 45 37.15 16.13 -29.22
N ALA C 46 36.12 16.94 -29.03
CA ALA C 46 36.35 18.33 -28.66
C ALA C 46 37.21 18.36 -27.40
N HIS C 47 37.04 17.38 -26.52
CA HIS C 47 37.79 17.39 -25.27
C HIS C 47 39.03 16.54 -25.32
N GLY C 48 39.47 16.22 -26.54
CA GLY C 48 40.58 15.31 -26.78
C GLY C 48 40.33 13.86 -26.37
N GLY C 49 39.06 13.45 -26.32
CA GLY C 49 38.74 12.10 -25.92
C GLY C 49 38.09 11.25 -27.00
N THR C 50 37.93 9.96 -26.72
CA THR C 50 37.40 9.01 -27.68
C THR C 50 36.29 8.22 -27.01
N VAL C 51 35.42 7.65 -27.83
CA VAL C 51 34.36 6.77 -27.33
C VAL C 51 34.39 5.38 -27.89
N ASP C 52 33.60 4.51 -27.25
CA ASP C 52 33.48 3.13 -27.57
C ASP C 52 31.98 2.79 -27.42
N PHE C 53 31.31 2.80 -28.55
CA PHE C 53 29.88 2.84 -28.60
C PHE C 53 29.30 1.46 -28.92
N ARG C 54 28.44 0.93 -28.06
CA ARG C 54 27.86 -0.39 -28.29
C ARG C 54 26.37 -0.45 -27.89
N GLN C 55 25.66 -1.45 -28.41
CA GLN C 55 24.25 -1.65 -28.20
C GLN C 55 24.02 -3.14 -28.13
N SER C 56 23.16 -3.57 -27.20
CA SER C 56 22.77 -4.97 -27.05
C SER C 56 21.36 -5.16 -26.50
N ASN C 57 20.69 -6.23 -26.89
CA ASN C 57 19.38 -6.50 -26.31
C ASN C 57 19.51 -7.47 -25.15
N HIS C 58 20.72 -7.83 -24.77
CA HIS C 58 20.87 -8.86 -23.76
C HIS C 58 21.46 -8.35 -22.46
N GLU C 59 20.71 -8.58 -21.39
CA GLU C 59 21.05 -8.18 -20.04
C GLU C 59 22.51 -8.52 -19.65
N GLY C 60 22.85 -9.81 -19.79
CA GLY C 60 24.15 -10.37 -19.46
C GLY C 60 25.32 -9.84 -20.27
N GLU C 61 25.08 -9.47 -21.51
CA GLU C 61 26.13 -8.97 -22.36
C GLU C 61 26.58 -7.54 -21.94
N LEU C 62 25.59 -6.73 -21.56
CA LEU C 62 25.76 -5.41 -21.00
C LEU C 62 26.55 -5.54 -19.67
N VAL C 63 26.23 -6.57 -18.86
CA VAL C 63 26.97 -6.82 -17.64
C VAL C 63 28.45 -7.01 -18.00
N ASP C 64 28.69 -7.86 -19.00
CA ASP C 64 30.05 -8.10 -19.46
C ASP C 64 30.77 -6.83 -19.88
N TRP C 65 30.11 -5.94 -20.62
CA TRP C 65 30.72 -4.68 -21.07
C TRP C 65 31.02 -3.71 -19.97
N ILE C 66 30.22 -3.80 -18.94
CA ILE C 66 30.42 -2.95 -17.78
C ILE C 66 31.67 -3.39 -17.05
N HIS C 67 31.92 -4.69 -17.00
CA HIS C 67 33.15 -5.19 -16.37
C HIS C 67 34.38 -4.76 -17.20
N GLU C 68 34.22 -4.74 -18.51
CA GLU C 68 35.34 -4.36 -19.38
C GLU C 68 35.65 -2.89 -19.13
N ALA C 69 34.57 -2.10 -19.10
CA ALA C 69 34.67 -0.65 -18.88
C ALA C 69 35.42 -0.42 -17.62
N ARG C 70 35.08 -1.27 -16.69
CA ARG C 70 35.58 -1.15 -15.35
C ARG C 70 37.06 -1.13 -15.33
N LEU C 71 37.69 -1.93 -16.17
CA LEU C 71 39.16 -2.04 -16.15
C LEU C 71 39.81 -1.27 -17.26
N ASN C 72 39.04 -0.95 -18.29
CA ASN C 72 39.63 -0.37 -19.50
C ASN C 72 39.06 0.94 -20.06
N HIS C 73 38.12 1.59 -19.35
CA HIS C 73 37.47 2.80 -19.84
C HIS C 73 37.48 3.97 -18.80
N CYS C 74 37.38 5.22 -19.26
CA CYS C 74 37.42 6.34 -18.29
C CYS C 74 36.09 6.75 -17.69
N GLY C 75 34.99 6.17 -18.18
CA GLY C 75 33.67 6.39 -17.63
C GLY C 75 32.62 5.70 -18.47
N ILE C 76 31.39 5.70 -17.96
CA ILE C 76 30.27 5.14 -18.70
C ILE C 76 29.06 6.05 -18.84
N VAL C 77 28.65 6.21 -20.10
CA VAL C 77 27.42 6.84 -20.47
C VAL C 77 26.49 5.69 -20.82
N ILE C 78 25.40 5.47 -20.07
CA ILE C 78 24.55 4.35 -20.36
C ILE C 78 23.06 4.69 -20.49
N ASN C 79 22.41 4.13 -21.50
CA ASN C 79 20.95 4.22 -21.68
C ASN C 79 20.51 2.79 -21.59
N PRO C 80 20.04 2.37 -20.42
CA PRO C 80 19.72 0.98 -20.17
C PRO C 80 18.40 0.63 -20.82
N ALA C 81 17.76 1.67 -21.35
CA ALA C 81 16.46 1.47 -21.97
C ALA C 81 15.57 0.64 -21.05
N ALA C 82 14.97 -0.45 -21.48
CA ALA C 82 13.95 -1.11 -20.61
C ALA C 82 14.57 -1.82 -19.44
N TYR C 83 15.88 -2.06 -19.54
CA TYR C 83 16.51 -2.75 -18.41
C TYR C 83 16.70 -1.75 -17.27
N SER C 84 16.55 -0.46 -17.54
CA SER C 84 16.55 0.51 -16.47
C SER C 84 15.56 0.13 -15.36
N HIS C 85 14.38 -0.36 -15.74
CA HIS C 85 13.33 -0.59 -14.75
C HIS C 85 13.32 -2.00 -14.17
N THR C 86 14.15 -2.90 -14.70
CA THR C 86 14.11 -4.29 -14.20
C THR C 86 15.43 -4.91 -13.78
N SER C 87 16.57 -4.36 -14.16
CA SER C 87 17.80 -5.09 -14.00
C SER C 87 18.60 -4.70 -12.76
N VAL C 88 18.39 -5.42 -11.68
CA VAL C 88 19.30 -5.37 -10.59
C VAL C 88 20.69 -5.84 -10.97
N ALA C 89 20.76 -6.80 -11.89
CA ALA C 89 22.04 -7.21 -12.41
C ALA C 89 22.88 -6.08 -12.96
N ILE C 90 22.35 -5.30 -13.88
CA ILE C 90 23.05 -4.12 -14.37
C ILE C 90 23.47 -3.17 -13.23
N LEU C 91 22.60 -3.01 -12.25
CA LEU C 91 22.91 -2.09 -11.16
C LEU C 91 24.09 -2.68 -10.40
N ASP C 92 24.06 -3.98 -10.12
CA ASP C 92 25.17 -4.55 -9.36
C ASP C 92 26.45 -4.44 -10.20
N ALA C 93 26.38 -4.62 -11.50
CA ALA C 93 27.64 -4.55 -12.23
C ALA C 93 28.19 -3.14 -12.10
N LEU C 94 27.36 -2.13 -12.27
CA LEU C 94 27.92 -0.79 -12.10
C LEU C 94 28.41 -0.54 -10.67
N ASN C 95 27.86 -1.22 -9.64
CA ASN C 95 28.34 -1.01 -8.28
C ASN C 95 29.81 -1.45 -8.07
N THR C 96 30.28 -2.38 -8.91
CA THR C 96 31.65 -2.87 -8.85
C THR C 96 32.64 -1.85 -9.51
N CYS C 97 32.13 -0.85 -10.21
CA CYS C 97 33.02 0.10 -10.87
C CYS C 97 33.34 1.23 -9.90
N ASP C 98 33.88 0.86 -8.73
CA ASP C 98 34.24 1.83 -7.71
C ASP C 98 35.10 2.93 -8.30
N GLY C 99 34.65 4.18 -8.10
CA GLY C 99 35.35 5.37 -8.56
C GLY C 99 35.10 5.84 -9.98
N LEU C 100 34.31 5.07 -10.73
CA LEU C 100 34.14 5.39 -12.13
C LEU C 100 32.94 6.26 -12.39
N PRO C 101 33.15 7.31 -13.15
CA PRO C 101 32.02 8.19 -13.49
C PRO C 101 31.00 7.49 -14.40
N VAL C 102 29.74 7.50 -13.96
CA VAL C 102 28.62 6.97 -14.69
C VAL C 102 27.51 8.01 -14.88
N VAL C 103 27.10 8.26 -16.12
CA VAL C 103 25.91 9.06 -16.42
C VAL C 103 24.87 8.22 -17.19
N GLU C 104 23.64 8.27 -16.72
CA GLU C 104 22.48 7.54 -17.23
C GLU C 104 21.68 8.48 -18.12
N VAL C 105 21.30 8.00 -19.28
CA VAL C 105 20.60 8.89 -20.16
C VAL C 105 19.35 8.29 -20.74
N HIS C 106 18.28 9.05 -20.79
CA HIS C 106 17.05 8.58 -21.41
C HIS C 106 16.59 9.63 -22.42
N ILE C 107 16.18 9.14 -23.59
CA ILE C 107 15.88 10.04 -24.70
C ILE C 107 14.60 10.80 -24.39
N SER C 108 13.59 10.06 -23.96
CA SER C 108 12.31 10.55 -23.53
C SER C 108 12.20 10.80 -21.99
N ASN C 109 11.21 11.59 -21.60
CA ASN C 109 10.92 11.91 -20.22
C ASN C 109 10.13 10.79 -19.64
N ILE C 110 10.87 9.84 -19.12
CA ILE C 110 10.22 8.69 -18.48
C ILE C 110 9.21 9.06 -17.40
N HIS C 111 9.39 10.24 -16.82
CA HIS C 111 8.51 10.68 -15.74
C HIS C 111 7.12 11.01 -16.25
N GLN C 112 6.93 11.10 -17.55
CA GLN C 112 5.63 11.40 -18.15
C GLN C 112 5.01 10.12 -18.68
N ARG C 113 5.74 9.02 -18.58
CA ARG C 113 5.20 7.78 -19.11
C ARG C 113 4.50 6.95 -18.05
N GLU C 114 4.16 5.71 -18.37
CA GLU C 114 3.61 4.79 -17.37
C GLU C 114 4.41 4.83 -16.06
N PRO C 115 3.70 4.64 -14.96
CA PRO C 115 4.29 4.52 -13.64
C PRO C 115 5.40 3.48 -13.46
N PHE C 116 5.38 2.34 -14.14
CA PHE C 116 6.47 1.37 -13.99
C PHE C 116 7.78 1.94 -14.57
N ARG C 117 7.72 2.90 -15.46
CA ARG C 117 8.99 3.50 -15.94
C ARG C 117 9.58 4.63 -15.03
N HIS C 118 8.87 5.01 -13.98
CA HIS C 118 9.31 6.14 -13.19
C HIS C 118 10.53 5.77 -12.34
N HIS C 119 10.64 4.47 -12.02
CA HIS C 119 11.75 3.94 -11.25
C HIS C 119 12.82 3.24 -12.10
N SER C 120 14.07 3.57 -11.81
CA SER C 120 15.26 3.04 -12.48
C SER C 120 16.29 2.56 -11.45
N TYR C 121 16.58 1.26 -11.46
CA TYR C 121 17.62 0.69 -10.64
C TYR C 121 18.93 1.36 -10.97
N VAL C 122 19.12 1.82 -12.19
CA VAL C 122 20.45 2.40 -12.57
C VAL C 122 20.66 3.73 -11.86
N SER C 123 19.57 4.46 -11.65
CA SER C 123 19.65 5.79 -11.08
C SER C 123 20.17 5.79 -9.62
N GLN C 124 20.15 4.69 -8.88
CA GLN C 124 20.81 4.78 -7.59
C GLN C 124 22.36 4.73 -7.65
N ARG C 125 22.95 4.40 -8.79
CA ARG C 125 24.40 4.32 -8.88
C ARG C 125 24.90 5.44 -9.74
N ALA C 126 24.10 5.81 -10.73
CA ALA C 126 24.52 6.89 -11.61
C ALA C 126 24.82 8.20 -10.87
N ASP C 127 25.93 8.82 -11.25
CA ASP C 127 26.32 10.09 -10.66
C ASP C 127 25.29 11.11 -11.14
N GLY C 128 25.02 11.15 -12.45
CA GLY C 128 23.96 11.97 -13.03
C GLY C 128 22.99 11.18 -13.89
N VAL C 129 21.77 11.69 -14.09
CA VAL C 129 20.72 11.06 -14.85
C VAL C 129 20.14 12.15 -15.72
N VAL C 130 20.14 11.95 -17.03
CA VAL C 130 19.64 12.95 -17.95
C VAL C 130 18.44 12.38 -18.69
N ALA C 131 17.25 12.97 -18.59
CA ALA C 131 16.04 12.39 -19.17
C ALA C 131 15.20 13.38 -19.97
N GLY C 132 14.79 12.99 -21.16
CA GLY C 132 13.94 13.81 -21.99
C GLY C 132 14.64 14.94 -22.70
N CYS C 133 15.94 14.86 -22.82
CA CYS C 133 16.66 15.85 -23.61
C CYS C 133 16.95 15.42 -25.05
N GLY C 134 16.16 14.48 -25.56
CA GLY C 134 16.37 13.90 -26.88
C GLY C 134 17.75 13.25 -26.95
N VAL C 135 18.26 13.09 -28.17
CA VAL C 135 19.59 12.53 -28.42
C VAL C 135 20.62 13.50 -27.93
N GLN C 136 20.26 14.76 -27.79
CA GLN C 136 21.19 15.69 -27.17
C GLN C 136 21.58 15.25 -25.77
N GLY C 137 20.74 14.48 -25.06
CA GLY C 137 21.19 14.03 -23.77
C GLY C 137 22.52 13.26 -23.87
N TYR C 138 22.85 12.70 -25.03
CA TYR C 138 24.04 11.87 -25.02
C TYR C 138 25.24 12.76 -25.04
N VAL C 139 25.09 13.93 -25.63
CA VAL C 139 26.19 14.86 -25.67
C VAL C 139 26.39 15.40 -24.27
N PHE C 140 25.28 15.72 -23.63
CA PHE C 140 25.35 16.18 -22.26
C PHE C 140 26.06 15.10 -21.48
N GLY C 141 25.82 13.83 -21.81
CA GLY C 141 26.39 12.74 -21.02
C GLY C 141 27.86 12.72 -21.28
N VAL C 142 28.23 12.88 -22.53
CA VAL C 142 29.65 12.91 -22.85
C VAL C 142 30.37 14.03 -22.11
N GLU C 143 29.82 15.24 -22.17
CA GLU C 143 30.44 16.39 -21.50
C GLU C 143 30.59 16.22 -20.00
N ARG C 144 29.62 15.55 -19.38
CA ARG C 144 29.66 15.41 -17.93
C ARG C 144 30.80 14.49 -17.56
N ILE C 145 30.95 13.38 -18.27
CA ILE C 145 32.11 12.50 -18.11
C ILE C 145 33.40 13.29 -18.31
N ALA C 146 33.42 14.15 -19.31
CA ALA C 146 34.64 14.88 -19.59
C ALA C 146 35.03 15.66 -18.36
N ALA C 147 34.05 16.36 -17.79
CA ALA C 147 34.29 17.17 -16.60
C ALA C 147 34.69 16.34 -15.41
N LEU C 148 34.06 15.20 -15.22
CA LEU C 148 34.34 14.38 -14.06
C LEU C 148 35.63 13.65 -14.18
N ALA C 149 35.95 13.29 -15.42
CA ALA C 149 37.07 12.43 -15.62
C ALA C 149 38.35 13.20 -15.46
N GLY C 150 38.26 14.54 -15.60
CA GLY C 150 39.42 15.42 -15.53
C GLY C 150 39.37 16.52 -14.47
N ARG D 2 -23.05 -34.07 -17.43
CA ARG D 2 -23.83 -33.67 -18.64
C ARG D 2 -22.99 -33.30 -19.88
N SER D 3 -23.18 -34.02 -20.99
CA SER D 3 -22.48 -33.77 -22.25
C SER D 3 -23.07 -32.71 -23.22
N LEU D 4 -22.27 -32.36 -24.22
CA LEU D 4 -22.72 -31.42 -25.25
C LEU D 4 -23.89 -31.94 -26.04
N ALA D 5 -24.02 -33.24 -26.15
CA ALA D 5 -25.16 -33.73 -26.92
C ALA D 5 -26.35 -33.91 -26.02
N ASN D 6 -26.07 -33.98 -24.73
CA ASN D 6 -27.11 -34.10 -23.72
C ASN D 6 -27.83 -32.81 -23.40
N ALA D 7 -27.06 -31.75 -23.24
CA ALA D 7 -27.57 -30.48 -22.74
C ALA D 7 -26.93 -29.26 -23.36
N PRO D 8 -27.65 -28.15 -23.35
CA PRO D 8 -27.11 -26.92 -23.95
C PRO D 8 -25.97 -26.31 -23.19
N ILE D 9 -25.24 -25.47 -23.89
CA ILE D 9 -24.26 -24.63 -23.27
C ILE D 9 -24.97 -23.33 -22.81
N MET D 10 -24.90 -22.92 -21.53
CA MET D 10 -25.39 -21.58 -21.08
C MET D 10 -24.40 -20.49 -21.49
N ILE D 11 -24.87 -19.49 -22.25
CA ILE D 11 -24.04 -18.34 -22.59
C ILE D 11 -24.64 -17.17 -21.82
N LEU D 12 -23.98 -16.66 -20.78
CA LEU D 12 -24.59 -15.63 -19.93
C LEU D 12 -23.86 -14.36 -20.15
N ASN D 13 -24.63 -13.29 -20.25
CA ASN D 13 -24.19 -11.94 -20.54
C ASN D 13 -24.68 -10.95 -19.51
N GLY D 14 -23.71 -10.24 -18.89
CA GLY D 14 -23.91 -9.21 -17.90
C GLY D 14 -24.56 -7.92 -18.36
N PRO D 15 -24.46 -6.91 -17.50
CA PRO D 15 -25.10 -5.62 -17.66
C PRO D 15 -24.61 -4.78 -18.78
N ASN D 16 -25.50 -4.02 -19.39
CA ASN D 16 -25.10 -3.12 -20.48
C ASN D 16 -24.84 -3.80 -21.81
N LEU D 17 -24.66 -5.11 -21.83
CA LEU D 17 -24.40 -5.82 -23.07
C LEU D 17 -25.57 -5.86 -24.08
N ASN D 18 -26.78 -5.58 -23.60
CA ASN D 18 -27.98 -5.45 -24.39
C ASN D 18 -27.81 -4.32 -25.39
N LEU D 19 -26.84 -3.44 -25.17
CA LEU D 19 -26.63 -2.29 -26.03
C LEU D 19 -25.45 -2.51 -26.90
N LEU D 20 -24.90 -3.71 -26.86
CA LEU D 20 -23.79 -4.06 -27.74
C LEU D 20 -24.00 -3.65 -29.18
N GLY D 21 -23.04 -2.91 -29.69
CA GLY D 21 -23.05 -2.42 -31.06
C GLY D 21 -24.06 -1.35 -31.44
N GLN D 22 -24.70 -0.70 -30.47
CA GLN D 22 -25.73 0.28 -30.75
C GLN D 22 -25.30 1.64 -30.28
N ARG D 23 -24.00 1.78 -30.06
CA ARG D 23 -23.44 3.01 -29.52
C ARG D 23 -22.82 3.87 -30.61
N GLN D 24 -21.51 3.71 -30.79
CA GLN D 24 -20.78 4.44 -31.80
C GLN D 24 -20.17 3.43 -32.78
N PRO D 25 -20.92 3.11 -33.84
CA PRO D 25 -20.46 2.23 -34.92
C PRO D 25 -19.30 2.92 -35.66
N GLU D 26 -18.11 2.77 -35.11
CA GLU D 26 -16.92 3.48 -35.56
C GLU D 26 -15.79 3.21 -34.55
N ILE D 27 -16.08 3.42 -33.27
CA ILE D 27 -15.13 3.23 -32.17
C ILE D 27 -15.38 1.87 -31.53
N TYR D 28 -16.67 1.56 -31.43
CA TYR D 28 -17.14 0.29 -30.96
C TYR D 28 -17.57 -0.51 -32.18
N GLY D 29 -17.68 -1.82 -32.05
CA GLY D 29 -18.04 -2.65 -33.18
C GLY D 29 -19.43 -2.33 -33.71
N SER D 30 -19.91 -3.24 -34.55
CA SER D 30 -21.20 -3.08 -35.16
C SER D 30 -22.03 -4.34 -34.91
N ASP D 31 -21.40 -5.36 -34.35
CA ASP D 31 -22.07 -6.59 -34.01
C ASP D 31 -23.01 -6.31 -32.84
N THR D 32 -24.15 -6.97 -32.83
CA THR D 32 -25.08 -6.85 -31.71
C THR D 32 -25.10 -8.10 -30.89
N LEU D 33 -25.76 -8.03 -29.75
CA LEU D 33 -25.93 -9.20 -28.92
C LEU D 33 -26.58 -10.26 -29.82
N ALA D 34 -27.35 -9.85 -30.83
CA ALA D 34 -27.99 -10.84 -31.69
C ALA D 34 -26.97 -11.51 -32.59
N ASP D 35 -26.02 -10.75 -33.09
CA ASP D 35 -24.98 -11.29 -33.96
C ASP D 35 -24.07 -12.28 -33.22
N VAL D 36 -23.83 -12.02 -31.94
CA VAL D 36 -23.04 -12.89 -31.08
C VAL D 36 -23.80 -14.20 -30.83
N GLU D 37 -25.11 -14.12 -30.60
CA GLU D 37 -25.81 -15.36 -30.32
C GLU D 37 -25.67 -16.31 -31.53
N ALA D 38 -25.78 -15.74 -32.74
CA ALA D 38 -25.74 -16.49 -33.99
C ALA D 38 -24.39 -17.16 -34.15
N LEU D 39 -23.34 -16.43 -33.81
CA LEU D 39 -21.98 -16.94 -33.82
C LEU D 39 -21.90 -18.13 -32.90
N CYS D 40 -22.48 -17.98 -31.72
CA CYS D 40 -22.51 -19.04 -30.74
C CYS D 40 -23.27 -20.26 -31.21
N VAL D 41 -24.51 -20.07 -31.68
CA VAL D 41 -25.32 -21.18 -32.23
C VAL D 41 -24.58 -21.96 -33.35
N LYS D 42 -23.96 -21.22 -34.24
CA LYS D 42 -23.18 -21.82 -35.32
C LYS D 42 -22.02 -22.67 -34.77
N ALA D 43 -21.21 -22.13 -33.85
CA ALA D 43 -20.06 -22.86 -33.32
C ALA D 43 -20.44 -24.15 -32.64
N ALA D 44 -21.52 -24.07 -31.86
CA ALA D 44 -21.94 -25.23 -31.15
C ALA D 44 -22.56 -26.29 -32.08
N ALA D 45 -23.25 -25.89 -33.15
CA ALA D 45 -23.84 -26.87 -34.07
C ALA D 45 -22.71 -27.67 -34.70
N ALA D 46 -21.60 -27.00 -35.02
CA ALA D 46 -20.46 -27.76 -35.57
C ALA D 46 -20.02 -28.94 -34.68
N HIS D 47 -20.29 -28.93 -33.38
CA HIS D 47 -19.87 -30.00 -32.48
C HIS D 47 -21.09 -30.77 -32.01
N GLY D 48 -22.21 -30.54 -32.69
CA GLY D 48 -23.43 -31.25 -32.37
C GLY D 48 -24.10 -30.85 -31.08
N GLY D 49 -23.88 -29.61 -30.63
CA GLY D 49 -24.46 -29.12 -29.40
C GLY D 49 -25.44 -27.98 -29.63
N THR D 50 -26.03 -27.52 -28.53
CA THR D 50 -26.90 -26.35 -28.53
C THR D 50 -26.55 -25.28 -27.47
N VAL D 51 -27.10 -24.09 -27.65
CA VAL D 51 -26.84 -23.02 -26.70
C VAL D 51 -28.07 -22.42 -26.14
N ASP D 52 -27.96 -21.94 -24.92
CA ASP D 52 -29.04 -21.23 -24.25
C ASP D 52 -28.45 -19.83 -23.92
N PHE D 53 -28.86 -18.81 -24.68
CA PHE D 53 -28.20 -17.51 -24.67
C PHE D 53 -29.04 -16.48 -23.94
N ARG D 54 -28.50 -15.91 -22.86
CA ARG D 54 -29.23 -14.97 -22.00
C ARG D 54 -28.41 -13.73 -21.59
N GLN D 55 -29.15 -12.69 -21.20
CA GLN D 55 -28.55 -11.42 -20.84
C GLN D 55 -29.37 -10.72 -19.80
N SER D 56 -28.72 -10.18 -18.78
CA SER D 56 -29.50 -9.48 -17.76
C SER D 56 -28.67 -8.41 -17.13
N ASN D 57 -29.32 -7.36 -16.66
CA ASN D 57 -28.67 -6.31 -15.86
C ASN D 57 -28.61 -6.55 -14.34
N HIS D 58 -29.27 -7.58 -13.84
CA HIS D 58 -29.36 -7.89 -12.41
C HIS D 58 -28.46 -9.03 -11.87
N GLU D 59 -27.54 -8.67 -10.98
CA GLU D 59 -26.64 -9.60 -10.34
C GLU D 59 -27.39 -10.85 -9.84
N GLY D 60 -28.46 -10.65 -9.10
CA GLY D 60 -29.21 -11.74 -8.55
C GLY D 60 -29.80 -12.68 -9.58
N GLU D 61 -30.19 -12.15 -10.72
CA GLU D 61 -30.77 -12.93 -11.79
C GLU D 61 -29.65 -13.77 -12.44
N LEU D 62 -28.42 -13.25 -12.49
CA LEU D 62 -27.34 -14.04 -13.08
C LEU D 62 -27.02 -15.18 -12.11
N VAL D 63 -27.19 -14.93 -10.80
CA VAL D 63 -26.94 -15.94 -9.80
C VAL D 63 -27.99 -17.08 -9.97
N ASP D 64 -29.22 -16.70 -10.20
CA ASP D 64 -30.35 -17.60 -10.49
C ASP D 64 -30.16 -18.50 -11.73
N TRP D 65 -29.59 -17.92 -12.76
CA TRP D 65 -29.28 -18.61 -14.00
C TRP D 65 -28.07 -19.54 -13.87
N ILE D 66 -27.08 -19.18 -13.06
CA ILE D 66 -25.99 -20.08 -12.74
C ILE D 66 -26.56 -21.27 -11.93
N HIS D 67 -27.47 -21.05 -10.99
CA HIS D 67 -28.01 -22.21 -10.27
C HIS D 67 -28.77 -23.19 -11.19
N GLU D 68 -29.38 -22.65 -12.23
CA GLU D 68 -30.14 -23.40 -13.21
C GLU D 68 -29.16 -24.23 -14.04
N ALA D 69 -28.08 -23.58 -14.48
CA ALA D 69 -27.10 -24.23 -15.30
C ALA D 69 -26.57 -25.41 -14.57
N ARG D 70 -26.42 -25.23 -13.29
CA ARG D 70 -25.86 -26.26 -12.51
C ARG D 70 -26.66 -27.56 -12.71
N LEU D 71 -27.98 -27.47 -12.85
CA LEU D 71 -28.78 -28.69 -12.97
C LEU D 71 -29.17 -29.10 -14.38
N ASN D 72 -28.93 -28.24 -15.37
CA ASN D 72 -29.49 -28.48 -16.68
C ASN D 72 -28.51 -28.31 -17.84
N HIS D 73 -27.35 -27.74 -17.58
CA HIS D 73 -26.46 -27.38 -18.69
C HIS D 73 -25.11 -28.11 -18.70
N CYS D 74 -24.42 -28.10 -19.83
CA CYS D 74 -23.16 -28.81 -19.90
C CYS D 74 -21.94 -27.94 -19.61
N GLY D 75 -22.17 -26.62 -19.46
CA GLY D 75 -21.12 -25.66 -19.17
C GLY D 75 -21.57 -24.21 -19.34
N ILE D 76 -20.69 -23.29 -18.99
CA ILE D 76 -21.04 -21.90 -19.03
C ILE D 76 -20.01 -21.04 -19.73
N VAL D 77 -20.44 -20.26 -20.69
CA VAL D 77 -19.60 -19.22 -21.27
C VAL D 77 -20.17 -17.97 -20.66
N ILE D 78 -19.36 -17.21 -19.92
CA ILE D 78 -19.90 -15.99 -19.29
C ILE D 78 -19.09 -14.72 -19.59
N ASN D 79 -19.77 -13.67 -20.04
CA ASN D 79 -19.16 -12.34 -20.10
C ASN D 79 -19.83 -11.56 -18.96
N PRO D 80 -19.29 -11.51 -17.73
CA PRO D 80 -19.98 -10.85 -16.62
C PRO D 80 -20.03 -9.32 -16.74
N ALA D 81 -19.31 -8.78 -17.71
CA ALA D 81 -19.26 -7.33 -17.87
C ALA D 81 -18.84 -6.63 -16.57
N ALA D 82 -19.53 -5.58 -16.15
CA ALA D 82 -19.15 -4.86 -14.94
C ALA D 82 -19.07 -5.72 -13.69
N TYR D 83 -19.91 -6.75 -13.60
CA TYR D 83 -19.99 -7.55 -12.42
C TYR D 83 -18.80 -8.41 -12.22
N SER D 84 -17.92 -8.51 -13.21
CA SER D 84 -16.65 -9.23 -13.11
C SER D 84 -15.85 -8.63 -11.98
N HIS D 85 -15.86 -7.31 -11.96
CA HIS D 85 -15.05 -6.61 -10.99
C HIS D 85 -15.63 -6.38 -9.61
N THR D 86 -16.93 -6.62 -9.46
CA THR D 86 -17.64 -6.34 -8.22
C THR D 86 -18.37 -7.48 -7.54
N SER D 87 -18.65 -8.52 -8.28
CA SER D 87 -19.57 -9.52 -7.73
C SER D 87 -18.92 -10.79 -7.14
N VAL D 88 -18.74 -10.83 -5.82
CA VAL D 88 -18.43 -12.02 -5.10
C VAL D 88 -19.60 -12.95 -5.26
N ALA D 89 -20.82 -12.41 -5.29
CA ALA D 89 -22.03 -13.28 -5.43
C ALA D 89 -22.01 -14.22 -6.61
N ILE D 90 -21.63 -13.73 -7.79
CA ILE D 90 -21.50 -14.59 -8.94
C ILE D 90 -20.27 -15.49 -8.86
N LEU D 91 -19.13 -15.05 -8.33
CA LEU D 91 -18.06 -16.00 -8.05
C LEU D 91 -18.61 -17.18 -7.22
N ASP D 92 -19.27 -16.85 -6.12
CA ASP D 92 -19.76 -17.91 -5.24
C ASP D 92 -20.80 -18.84 -5.93
N ALA D 93 -21.60 -18.26 -6.82
CA ALA D 93 -22.55 -19.07 -7.56
C ALA D 93 -21.85 -20.13 -8.47
N LEU D 94 -20.79 -19.70 -9.18
CA LEU D 94 -19.99 -20.55 -10.04
C LEU D 94 -19.27 -21.59 -9.19
N ASN D 95 -18.80 -21.19 -8.04
CA ASN D 95 -18.14 -22.12 -7.11
C ASN D 95 -19.06 -23.28 -6.72
N THR D 96 -20.38 -23.13 -6.75
CA THR D 96 -21.25 -24.27 -6.43
C THR D 96 -21.39 -25.22 -7.61
N CYS D 97 -20.83 -24.85 -8.75
CA CYS D 97 -20.94 -25.70 -9.92
C CYS D 97 -19.78 -26.62 -10.04
N ASP D 98 -19.70 -27.54 -9.11
CA ASP D 98 -18.61 -28.53 -9.08
C ASP D 98 -18.37 -29.36 -10.37
N GLY D 99 -17.16 -29.23 -10.92
CA GLY D 99 -16.76 -29.94 -12.14
C GLY D 99 -17.42 -29.42 -13.42
N LEU D 100 -18.00 -28.22 -13.37
CA LEU D 100 -18.62 -27.70 -14.55
C LEU D 100 -17.67 -26.79 -15.32
N PRO D 101 -17.56 -27.01 -16.60
CA PRO D 101 -16.68 -26.16 -17.37
C PRO D 101 -17.20 -24.73 -17.47
N VAL D 102 -16.31 -23.82 -17.19
CA VAL D 102 -16.69 -22.40 -17.19
C VAL D 102 -15.67 -21.63 -17.87
N VAL D 103 -16.08 -20.86 -18.87
CA VAL D 103 -15.16 -19.97 -19.57
C VAL D 103 -15.60 -18.49 -19.58
N GLU D 104 -14.68 -17.60 -19.21
CA GLU D 104 -14.96 -16.21 -19.03
C GLU D 104 -14.50 -15.50 -20.29
N VAL D 105 -15.34 -14.61 -20.81
CA VAL D 105 -15.01 -13.85 -22.02
C VAL D 105 -15.20 -12.34 -21.80
N HIS D 106 -14.23 -11.57 -22.24
CA HIS D 106 -14.33 -10.12 -22.34
C HIS D 106 -14.03 -9.67 -23.76
N ILE D 107 -14.92 -8.91 -24.35
CA ILE D 107 -14.77 -8.51 -25.72
C ILE D 107 -13.55 -7.60 -25.92
N SER D 108 -13.38 -6.65 -25.01
CA SER D 108 -12.28 -5.72 -24.99
C SER D 108 -11.17 -6.36 -24.11
N ASN D 109 -9.95 -5.87 -24.25
CA ASN D 109 -8.79 -6.29 -23.44
C ASN D 109 -8.76 -5.44 -22.20
N ILE D 110 -9.39 -5.96 -21.16
CA ILE D 110 -9.48 -5.21 -19.92
C ILE D 110 -8.13 -4.83 -19.37
N HIS D 111 -7.09 -5.60 -19.73
CA HIS D 111 -5.74 -5.26 -19.21
C HIS D 111 -5.26 -3.95 -19.81
N GLN D 112 -5.92 -3.37 -20.80
CA GLN D 112 -5.46 -2.05 -21.25
C GLN D 112 -6.36 -0.93 -20.71
N ARG D 113 -7.33 -1.29 -19.88
CA ARG D 113 -8.23 -0.26 -19.41
C ARG D 113 -7.87 0.19 -17.99
N GLU D 114 -8.79 0.86 -17.35
CA GLU D 114 -8.56 1.36 -16.01
C GLU D 114 -8.18 0.22 -15.11
N PRO D 115 -7.32 0.55 -14.16
CA PRO D 115 -6.87 -0.37 -13.09
C PRO D 115 -7.98 -1.14 -12.37
N PHE D 116 -9.15 -0.56 -12.12
CA PHE D 116 -10.17 -1.34 -11.43
C PHE D 116 -10.73 -2.48 -12.30
N ARG D 117 -10.63 -2.35 -13.61
CA ARG D 117 -11.03 -3.41 -14.49
C ARG D 117 -9.97 -4.51 -14.60
N HIS D 118 -8.78 -4.33 -14.06
CA HIS D 118 -7.75 -5.37 -14.13
C HIS D 118 -8.04 -6.63 -13.32
N HIS D 119 -8.90 -6.60 -12.31
CA HIS D 119 -9.15 -7.79 -11.54
C HIS D 119 -10.56 -8.27 -11.80
N SER D 120 -10.74 -9.59 -11.86
CA SER D 120 -12.07 -10.12 -12.00
C SER D 120 -12.22 -11.22 -10.96
N TYR D 121 -13.31 -11.18 -10.19
CA TYR D 121 -13.64 -12.23 -9.26
C TYR D 121 -13.94 -13.51 -10.03
N VAL D 122 -14.60 -13.43 -11.19
CA VAL D 122 -14.93 -14.62 -11.96
C VAL D 122 -13.70 -15.44 -12.44
N SER D 123 -12.59 -14.76 -12.70
CA SER D 123 -11.35 -15.43 -13.14
C SER D 123 -10.78 -16.42 -12.14
N GLN D 124 -11.02 -16.27 -10.85
CA GLN D 124 -10.52 -17.30 -9.98
C GLN D 124 -11.29 -18.63 -10.00
N ARG D 125 -12.48 -18.66 -10.59
CA ARG D 125 -13.20 -19.88 -10.80
C ARG D 125 -13.15 -20.28 -12.26
N ALA D 126 -12.95 -19.31 -13.17
CA ALA D 126 -12.99 -19.67 -14.58
C ALA D 126 -11.87 -20.64 -14.91
N ASP D 127 -12.24 -21.66 -15.67
CA ASP D 127 -11.29 -22.63 -16.18
C ASP D 127 -10.46 -21.81 -17.17
N GLY D 128 -11.10 -21.08 -18.05
CA GLY D 128 -10.29 -20.22 -18.91
C GLY D 128 -10.90 -18.85 -19.04
N VAL D 129 -10.11 -17.89 -19.49
CA VAL D 129 -10.45 -16.51 -19.65
C VAL D 129 -9.92 -15.99 -20.98
N VAL D 130 -10.79 -15.40 -21.75
CA VAL D 130 -10.44 -14.88 -23.04
C VAL D 130 -10.84 -13.43 -23.02
N ALA D 131 -9.88 -12.57 -23.29
CA ALA D 131 -10.10 -11.14 -23.32
C ALA D 131 -9.48 -10.52 -24.55
N GLY D 132 -10.11 -9.49 -25.12
CA GLY D 132 -9.53 -8.80 -26.24
C GLY D 132 -9.65 -9.44 -27.61
N CYS D 133 -10.40 -10.51 -27.72
CA CYS D 133 -10.49 -11.21 -28.99
C CYS D 133 -11.76 -10.82 -29.76
N GLY D 134 -12.41 -9.74 -29.32
CA GLY D 134 -13.63 -9.28 -29.94
C GLY D 134 -14.74 -10.24 -29.68
N VAL D 135 -15.79 -10.22 -30.50
CA VAL D 135 -16.88 -11.18 -30.39
C VAL D 135 -16.45 -12.61 -30.73
N GLN D 136 -15.42 -12.76 -31.57
CA GLN D 136 -14.82 -14.07 -31.81
C GLN D 136 -14.50 -14.82 -30.51
N GLY D 137 -14.29 -14.09 -29.41
CA GLY D 137 -13.99 -14.73 -28.14
C GLY D 137 -15.04 -15.63 -27.59
N TYR D 138 -16.28 -15.31 -27.95
CA TYR D 138 -17.40 -16.15 -27.51
C TYR D 138 -17.29 -17.44 -28.34
N VAL D 139 -16.73 -17.38 -29.55
CA VAL D 139 -16.59 -18.57 -30.38
C VAL D 139 -15.63 -19.55 -29.69
N PHE D 140 -14.50 -18.99 -29.27
CA PHE D 140 -13.42 -19.67 -28.55
C PHE D 140 -14.01 -20.27 -27.31
N GLY D 141 -14.86 -19.49 -26.64
CA GLY D 141 -15.49 -19.98 -25.45
C GLY D 141 -16.27 -21.24 -25.70
N VAL D 142 -17.05 -21.20 -26.78
CA VAL D 142 -17.87 -22.35 -27.11
C VAL D 142 -16.98 -23.49 -27.49
N GLU D 143 -15.95 -23.22 -28.28
CA GLU D 143 -15.02 -24.30 -28.58
C GLU D 143 -14.35 -24.96 -27.37
N ARG D 144 -13.96 -24.17 -26.37
CA ARG D 144 -13.27 -24.67 -25.19
C ARG D 144 -14.19 -25.54 -24.39
N ILE D 145 -15.43 -25.08 -24.26
CA ILE D 145 -16.44 -25.85 -23.56
C ILE D 145 -16.66 -27.20 -24.28
N ALA D 146 -16.64 -27.17 -25.63
CA ALA D 146 -16.85 -28.40 -26.38
C ALA D 146 -15.78 -29.39 -26.10
N ALA D 147 -14.57 -28.90 -25.88
CA ALA D 147 -13.45 -29.79 -25.65
C ALA D 147 -13.47 -30.24 -24.21
N LEU D 148 -13.90 -29.41 -23.28
CA LEU D 148 -13.88 -29.85 -21.90
C LEU D 148 -15.05 -30.79 -21.62
N ALA D 149 -16.21 -30.50 -22.19
CA ALA D 149 -17.41 -31.30 -21.96
C ALA D 149 -17.43 -32.68 -22.62
N GLY D 150 -16.55 -32.88 -23.61
CA GLY D 150 -16.31 -34.20 -24.19
C GLY D 150 -14.84 -34.60 -24.06
N ARG E 2 -31.53 16.06 -27.15
CA ARG E 2 -32.88 16.49 -26.65
C ARG E 2 -32.87 17.77 -25.75
N SER E 3 -33.67 18.78 -26.08
CA SER E 3 -33.91 19.97 -25.23
C SER E 3 -34.84 19.80 -24.03
N LEU E 4 -34.77 20.74 -23.09
CA LEU E 4 -35.68 20.76 -21.96
C LEU E 4 -37.15 20.83 -22.39
N ALA E 5 -37.39 21.55 -23.47
CA ALA E 5 -38.76 21.60 -24.00
C ALA E 5 -39.22 20.26 -24.61
N ASN E 6 -38.30 19.45 -25.12
CA ASN E 6 -38.67 18.15 -25.71
C ASN E 6 -38.96 16.98 -24.78
N ALA E 7 -38.17 16.88 -23.72
CA ALA E 7 -38.20 15.71 -22.84
C ALA E 7 -37.88 16.08 -21.42
N PRO E 8 -38.37 15.29 -20.47
CA PRO E 8 -38.10 15.48 -19.06
C PRO E 8 -36.67 15.21 -18.69
N ILE E 9 -36.20 15.85 -17.61
CA ILE E 9 -34.96 15.46 -16.89
C ILE E 9 -35.23 14.25 -16.05
N MET E 10 -34.45 13.18 -16.25
CA MET E 10 -34.50 12.02 -15.35
C MET E 10 -33.76 12.27 -14.02
N ILE E 11 -34.48 12.07 -12.89
CA ILE E 11 -33.94 12.24 -11.56
C ILE E 11 -33.98 10.86 -10.87
N LEU E 12 -32.82 10.26 -10.69
CA LEU E 12 -32.72 8.90 -10.19
C LEU E 12 -32.14 8.94 -8.83
N ASN E 13 -32.69 8.12 -7.94
CA ASN E 13 -32.28 8.03 -6.56
C ASN E 13 -32.10 6.60 -6.19
N GLY E 14 -30.93 6.31 -5.61
CA GLY E 14 -30.50 4.99 -5.22
C GLY E 14 -31.08 4.48 -3.94
N PRO E 15 -30.46 3.45 -3.44
CA PRO E 15 -31.00 2.76 -2.27
C PRO E 15 -31.05 3.60 -0.98
N ASN E 16 -32.09 3.24 -0.26
CA ASN E 16 -32.38 3.78 1.06
C ASN E 16 -32.92 5.19 1.05
N LEU E 17 -32.90 5.87 -0.08
CA LEU E 17 -33.46 7.20 -0.12
C LEU E 17 -34.97 7.27 0.05
N ASN E 18 -35.69 6.16 -0.09
CA ASN E 18 -37.10 6.19 0.13
C ASN E 18 -37.40 6.50 1.59
N LEU E 19 -36.41 6.36 2.45
CA LEU E 19 -36.60 6.63 3.87
C LEU E 19 -36.11 8.04 4.26
N LEU E 20 -35.83 8.87 3.28
CA LEU E 20 -35.32 10.20 3.58
C LEU E 20 -36.28 10.97 4.45
N GLY E 21 -35.75 11.57 5.50
CA GLY E 21 -36.56 12.34 6.42
C GLY E 21 -37.41 11.52 7.36
N GLN E 22 -37.33 10.20 7.33
CA GLN E 22 -38.22 9.43 8.18
C GLN E 22 -37.47 8.82 9.31
N ARG E 23 -36.22 9.23 9.46
CA ARG E 23 -35.34 8.59 10.44
C ARG E 23 -35.33 9.35 11.75
N GLN E 24 -34.29 10.13 11.96
CA GLN E 24 -34.18 10.90 13.19
C GLN E 24 -34.41 12.38 12.87
N PRO E 25 -35.68 12.81 12.87
CA PRO E 25 -36.03 14.22 12.61
C PRO E 25 -35.43 15.07 13.73
N GLU E 26 -34.12 15.28 13.59
CA GLU E 26 -33.32 15.88 14.65
C GLU E 26 -31.88 15.88 14.16
N ILE E 27 -31.38 14.68 13.85
CA ILE E 27 -30.00 14.46 13.38
C ILE E 27 -29.99 14.47 11.84
N TYR E 28 -31.01 13.83 11.28
CA TYR E 28 -31.31 13.83 9.85
C TYR E 28 -32.43 14.84 9.64
N GLY E 29 -32.53 15.35 8.42
CA GLY E 29 -33.53 16.35 8.10
C GLY E 29 -34.99 15.95 8.33
N SER E 30 -35.87 16.77 7.76
CA SER E 30 -37.30 16.54 7.86
C SER E 30 -37.91 16.37 6.45
N ASP E 31 -37.19 16.83 5.44
CA ASP E 31 -37.59 16.72 4.06
C ASP E 31 -37.75 15.25 3.62
N THR E 32 -38.83 14.92 2.92
CA THR E 32 -38.99 13.57 2.44
C THR E 32 -38.60 13.54 0.97
N LEU E 33 -38.55 12.34 0.41
CA LEU E 33 -38.28 12.15 -1.01
C LEU E 33 -39.42 12.80 -1.83
N ALA E 34 -40.63 12.78 -1.30
CA ALA E 34 -41.71 13.54 -1.95
C ALA E 34 -41.43 15.04 -1.96
N ASP E 35 -40.92 15.60 -0.86
CA ASP E 35 -40.58 17.02 -0.80
C ASP E 35 -39.54 17.36 -1.86
N VAL E 36 -38.61 16.45 -1.99
CA VAL E 36 -37.53 16.64 -2.90
C VAL E 36 -38.09 16.64 -4.32
N GLU E 37 -38.97 15.69 -4.61
CA GLU E 37 -39.56 15.64 -5.93
C GLU E 37 -40.24 17.02 -6.24
N ALA E 38 -40.96 17.61 -5.29
CA ALA E 38 -41.62 18.91 -5.48
C ALA E 38 -40.68 20.03 -5.81
N LEU E 39 -39.55 20.02 -5.08
CA LEU E 39 -38.47 20.97 -5.30
C LEU E 39 -37.94 20.82 -6.71
N CYS E 40 -37.86 19.59 -7.23
CA CYS E 40 -37.35 19.36 -8.58
C CYS E 40 -38.37 19.78 -9.68
N VAL E 41 -39.65 19.55 -9.48
CA VAL E 41 -40.64 20.02 -10.43
C VAL E 41 -40.57 21.54 -10.63
N LYS E 42 -40.46 22.23 -9.50
CA LYS E 42 -40.40 23.67 -9.46
C LYS E 42 -39.12 24.18 -10.08
N ALA E 43 -37.98 23.56 -9.85
CA ALA E 43 -36.75 24.02 -10.51
C ALA E 43 -36.78 23.88 -12.00
N ALA E 44 -37.32 22.74 -12.47
CA ALA E 44 -37.39 22.47 -13.88
C ALA E 44 -38.36 23.47 -14.51
N ALA E 45 -39.47 23.70 -13.83
CA ALA E 45 -40.50 24.54 -14.40
C ALA E 45 -39.99 25.98 -14.62
N ALA E 46 -39.09 26.45 -13.77
CA ALA E 46 -38.53 27.81 -13.90
C ALA E 46 -37.80 27.96 -15.19
N HIS E 47 -37.47 26.84 -15.80
CA HIS E 47 -36.76 26.84 -17.08
C HIS E 47 -37.62 26.24 -18.18
N GLY E 48 -38.91 26.08 -17.90
CA GLY E 48 -39.80 25.52 -18.89
C GLY E 48 -39.76 24.01 -19.07
N GLY E 49 -39.11 23.32 -18.16
CA GLY E 49 -38.91 21.91 -18.31
C GLY E 49 -39.68 21.09 -17.32
N THR E 50 -39.49 19.78 -17.39
CA THR E 50 -40.15 18.84 -16.49
C THR E 50 -39.20 17.78 -15.91
N VAL E 51 -39.68 16.97 -14.99
CA VAL E 51 -38.79 15.99 -14.40
C VAL E 51 -39.48 14.67 -14.36
N ASP E 52 -38.71 13.62 -14.29
CA ASP E 52 -39.23 12.27 -14.24
C ASP E 52 -38.43 11.73 -13.09
N PHE E 53 -39.06 11.69 -11.91
CA PHE E 53 -38.40 11.38 -10.65
C PHE E 53 -38.67 9.95 -10.19
N ARG E 54 -37.61 9.18 -9.86
CA ARG E 54 -37.73 7.78 -9.53
C ARG E 54 -36.71 7.36 -8.46
N GLN E 55 -37.08 6.34 -7.70
CA GLN E 55 -36.17 5.79 -6.70
C GLN E 55 -36.22 4.28 -6.77
N SER E 56 -35.07 3.64 -6.58
CA SER E 56 -34.99 2.16 -6.51
C SER E 56 -33.85 1.70 -5.63
N ASN E 57 -34.07 0.57 -4.96
CA ASN E 57 -33.05 -0.11 -4.17
C ASN E 57 -32.28 -1.13 -4.96
N HIS E 58 -32.63 -1.27 -6.23
CA HIS E 58 -32.01 -2.21 -7.17
C HIS E 58 -31.05 -1.69 -8.21
N GLU E 59 -29.81 -2.13 -8.10
CA GLU E 59 -28.76 -1.81 -9.06
C GLU E 59 -29.22 -1.92 -10.49
N GLY E 60 -29.66 -3.11 -10.88
CA GLY E 60 -30.04 -3.42 -12.24
C GLY E 60 -31.21 -2.64 -12.81
N GLU E 61 -32.10 -2.22 -11.93
CA GLU E 61 -33.20 -1.35 -12.33
C GLU E 61 -32.72 0.07 -12.60
N LEU E 62 -31.70 0.51 -11.87
CA LEU E 62 -31.16 1.85 -12.05
C LEU E 62 -30.48 1.87 -13.40
N VAL E 63 -29.83 0.77 -13.72
CA VAL E 63 -29.26 0.62 -15.05
C VAL E 63 -30.35 0.67 -16.13
N ASP E 64 -31.46 -0.04 -15.94
CA ASP E 64 -32.50 -0.07 -16.95
C ASP E 64 -32.98 1.36 -17.20
N TRP E 65 -33.15 2.13 -16.12
CA TRP E 65 -33.70 3.44 -16.20
C TRP E 65 -32.68 4.36 -16.84
N ILE E 66 -31.39 4.08 -16.64
CA ILE E 66 -30.35 4.86 -17.33
C ILE E 66 -30.45 4.58 -18.83
N HIS E 67 -30.79 3.34 -19.20
CA HIS E 67 -30.86 2.99 -20.62
C HIS E 67 -32.08 3.72 -21.21
N GLU E 68 -33.15 3.76 -20.41
CA GLU E 68 -34.34 4.48 -20.79
C GLU E 68 -34.04 5.97 -21.04
N ALA E 69 -33.35 6.66 -20.13
CA ALA E 69 -33.00 8.08 -20.23
C ALA E 69 -32.17 8.43 -21.43
N ARG E 70 -31.27 7.53 -21.75
CA ARG E 70 -30.38 7.66 -22.88
C ARG E 70 -31.22 7.84 -24.14
N LEU E 71 -32.39 7.26 -24.20
CA LEU E 71 -33.18 7.47 -25.41
C LEU E 71 -34.37 8.42 -25.29
N ASN E 72 -34.89 8.69 -24.09
CA ASN E 72 -36.08 9.48 -23.88
C ASN E 72 -35.99 10.77 -23.02
N HIS E 73 -34.81 11.11 -22.52
CA HIS E 73 -34.70 12.20 -21.60
C HIS E 73 -33.65 13.22 -21.99
N CYS E 74 -33.68 14.42 -21.40
CA CYS E 74 -32.73 15.47 -21.80
C CYS E 74 -31.50 15.55 -20.94
N GLY E 75 -31.53 14.81 -19.85
CA GLY E 75 -30.46 14.72 -18.89
C GLY E 75 -30.77 13.86 -17.67
N ILE E 76 -29.70 13.60 -16.94
CA ILE E 76 -29.80 12.86 -15.68
C ILE E 76 -29.25 13.62 -14.51
N VAL E 77 -30.07 13.67 -13.46
CA VAL E 77 -29.61 13.99 -12.11
C VAL E 77 -29.68 12.70 -11.31
N ILE E 78 -28.56 12.29 -10.72
CA ILE E 78 -28.53 11.02 -10.00
C ILE E 78 -27.87 11.11 -8.64
N ASN E 79 -28.63 10.67 -7.64
CA ASN E 79 -28.13 10.44 -6.30
C ASN E 79 -28.06 8.91 -6.17
N PRO E 80 -26.89 8.35 -6.47
CA PRO E 80 -26.73 6.90 -6.47
C PRO E 80 -26.73 6.29 -5.11
N ALA E 81 -26.61 7.06 -4.02
CA ALA E 81 -26.51 6.53 -2.67
C ALA E 81 -25.36 5.48 -2.54
N ALA E 82 -25.57 4.40 -1.79
CA ALA E 82 -24.56 3.39 -1.64
C ALA E 82 -23.95 2.84 -2.96
N TYR E 83 -24.72 2.79 -4.03
CA TYR E 83 -24.19 2.29 -5.29
C TYR E 83 -23.10 3.20 -5.92
N SER E 84 -23.02 4.46 -5.49
CA SER E 84 -21.93 5.31 -5.90
C SER E 84 -20.59 4.66 -5.58
N HIS E 85 -20.51 4.00 -4.42
CA HIS E 85 -19.26 3.40 -3.97
C HIS E 85 -18.96 1.98 -4.51
N THR E 86 -19.94 1.30 -5.07
CA THR E 86 -19.76 -0.05 -5.49
C THR E 86 -20.06 -0.39 -6.91
N SER E 87 -20.78 0.45 -7.65
CA SER E 87 -21.40 0.05 -8.92
C SER E 87 -20.67 0.42 -10.19
N VAL E 88 -19.85 -0.46 -10.62
CA VAL E 88 -19.18 -0.27 -11.90
C VAL E 88 -20.24 -0.35 -13.00
N ALA E 89 -21.32 -1.04 -12.74
CA ALA E 89 -22.38 -1.21 -13.70
C ALA E 89 -23.20 0.05 -14.00
N ILE E 90 -23.50 0.81 -12.98
CA ILE E 90 -24.16 2.10 -13.15
C ILE E 90 -23.19 3.05 -13.87
N LEU E 91 -21.91 2.94 -13.55
CA LEU E 91 -20.92 3.76 -14.29
C LEU E 91 -20.90 3.39 -15.77
N ASP E 92 -20.73 2.10 -16.10
CA ASP E 92 -20.82 1.67 -17.49
C ASP E 92 -22.14 2.07 -18.19
N ALA E 93 -23.29 1.97 -17.50
CA ALA E 93 -24.55 2.42 -18.05
C ALA E 93 -24.52 3.92 -18.47
N LEU E 94 -24.05 4.76 -17.54
CA LEU E 94 -23.90 6.17 -17.82
C LEU E 94 -22.90 6.46 -18.94
N ASN E 95 -21.89 5.62 -19.11
CA ASN E 95 -20.94 5.82 -20.19
C ASN E 95 -21.60 5.55 -21.53
N THR E 96 -22.71 4.79 -21.61
CA THR E 96 -23.30 4.55 -22.94
C THR E 96 -24.11 5.75 -23.39
N CYS E 97 -24.34 6.67 -22.45
CA CYS E 97 -25.11 7.88 -22.71
C CYS E 97 -24.34 8.96 -23.40
N ASP E 98 -23.80 8.67 -24.56
CA ASP E 98 -22.97 9.67 -25.21
C ASP E 98 -23.59 11.08 -25.37
N GLY E 99 -22.90 12.08 -24.86
CA GLY E 99 -23.33 13.46 -25.00
C GLY E 99 -24.48 13.89 -24.12
N LEU E 100 -24.97 12.99 -23.28
CA LEU E 100 -26.06 13.31 -22.38
C LEU E 100 -25.53 13.97 -21.14
N PRO E 101 -26.09 15.08 -20.74
CA PRO E 101 -25.63 15.70 -19.51
C PRO E 101 -26.00 14.87 -18.28
N VAL E 102 -25.05 14.68 -17.37
CA VAL E 102 -25.23 13.97 -16.11
C VAL E 102 -24.65 14.72 -14.92
N VAL E 103 -25.46 14.89 -13.86
CA VAL E 103 -24.96 15.43 -12.62
C VAL E 103 -25.28 14.52 -11.46
N GLU E 104 -24.28 14.43 -10.61
CA GLU E 104 -24.32 13.56 -9.45
C GLU E 104 -24.55 14.43 -8.24
N VAL E 105 -25.46 13.96 -7.39
CA VAL E 105 -25.80 14.63 -6.14
C VAL E 105 -25.76 13.74 -4.84
N HIS E 106 -25.07 14.28 -3.84
CA HIS E 106 -25.05 13.68 -2.53
C HIS E 106 -25.50 14.69 -1.52
N ILE E 107 -26.50 14.32 -0.72
CA ILE E 107 -27.07 15.23 0.27
C ILE E 107 -26.04 15.58 1.35
N SER E 108 -25.27 14.59 1.79
CA SER E 108 -24.28 14.73 2.85
C SER E 108 -22.91 14.89 2.19
N ASN E 109 -21.97 15.50 2.89
CA ASN E 109 -20.63 15.64 2.35
C ASN E 109 -19.88 14.32 2.58
N ILE E 110 -19.87 13.45 1.58
CA ILE E 110 -19.22 12.14 1.64
C ILE E 110 -17.72 12.18 1.96
N HIS E 111 -17.10 13.35 1.79
CA HIS E 111 -15.68 13.51 2.03
C HIS E 111 -15.48 13.66 3.55
N GLN E 112 -16.56 13.87 4.30
CA GLN E 112 -16.37 13.93 5.75
C GLN E 112 -16.74 12.64 6.42
N ARG E 113 -17.15 11.65 5.63
CA ARG E 113 -17.51 10.35 6.21
C ARG E 113 -16.40 9.29 6.12
N GLU E 114 -16.76 8.03 6.28
CA GLU E 114 -15.76 6.98 6.23
C GLU E 114 -15.01 7.06 4.90
N PRO E 115 -13.76 6.66 4.95
CA PRO E 115 -12.93 6.56 3.76
C PRO E 115 -13.52 5.70 2.62
N PHE E 116 -14.27 4.61 2.85
CA PHE E 116 -14.89 3.92 1.70
C PHE E 116 -15.86 4.81 0.95
N ARG E 117 -16.32 5.91 1.55
CA ARG E 117 -17.26 6.79 0.85
C ARG E 117 -16.59 7.90 0.03
N HIS E 118 -15.28 8.03 0.11
CA HIS E 118 -14.59 9.11 -0.57
C HIS E 118 -14.54 8.88 -2.09
N HIS E 119 -14.67 7.64 -2.55
CA HIS E 119 -14.57 7.35 -3.99
C HIS E 119 -15.94 7.03 -4.56
N SER E 120 -16.24 7.61 -5.70
CA SER E 120 -17.46 7.29 -6.44
C SER E 120 -17.10 6.92 -7.84
N TYR E 121 -17.66 5.81 -8.29
CA TYR E 121 -17.49 5.43 -9.68
C TYR E 121 -18.27 6.39 -10.59
N VAL E 122 -19.39 6.91 -10.12
CA VAL E 122 -20.24 7.78 -10.94
C VAL E 122 -19.53 9.08 -11.35
N SER E 123 -18.72 9.56 -10.43
CA SER E 123 -17.99 10.81 -10.61
C SER E 123 -17.04 10.80 -11.76
N GLN E 124 -16.58 9.65 -12.24
CA GLN E 124 -15.71 9.69 -13.43
C GLN E 124 -16.46 9.90 -14.77
N ARG E 125 -17.79 9.82 -14.73
CA ARG E 125 -18.62 10.09 -15.92
C ARG E 125 -19.41 11.36 -15.75
N ALA E 126 -19.91 11.59 -14.53
CA ALA E 126 -20.74 12.77 -14.33
C ALA E 126 -19.99 14.04 -14.70
N ASP E 127 -20.69 14.95 -15.36
CA ASP E 127 -20.14 16.24 -15.73
C ASP E 127 -19.83 17.04 -14.46
N GLY E 128 -20.75 17.00 -13.50
CA GLY E 128 -20.54 17.62 -12.22
C GLY E 128 -21.10 16.80 -11.08
N VAL E 129 -20.52 17.12 -9.94
CA VAL E 129 -20.81 16.45 -8.72
C VAL E 129 -21.02 17.46 -7.64
N VAL E 130 -22.15 17.36 -7.01
CA VAL E 130 -22.48 18.31 -5.96
C VAL E 130 -22.67 17.45 -4.71
N ALA E 131 -21.93 17.79 -3.65
CA ALA E 131 -21.95 17.03 -2.39
C ALA E 131 -22.08 17.98 -1.19
N GLY E 132 -22.97 17.63 -0.25
CA GLY E 132 -23.09 18.36 1.01
C GLY E 132 -23.92 19.63 1.00
N CYS E 133 -24.75 19.79 0.01
CA CYS E 133 -25.49 21.03 -0.15
C CYS E 133 -26.92 20.75 0.21
N GLY E 134 -27.15 19.64 0.93
CA GLY E 134 -28.48 19.20 1.36
C GLY E 134 -29.35 18.92 0.14
N VAL E 135 -30.68 18.89 0.31
CA VAL E 135 -31.61 18.74 -0.80
C VAL E 135 -31.55 19.87 -1.77
N GLN E 136 -31.12 21.02 -1.29
CA GLN E 136 -30.90 22.09 -2.24
C GLN E 136 -29.99 21.58 -3.37
N GLY E 137 -29.11 20.63 -3.09
CA GLY E 137 -28.25 20.10 -4.15
C GLY E 137 -28.97 19.52 -5.37
N TYR E 138 -30.14 18.93 -5.15
CA TYR E 138 -31.00 18.54 -6.24
C TYR E 138 -31.42 19.71 -7.12
N VAL E 139 -31.68 20.88 -6.54
CA VAL E 139 -32.01 22.10 -7.32
C VAL E 139 -30.83 22.50 -8.17
N PHE E 140 -29.67 22.49 -7.56
CA PHE E 140 -28.49 22.84 -8.32
C PHE E 140 -28.33 21.87 -9.48
N GLY E 141 -28.62 20.62 -9.23
CA GLY E 141 -28.49 19.59 -10.25
C GLY E 141 -29.36 19.96 -11.45
N VAL E 142 -30.61 20.25 -11.16
CA VAL E 142 -31.55 20.62 -12.24
C VAL E 142 -31.10 21.87 -12.94
N GLU E 143 -30.54 22.81 -12.20
CA GLU E 143 -30.14 24.02 -12.88
C GLU E 143 -28.99 23.80 -13.81
N ARG E 144 -28.06 22.94 -13.43
CA ARG E 144 -26.94 22.60 -14.29
C ARG E 144 -27.38 21.85 -15.57
N ILE E 145 -28.33 20.92 -15.43
CA ILE E 145 -28.83 20.20 -16.58
C ILE E 145 -29.49 21.25 -17.54
N ALA E 146 -30.29 22.20 -17.02
CA ALA E 146 -30.90 23.23 -17.89
C ALA E 146 -29.83 24.05 -18.63
N ALA E 147 -28.74 24.37 -17.98
CA ALA E 147 -27.69 25.12 -18.63
C ALA E 147 -26.99 24.28 -19.68
N LEU E 148 -26.74 23.01 -19.39
CA LEU E 148 -26.00 22.22 -20.36
C LEU E 148 -26.96 21.83 -21.45
N ALA E 149 -28.23 21.66 -21.09
CA ALA E 149 -29.15 21.21 -22.12
C ALA E 149 -29.34 22.34 -23.13
N GLY E 150 -29.30 23.58 -22.66
CA GLY E 150 -29.43 24.74 -23.52
C GLY E 150 -28.19 25.62 -23.59
N ARG F 2 -40.26 -2.62 20.24
CA ARG F 2 -40.86 -3.98 19.97
C ARG F 2 -40.11 -5.14 20.63
N SER F 3 -40.83 -5.93 21.41
CA SER F 3 -40.25 -7.08 22.08
C SER F 3 -40.33 -8.41 21.35
N LEU F 4 -39.71 -9.42 21.97
CA LEU F 4 -39.72 -10.77 21.44
C LEU F 4 -41.13 -11.33 21.41
N ALA F 5 -41.93 -10.97 22.42
CA ALA F 5 -43.32 -11.45 22.54
C ALA F 5 -44.26 -10.71 21.64
N ASN F 6 -43.84 -9.53 21.26
CA ASN F 6 -44.56 -8.66 20.36
C ASN F 6 -44.54 -8.94 18.86
N ALA F 7 -43.33 -9.18 18.37
CA ALA F 7 -43.02 -9.35 16.95
C ALA F 7 -41.94 -10.38 16.72
N PRO F 8 -41.89 -10.91 15.52
CA PRO F 8 -40.89 -11.94 15.21
C PRO F 8 -39.50 -11.38 15.05
N ILE F 9 -38.54 -12.30 15.10
CA ILE F 9 -37.17 -11.99 14.76
C ILE F 9 -37.08 -12.24 13.29
N MET F 10 -36.58 -11.25 12.58
CA MET F 10 -36.29 -11.42 11.17
C MET F 10 -34.95 -12.14 10.96
N ILE F 11 -34.99 -13.23 10.19
CA ILE F 11 -33.79 -13.96 9.86
C ILE F 11 -33.55 -13.87 8.39
N LEU F 12 -32.46 -13.26 7.99
CA LEU F 12 -32.23 -13.03 6.57
C LEU F 12 -31.02 -13.72 6.05
N ASN F 13 -31.09 -14.21 4.80
CA ASN F 13 -30.06 -15.08 4.25
C ASN F 13 -29.70 -14.62 2.87
N GLY F 14 -28.45 -14.30 2.66
CA GLY F 14 -28.04 -13.80 1.37
C GLY F 14 -27.90 -14.88 0.34
N PRO F 15 -27.24 -14.50 -0.74
CA PRO F 15 -27.14 -15.31 -1.95
C PRO F 15 -26.50 -16.69 -1.81
N ASN F 16 -26.95 -17.61 -2.65
CA ASN F 16 -26.36 -18.93 -2.74
C ASN F 16 -26.63 -19.82 -1.56
N LEU F 17 -27.26 -19.30 -0.51
CA LEU F 17 -27.50 -20.07 0.69
C LEU F 17 -28.70 -20.99 0.53
N ASN F 18 -29.54 -20.76 -0.48
CA ASN F 18 -30.61 -21.73 -0.80
C ASN F 18 -30.03 -23.08 -1.16
N LEU F 19 -28.79 -23.09 -1.63
CA LEU F 19 -28.07 -24.27 -2.02
C LEU F 19 -27.36 -24.94 -0.83
N LEU F 20 -27.53 -24.44 0.37
CA LEU F 20 -26.83 -25.03 1.50
C LEU F 20 -27.18 -26.51 1.64
N GLY F 21 -26.15 -27.30 1.92
CA GLY F 21 -26.26 -28.74 2.07
C GLY F 21 -26.52 -29.57 0.84
N GLN F 22 -26.62 -28.95 -0.33
CA GLN F 22 -26.94 -29.69 -1.56
C GLN F 22 -25.73 -29.66 -2.45
N ARG F 23 -24.56 -29.40 -1.88
CA ARG F 23 -23.33 -29.44 -2.65
C ARG F 23 -22.57 -30.72 -2.43
N GLN F 24 -21.49 -30.68 -1.66
CA GLN F 24 -20.68 -31.89 -1.42
C GLN F 24 -20.85 -32.42 0.01
N PRO F 25 -21.90 -33.22 0.24
CA PRO F 25 -22.17 -33.80 1.56
C PRO F 25 -20.99 -34.69 1.97
N GLU F 26 -19.97 -34.03 2.50
CA GLU F 26 -18.69 -34.67 2.75
C GLU F 26 -17.71 -33.54 3.07
N ILE F 27 -17.64 -32.56 2.18
CA ILE F 27 -16.73 -31.43 2.35
C ILE F 27 -17.52 -30.32 3.02
N TYR F 28 -18.75 -30.12 2.54
CA TYR F 28 -19.67 -29.19 3.18
C TYR F 28 -20.65 -29.99 4.01
N GLY F 29 -21.36 -29.31 4.88
CA GLY F 29 -22.33 -29.97 5.74
C GLY F 29 -23.40 -30.76 5.02
N SER F 30 -24.32 -31.28 5.81
CA SER F 30 -25.45 -31.98 5.27
C SER F 30 -26.69 -31.12 5.55
N ASP F 31 -26.52 -30.14 6.43
CA ASP F 31 -27.63 -29.32 6.87
C ASP F 31 -28.11 -28.42 5.73
N THR F 32 -29.44 -28.31 5.60
CA THR F 32 -30.05 -27.46 4.61
C THR F 32 -30.54 -26.20 5.31
N LEU F 33 -30.87 -25.20 4.51
CA LEU F 33 -31.47 -23.97 4.98
C LEU F 33 -32.79 -24.31 5.69
N ALA F 34 -33.37 -25.45 5.34
CA ALA F 34 -34.59 -25.88 6.03
C ALA F 34 -34.20 -26.37 7.42
N ASP F 35 -33.05 -27.03 7.52
CA ASP F 35 -32.56 -27.39 8.85
C ASP F 35 -32.28 -26.18 9.71
N VAL F 36 -31.69 -25.14 9.14
CA VAL F 36 -31.39 -23.90 9.84
C VAL F 36 -32.60 -23.18 10.34
N GLU F 37 -33.62 -23.14 9.50
CA GLU F 37 -34.84 -22.46 9.83
C GLU F 37 -35.42 -23.18 11.01
N ALA F 38 -35.46 -24.51 10.99
CA ALA F 38 -36.01 -25.25 12.13
C ALA F 38 -35.18 -25.02 13.39
N LEU F 39 -33.86 -24.85 13.30
CA LEU F 39 -33.15 -24.56 14.55
C LEU F 39 -33.54 -23.19 15.10
N CYS F 40 -33.80 -22.25 14.20
CA CYS F 40 -34.13 -20.88 14.61
C CYS F 40 -35.52 -20.91 15.27
N VAL F 41 -36.46 -21.59 14.67
CA VAL F 41 -37.80 -21.64 15.27
C VAL F 41 -37.70 -22.17 16.69
N LYS F 42 -36.98 -23.25 16.89
CA LYS F 42 -36.92 -23.86 18.20
C LYS F 42 -36.28 -22.96 19.24
N ALA F 43 -35.21 -22.30 18.86
CA ALA F 43 -34.54 -21.37 19.74
C ALA F 43 -35.41 -20.22 20.16
N ALA F 44 -36.14 -19.67 19.21
CA ALA F 44 -36.90 -18.47 19.43
C ALA F 44 -38.11 -18.88 20.28
N ALA F 45 -38.60 -20.09 20.06
CA ALA F 45 -39.72 -20.59 20.86
C ALA F 45 -39.31 -20.74 22.30
N ALA F 46 -38.07 -21.15 22.52
CA ALA F 46 -37.70 -21.41 23.92
C ALA F 46 -37.85 -20.15 24.78
N HIS F 47 -37.72 -18.99 24.13
CA HIS F 47 -37.81 -17.67 24.73
C HIS F 47 -39.16 -16.99 24.52
N GLY F 48 -40.19 -17.77 24.22
CA GLY F 48 -41.50 -17.26 23.85
C GLY F 48 -41.59 -16.43 22.57
N GLY F 49 -40.62 -16.54 21.65
CA GLY F 49 -40.62 -15.75 20.43
C GLY F 49 -40.93 -16.52 19.16
N THR F 50 -41.03 -15.80 18.03
CA THR F 50 -41.25 -16.38 16.70
C THR F 50 -40.19 -15.83 15.76
N VAL F 51 -40.09 -16.41 14.57
CA VAL F 51 -39.15 -15.95 13.55
C VAL F 51 -39.80 -15.78 12.17
N ASP F 52 -39.16 -14.99 11.33
CA ASP F 52 -39.65 -14.76 9.98
C ASP F 52 -38.41 -15.05 9.18
N PHE F 53 -38.31 -16.22 8.57
CA PHE F 53 -37.06 -16.71 7.96
C PHE F 53 -37.16 -16.54 6.47
N ARG F 54 -36.16 -15.91 5.87
CA ARG F 54 -36.22 -15.57 4.46
C ARG F 54 -34.82 -15.70 3.83
N GLN F 55 -34.75 -15.91 2.51
CA GLN F 55 -33.50 -15.97 1.76
C GLN F 55 -33.72 -15.30 0.44
N SER F 56 -32.72 -14.58 -0.06
CA SER F 56 -32.78 -13.98 -1.36
C SER F 56 -31.39 -13.84 -2.01
N ASN F 57 -31.37 -13.93 -3.33
CA ASN F 57 -30.13 -13.74 -4.06
C ASN F 57 -29.96 -12.27 -4.51
N HIS F 58 -30.96 -11.45 -4.22
CA HIS F 58 -30.98 -10.06 -4.66
C HIS F 58 -30.70 -9.00 -3.60
N GLU F 59 -29.68 -8.16 -3.84
CA GLU F 59 -29.23 -7.11 -2.93
C GLU F 59 -30.40 -6.20 -2.43
N GLY F 60 -31.08 -5.65 -3.41
CA GLY F 60 -32.20 -4.76 -3.26
C GLY F 60 -33.37 -5.41 -2.54
N GLU F 61 -33.55 -6.71 -2.61
CA GLU F 61 -34.71 -7.30 -1.97
C GLU F 61 -34.32 -7.44 -0.52
N LEU F 62 -33.06 -7.74 -0.28
CA LEU F 62 -32.53 -7.73 1.08
C LEU F 62 -32.68 -6.38 1.77
N VAL F 63 -32.36 -5.28 1.07
CA VAL F 63 -32.60 -3.92 1.55
C VAL F 63 -34.12 -3.71 1.80
N ASP F 64 -34.97 -4.21 0.92
CA ASP F 64 -36.41 -4.08 1.13
C ASP F 64 -36.82 -4.76 2.43
N TRP F 65 -36.27 -5.91 2.74
CA TRP F 65 -36.74 -6.64 3.93
C TRP F 65 -36.19 -6.05 5.22
N ILE F 66 -35.00 -5.50 5.14
CA ILE F 66 -34.42 -4.74 6.21
C ILE F 66 -35.37 -3.58 6.53
N HIS F 67 -35.83 -2.83 5.52
CA HIS F 67 -36.72 -1.68 5.74
C HIS F 67 -38.03 -2.15 6.40
N GLU F 68 -38.45 -3.37 6.08
CA GLU F 68 -39.66 -3.94 6.69
C GLU F 68 -39.48 -4.30 8.16
N ALA F 69 -38.26 -4.76 8.47
CA ALA F 69 -37.96 -5.27 9.76
C ALA F 69 -37.94 -4.12 10.70
N ARG F 70 -37.40 -3.06 10.15
CA ARG F 70 -37.20 -1.84 10.86
C ARG F 70 -38.50 -1.36 11.47
N LEU F 71 -39.63 -1.71 10.86
CA LEU F 71 -40.89 -1.28 11.39
C LEU F 71 -41.72 -2.40 11.99
N ASN F 72 -41.45 -3.63 11.60
CA ASN F 72 -42.35 -4.69 12.07
C ASN F 72 -41.72 -5.83 12.86
N HIS F 73 -40.42 -5.80 13.16
CA HIS F 73 -39.82 -7.02 13.76
C HIS F 73 -39.04 -6.58 14.97
N CYS F 74 -38.66 -7.50 15.85
CA CYS F 74 -37.90 -7.08 17.05
C CYS F 74 -36.39 -7.19 16.94
N GLY F 75 -35.90 -7.59 15.77
CA GLY F 75 -34.49 -7.83 15.63
C GLY F 75 -34.11 -8.48 14.32
N ILE F 76 -32.84 -8.45 13.97
CA ILE F 76 -32.37 -9.14 12.77
C ILE F 76 -31.11 -10.00 12.94
N VAL F 77 -31.18 -11.24 12.47
CA VAL F 77 -30.04 -12.11 12.43
C VAL F 77 -29.81 -12.16 10.95
N ILE F 78 -28.64 -11.71 10.50
CA ILE F 78 -28.36 -11.79 9.11
C ILE F 78 -27.06 -12.52 8.79
N ASN F 79 -27.21 -13.39 7.80
CA ASN F 79 -26.07 -13.96 7.11
C ASN F 79 -26.10 -13.43 5.68
N PRO F 80 -25.28 -12.44 5.37
CA PRO F 80 -25.37 -11.81 4.09
C PRO F 80 -24.62 -12.47 2.95
N ALA F 81 -23.87 -13.52 3.27
CA ALA F 81 -23.09 -14.28 2.30
C ALA F 81 -22.18 -13.34 1.57
N ALA F 82 -22.11 -13.47 0.26
CA ALA F 82 -21.17 -12.67 -0.53
C ALA F 82 -21.38 -11.17 -0.38
N TYR F 83 -22.62 -10.74 -0.16
CA TYR F 83 -22.94 -9.36 0.10
C TYR F 83 -22.30 -8.71 1.33
N SER F 84 -21.82 -9.51 2.30
CA SER F 84 -21.02 -9.03 3.43
C SER F 84 -19.83 -8.25 2.94
N HIS F 85 -19.23 -8.70 1.84
CA HIS F 85 -18.02 -8.10 1.38
C HIS F 85 -18.23 -7.04 0.31
N THR F 86 -19.38 -6.93 -0.31
CA THR F 86 -19.51 -5.95 -1.38
C THR F 86 -20.61 -4.91 -1.15
N SER F 87 -21.53 -5.15 -0.21
CA SER F 87 -22.72 -4.32 -0.10
C SER F 87 -22.80 -3.17 0.92
N VAL F 88 -22.37 -1.99 0.52
CA VAL F 88 -22.64 -0.77 1.24
C VAL F 88 -24.13 -0.51 1.43
N ALA F 89 -24.91 -0.97 0.46
CA ALA F 89 -26.33 -0.75 0.51
C ALA F 89 -26.98 -1.50 1.68
N ILE F 90 -26.55 -2.70 1.92
CA ILE F 90 -27.13 -3.40 3.07
C ILE F 90 -26.67 -2.72 4.39
N LEU F 91 -25.45 -2.29 4.40
CA LEU F 91 -24.97 -1.60 5.58
C LEU F 91 -25.83 -0.34 5.78
N ASP F 92 -26.11 0.40 4.72
CA ASP F 92 -26.93 1.59 4.87
C ASP F 92 -28.36 1.29 5.32
N ALA F 93 -28.89 0.19 4.83
CA ALA F 93 -30.19 -0.22 5.23
C ALA F 93 -30.18 -0.49 6.71
N LEU F 94 -29.25 -1.30 7.20
CA LEU F 94 -29.12 -1.60 8.62
C LEU F 94 -28.90 -0.34 9.46
N ASN F 95 -28.23 0.65 8.86
CA ASN F 95 -28.01 1.91 9.52
C ASN F 95 -29.28 2.68 9.83
N THR F 96 -30.32 2.53 9.03
CA THR F 96 -31.57 3.26 9.30
C THR F 96 -32.35 2.61 10.40
N CYS F 97 -31.96 1.42 10.80
CA CYS F 97 -32.69 0.74 11.89
C CYS F 97 -32.22 1.15 13.27
N ASP F 98 -32.36 2.42 13.59
CA ASP F 98 -31.92 2.95 14.87
C ASP F 98 -32.42 2.16 16.07
N GLY F 99 -31.51 1.79 16.96
CA GLY F 99 -31.84 1.04 18.17
C GLY F 99 -32.12 -0.45 17.97
N LEU F 100 -32.20 -0.92 16.73
CA LEU F 100 -32.63 -2.29 16.54
C LEU F 100 -31.41 -3.21 16.64
N PRO F 101 -31.55 -4.28 17.41
CA PRO F 101 -30.49 -5.27 17.52
C PRO F 101 -30.24 -6.10 16.25
N VAL F 102 -28.98 -6.12 15.85
CA VAL F 102 -28.57 -6.84 14.67
C VAL F 102 -27.46 -7.84 14.95
N VAL F 103 -27.61 -9.09 14.55
CA VAL F 103 -26.51 -10.02 14.67
C VAL F 103 -26.17 -10.63 13.31
N GLU F 104 -24.89 -10.58 13.00
CA GLU F 104 -24.41 -11.08 11.76
C GLU F 104 -23.91 -12.51 11.97
N VAL F 105 -24.27 -13.40 11.06
CA VAL F 105 -23.79 -14.78 11.17
C VAL F 105 -23.17 -15.36 9.92
N HIS F 106 -21.97 -15.92 10.03
CA HIS F 106 -21.31 -16.65 8.95
C HIS F 106 -21.09 -18.13 9.39
N ILE F 107 -21.48 -19.09 8.55
CA ILE F 107 -21.32 -20.49 8.89
C ILE F 107 -19.88 -20.95 9.02
N SER F 108 -19.08 -20.49 8.07
CA SER F 108 -17.68 -20.80 7.96
C SER F 108 -16.86 -19.64 8.60
N ASN F 109 -15.60 -19.90 8.89
CA ASN F 109 -14.73 -18.89 9.50
C ASN F 109 -14.10 -18.12 8.38
N ILE F 110 -14.76 -17.04 8.00
CA ILE F 110 -14.25 -16.21 6.92
C ILE F 110 -12.79 -15.79 7.09
N HIS F 111 -12.30 -15.73 8.32
CA HIS F 111 -10.92 -15.27 8.58
C HIS F 111 -9.86 -16.24 8.13
N GLN F 112 -10.29 -17.44 7.78
CA GLN F 112 -9.42 -18.51 7.32
C GLN F 112 -9.46 -18.63 5.82
N ARG F 113 -10.32 -17.82 5.18
CA ARG F 113 -10.46 -17.87 3.74
C ARG F 113 -9.67 -16.82 2.97
N GLU F 114 -9.99 -16.67 1.70
CA GLU F 114 -9.34 -15.63 0.91
C GLU F 114 -9.36 -14.28 1.64
N PRO F 115 -8.32 -13.50 1.46
CA PRO F 115 -8.29 -12.17 2.06
C PRO F 115 -9.49 -11.27 1.74
N PHE F 116 -10.11 -11.38 0.59
CA PHE F 116 -11.24 -10.50 0.35
C PHE F 116 -12.47 -10.85 1.19
N ARG F 117 -12.52 -12.01 1.81
CA ARG F 117 -13.64 -12.31 2.68
C ARG F 117 -13.35 -11.87 4.11
N HIS F 118 -12.16 -11.31 4.38
CA HIS F 118 -11.83 -10.90 5.75
C HIS F 118 -12.56 -9.65 6.23
N HIS F 119 -12.98 -8.82 5.29
CA HIS F 119 -13.70 -7.62 5.59
C HIS F 119 -15.20 -7.71 5.34
N SER F 120 -15.95 -7.18 6.28
CA SER F 120 -17.40 -7.20 6.14
C SER F 120 -17.96 -5.86 6.43
N TYR F 121 -18.66 -5.25 5.44
CA TYR F 121 -19.45 -4.02 5.61
C TYR F 121 -20.51 -4.18 6.73
N VAL F 122 -21.22 -5.31 6.79
CA VAL F 122 -22.23 -5.55 7.80
C VAL F 122 -21.67 -5.44 9.24
N SER F 123 -20.41 -5.77 9.39
CA SER F 123 -19.79 -5.83 10.72
C SER F 123 -19.56 -4.46 11.39
N GLN F 124 -19.53 -3.38 10.64
CA GLN F 124 -19.47 -2.13 11.38
C GLN F 124 -20.79 -1.69 11.94
N ARG F 125 -21.90 -2.30 11.50
CA ARG F 125 -23.14 -1.95 12.10
C ARG F 125 -23.64 -3.04 13.07
N ALA F 126 -23.34 -4.30 12.80
CA ALA F 126 -23.87 -5.37 13.64
C ALA F 126 -23.46 -5.26 15.10
N ASP F 127 -24.38 -5.53 15.99
CA ASP F 127 -23.99 -5.48 17.38
C ASP F 127 -23.02 -6.64 17.62
N GLY F 128 -23.35 -7.81 17.10
CA GLY F 128 -22.57 -9.01 17.27
C GLY F 128 -22.29 -9.71 15.92
N VAL F 129 -21.08 -10.29 15.84
CA VAL F 129 -20.61 -11.06 14.73
C VAL F 129 -20.17 -12.44 15.24
N VAL F 130 -20.79 -13.42 14.64
CA VAL F 130 -20.47 -14.79 14.93
C VAL F 130 -19.96 -15.50 13.68
N ALA F 131 -18.78 -16.08 13.71
CA ALA F 131 -18.31 -16.76 12.50
C ALA F 131 -17.66 -18.12 12.77
N GLY F 132 -17.82 -19.04 11.84
CA GLY F 132 -17.24 -20.36 11.98
C GLY F 132 -17.80 -21.26 13.06
N CYS F 133 -18.99 -20.96 13.55
CA CYS F 133 -19.65 -21.83 14.52
C CYS F 133 -20.66 -22.75 13.88
N GLY F 134 -20.62 -22.85 12.57
CA GLY F 134 -21.51 -23.79 11.92
C GLY F 134 -22.90 -23.18 11.89
N VAL F 135 -23.86 -24.03 11.59
CA VAL F 135 -25.24 -23.61 11.67
C VAL F 135 -25.71 -23.32 13.06
N GLN F 136 -24.99 -23.84 14.05
CA GLN F 136 -25.31 -23.56 15.43
C GLN F 136 -25.18 -22.03 15.66
N GLY F 137 -24.37 -21.37 14.87
CA GLY F 137 -24.25 -19.95 15.03
C GLY F 137 -25.57 -19.21 14.88
N TYR F 138 -26.43 -19.69 13.99
CA TYR F 138 -27.74 -19.05 13.87
C TYR F 138 -28.49 -19.17 15.16
N VAL F 139 -28.23 -20.16 16.00
CA VAL F 139 -28.95 -20.28 17.31
C VAL F 139 -28.30 -19.26 18.24
N PHE F 140 -26.98 -19.06 18.12
CA PHE F 140 -26.31 -18.09 18.96
C PHE F 140 -26.98 -16.75 18.61
N GLY F 141 -27.14 -16.47 17.33
CA GLY F 141 -27.83 -15.27 16.87
C GLY F 141 -29.19 -15.02 17.51
N VAL F 142 -30.07 -15.99 17.40
CA VAL F 142 -31.34 -15.91 18.09
C VAL F 142 -31.16 -15.63 19.58
N GLU F 143 -30.28 -16.32 20.25
CA GLU F 143 -30.25 -16.10 21.69
C GLU F 143 -29.76 -14.69 22.07
N ARG F 144 -28.86 -14.12 21.26
CA ARG F 144 -28.41 -12.78 21.49
C ARG F 144 -29.51 -11.76 21.27
N ILE F 145 -30.30 -11.93 20.23
CA ILE F 145 -31.43 -11.04 19.99
C ILE F 145 -32.42 -11.01 21.18
N ALA F 146 -32.82 -12.20 21.66
CA ALA F 146 -33.67 -12.41 22.85
C ALA F 146 -33.14 -11.68 24.06
N ALA F 147 -31.85 -11.80 24.28
CA ALA F 147 -31.24 -11.07 25.38
C ALA F 147 -31.20 -9.59 25.00
N LEU F 148 -30.98 -9.22 23.74
CA LEU F 148 -30.93 -7.78 23.48
C LEU F 148 -32.32 -7.15 23.51
N ALA F 149 -33.33 -7.82 22.98
CA ALA F 149 -34.71 -7.32 22.99
C ALA F 149 -35.34 -7.29 24.39
N GLY F 150 -34.92 -8.17 25.29
CA GLY F 150 -35.35 -8.09 26.68
C GLY F 150 -34.27 -7.52 27.60
N ARG G 2 35.60 -13.25 23.31
CA ARG G 2 35.98 -14.58 23.90
C ARG G 2 35.97 -15.76 22.95
N SER G 3 36.99 -16.59 23.09
CA SER G 3 37.15 -17.84 22.37
C SER G 3 36.17 -18.91 22.80
N LEU G 4 35.97 -19.88 21.93
CA LEU G 4 35.24 -21.08 22.28
C LEU G 4 35.87 -21.76 23.50
N ALA G 5 37.19 -21.70 23.62
CA ALA G 5 37.81 -22.29 24.79
C ALA G 5 37.41 -21.64 26.10
N ASN G 6 37.16 -20.34 26.02
CA ASN G 6 36.93 -19.54 27.22
C ASN G 6 35.49 -19.63 27.69
N ALA G 7 34.58 -19.79 26.77
CA ALA G 7 33.14 -19.82 27.15
C ALA G 7 32.24 -20.58 26.17
N PRO G 8 31.13 -21.08 26.68
CA PRO G 8 30.15 -21.80 25.87
C PRO G 8 29.45 -20.92 24.81
N ILE G 9 28.87 -21.56 23.82
CA ILE G 9 27.99 -20.91 22.88
C ILE G 9 26.63 -20.96 23.47
N MET G 10 25.94 -19.83 23.50
CA MET G 10 24.50 -19.76 23.93
C MET G 10 23.60 -20.09 22.76
N ILE G 11 22.79 -21.13 22.94
CA ILE G 11 21.84 -21.59 21.97
C ILE G 11 20.48 -21.30 22.58
N LEU G 12 19.73 -20.35 21.98
CA LEU G 12 18.47 -19.89 22.56
C LEU G 12 17.31 -20.38 21.71
N ASN G 13 16.29 -20.92 22.35
CA ASN G 13 15.12 -21.40 21.62
C ASN G 13 13.88 -20.74 22.17
N GLY G 14 13.11 -20.15 21.23
CA GLY G 14 11.88 -19.46 21.43
C GLY G 14 10.68 -20.32 21.75
N PRO G 15 9.57 -19.70 21.70
CA PRO G 15 8.31 -20.36 22.06
C PRO G 15 7.88 -21.50 21.10
N ASN G 16 7.25 -22.47 21.75
CA ASN G 16 6.71 -23.68 21.19
C ASN G 16 7.70 -24.75 20.85
N LEU G 17 8.99 -24.39 20.78
CA LEU G 17 10.00 -25.35 20.43
C LEU G 17 10.14 -26.50 21.44
N ASN G 18 9.62 -26.34 22.66
CA ASN G 18 9.69 -27.39 23.60
C ASN G 18 8.91 -28.60 23.12
N LEU G 19 7.99 -28.39 22.19
CA LEU G 19 7.14 -29.45 21.64
C LEU G 19 7.68 -30.08 20.36
N LEU G 20 8.84 -29.62 19.94
CA LEU G 20 9.48 -30.17 18.75
C LEU G 20 9.47 -31.67 18.69
N GLY G 21 9.00 -32.13 17.56
CA GLY G 21 8.94 -33.55 17.36
C GLY G 21 7.95 -34.28 18.21
N GLN G 22 6.95 -33.66 18.85
CA GLN G 22 5.96 -34.49 19.54
C GLN G 22 4.53 -34.27 19.14
N ARG G 23 4.33 -33.72 17.95
CA ARG G 23 2.99 -33.63 17.38
C ARG G 23 2.53 -34.92 16.70
N GLN G 24 1.25 -35.25 16.93
CA GLN G 24 0.59 -36.54 16.56
C GLN G 24 0.14 -36.79 15.08
N PRO G 25 0.08 -38.06 14.63
CA PRO G 25 0.24 -39.26 15.47
C PRO G 25 1.69 -39.54 15.86
N GLU G 26 2.31 -40.47 15.18
CA GLU G 26 3.65 -40.80 15.61
C GLU G 26 4.47 -41.05 14.40
N ILE G 27 5.14 -39.98 13.97
CA ILE G 27 6.10 -40.12 12.90
C ILE G 27 7.44 -40.62 13.40
N TYR G 28 7.78 -41.86 13.07
CA TYR G 28 9.00 -42.44 13.58
C TYR G 28 10.24 -41.61 13.26
N GLY G 29 11.11 -41.49 14.26
CA GLY G 29 12.43 -40.91 14.10
C GLY G 29 12.55 -39.39 13.91
N SER G 30 11.57 -38.64 14.41
CA SER G 30 11.57 -37.19 14.25
C SER G 30 12.40 -36.62 15.39
N ASP G 31 13.05 -35.50 15.16
CA ASP G 31 13.91 -35.02 16.24
C ASP G 31 13.17 -34.21 17.32
N THR G 32 13.51 -34.47 18.59
CA THR G 32 13.06 -33.63 19.69
C THR G 32 14.07 -32.53 20.09
N LEU G 33 13.63 -31.62 20.96
CA LEU G 33 14.49 -30.52 21.38
C LEU G 33 15.75 -31.10 22.06
N ALA G 34 15.59 -32.17 22.82
CA ALA G 34 16.71 -32.89 23.41
C ALA G 34 17.69 -33.44 22.35
N ASP G 35 17.15 -33.94 21.25
CA ASP G 35 17.97 -34.44 20.18
C ASP G 35 18.80 -33.34 19.60
N VAL G 36 18.20 -32.17 19.45
CA VAL G 36 18.88 -31.02 18.90
C VAL G 36 19.94 -30.60 19.90
N GLU G 37 19.63 -30.60 21.20
CA GLU G 37 20.67 -30.23 22.14
C GLU G 37 21.91 -31.17 22.03
N ALA G 38 21.67 -32.46 21.86
CA ALA G 38 22.72 -33.45 21.74
C ALA G 38 23.51 -33.21 20.47
N LEU G 39 22.81 -32.93 19.35
CA LEU G 39 23.55 -32.56 18.11
C LEU G 39 24.43 -31.34 18.35
N CYS G 40 23.95 -30.37 19.13
CA CYS G 40 24.69 -29.12 19.34
C CYS G 40 25.98 -29.33 20.20
N VAL G 41 25.84 -30.13 21.22
CA VAL G 41 26.95 -30.48 22.10
C VAL G 41 28.08 -31.12 21.33
N LYS G 42 27.76 -32.04 20.42
CA LYS G 42 28.74 -32.70 19.56
C LYS G 42 29.36 -31.74 18.53
N ALA G 43 28.53 -30.88 17.96
CA ALA G 43 29.10 -29.91 17.03
C ALA G 43 30.11 -28.97 17.66
N ALA G 44 29.81 -28.46 18.81
CA ALA G 44 30.74 -27.60 19.46
C ALA G 44 32.00 -28.39 19.92
N ALA G 45 31.85 -29.60 20.44
CA ALA G 45 33.01 -30.41 20.82
C ALA G 45 34.00 -30.65 19.67
N ALA G 46 33.48 -30.81 18.47
CA ALA G 46 34.37 -30.99 17.33
C ALA G 46 35.34 -29.83 17.19
N HIS G 47 35.01 -28.70 17.78
CA HIS G 47 35.86 -27.53 17.69
C HIS G 47 36.46 -27.14 19.04
N GLY G 48 36.27 -28.02 20.02
CA GLY G 48 36.84 -27.83 21.36
C GLY G 48 35.92 -27.07 22.28
N GLY G 49 34.71 -26.78 21.81
CA GLY G 49 33.86 -25.88 22.54
C GLY G 49 32.71 -26.56 23.25
N THR G 50 31.91 -25.74 23.90
CA THR G 50 30.73 -26.19 24.61
C THR G 50 29.48 -25.39 24.26
N VAL G 51 28.35 -25.78 24.83
CA VAL G 51 27.11 -25.07 24.57
C VAL G 51 26.27 -24.94 25.81
N ASP G 52 25.43 -23.89 25.86
CA ASP G 52 24.54 -23.62 26.99
C ASP G 52 23.23 -23.48 26.27
N PHE G 53 22.46 -24.56 26.30
CA PHE G 53 21.23 -24.71 25.53
C PHE G 53 19.96 -24.44 26.32
N ARG G 54 19.16 -23.45 25.89
CA ARG G 54 17.98 -23.10 26.69
C ARG G 54 16.72 -22.88 25.86
N GLN G 55 15.56 -22.98 26.48
CA GLN G 55 14.36 -22.65 25.75
C GLN G 55 13.36 -21.95 26.63
N SER G 56 12.66 -20.98 26.05
CA SER G 56 11.66 -20.21 26.73
C SER G 56 10.48 -19.83 25.85
N ASN G 57 9.28 -19.84 26.45
CA ASN G 57 8.06 -19.26 25.89
C ASN G 57 7.92 -17.74 26.10
N HIS G 58 8.78 -17.12 26.91
CA HIS G 58 8.64 -15.77 27.40
C HIS G 58 9.62 -14.80 26.79
N GLU G 59 9.11 -13.76 26.13
CA GLU G 59 9.92 -12.80 25.41
C GLU G 59 11.00 -12.20 26.28
N GLY G 60 10.55 -11.84 27.47
CA GLY G 60 11.37 -11.14 28.45
C GLY G 60 12.54 -11.93 29.04
N GLU G 61 12.29 -13.22 29.18
CA GLU G 61 13.34 -14.14 29.61
C GLU G 61 14.39 -14.30 28.56
N LEU G 62 13.99 -14.30 27.27
CA LEU G 62 14.93 -14.44 26.16
C LEU G 62 15.86 -13.23 26.20
N VAL G 63 15.28 -12.05 26.42
CA VAL G 63 16.01 -10.77 26.53
C VAL G 63 17.03 -10.91 27.69
N ASP G 64 16.61 -11.44 28.84
CA ASP G 64 17.47 -11.57 30.02
C ASP G 64 18.66 -12.46 29.70
N TRP G 65 18.38 -13.56 29.00
CA TRP G 65 19.36 -14.55 28.62
C TRP G 65 20.33 -13.97 27.55
N ILE G 66 19.86 -13.02 26.76
CA ILE G 66 20.72 -12.41 25.77
C ILE G 66 21.70 -11.49 26.52
N HIS G 67 21.23 -10.86 27.60
CA HIS G 67 22.04 -9.90 28.38
C HIS G 67 23.18 -10.68 29.06
N GLU G 68 22.82 -11.86 29.54
CA GLU G 68 23.72 -12.84 30.15
C GLU G 68 24.82 -13.23 29.18
N ALA G 69 24.42 -13.55 27.95
CA ALA G 69 25.34 -14.04 26.95
C ALA G 69 26.32 -12.98 26.60
N ARG G 70 25.84 -11.75 26.67
CA ARG G 70 26.60 -10.57 26.26
C ARG G 70 27.85 -10.50 27.10
N LEU G 71 27.70 -10.86 28.36
CA LEU G 71 28.85 -10.87 29.25
C LEU G 71 29.52 -12.22 29.50
N ASN G 72 28.82 -13.34 29.38
CA ASN G 72 29.39 -14.61 29.71
C ASN G 72 29.67 -15.66 28.61
N HIS G 73 29.26 -15.37 27.38
CA HIS G 73 29.26 -16.34 26.31
C HIS G 73 30.05 -15.93 25.05
N CYS G 74 30.36 -16.92 24.22
CA CYS G 74 31.25 -16.60 23.10
C CYS G 74 30.48 -16.32 21.86
N GLY G 75 29.18 -16.60 21.89
CA GLY G 75 28.36 -16.32 20.74
C GLY G 75 26.94 -16.76 20.95
N ILE G 76 26.05 -16.40 20.03
CA ILE G 76 24.67 -16.82 20.17
C ILE G 76 24.14 -17.55 18.95
N VAL G 77 23.49 -18.71 19.17
CA VAL G 77 22.72 -19.33 18.11
C VAL G 77 21.26 -19.18 18.57
N ILE G 78 20.45 -18.58 17.72
CA ILE G 78 19.07 -18.29 18.12
C ILE G 78 17.98 -18.73 17.15
N ASN G 79 17.05 -19.51 17.69
CA ASN G 79 15.81 -19.86 17.00
C ASN G 79 14.67 -19.14 17.73
N PRO G 80 14.35 -17.95 17.30
CA PRO G 80 13.38 -17.16 18.04
C PRO G 80 11.97 -17.59 17.84
N ALA G 81 11.74 -18.50 16.89
CA ALA G 81 10.40 -18.98 16.63
C ALA G 81 9.44 -17.83 16.34
N ALA G 82 8.21 -17.88 16.88
CA ALA G 82 7.28 -16.79 16.69
C ALA G 82 7.78 -15.37 16.95
N TYR G 83 8.70 -15.22 17.90
CA TYR G 83 9.21 -13.94 18.24
C TYR G 83 10.05 -13.33 17.19
N SER G 84 10.53 -14.10 16.24
CA SER G 84 11.24 -13.54 15.11
C SER G 84 10.44 -12.47 14.39
N HIS G 85 9.17 -12.76 14.23
CA HIS G 85 8.26 -11.87 13.52
C HIS G 85 7.64 -10.66 14.36
N THR G 86 7.70 -10.71 15.67
CA THR G 86 7.04 -9.74 16.58
C THR G 86 7.89 -9.00 17.57
N SER G 87 9.12 -9.47 17.84
CA SER G 87 9.89 -8.91 18.93
C SER G 87 10.98 -7.92 18.54
N VAL G 88 10.66 -6.65 18.46
CA VAL G 88 11.69 -5.60 18.50
C VAL G 88 12.55 -5.67 19.77
N ALA G 89 11.98 -6.10 20.86
CA ALA G 89 12.70 -6.23 22.12
C ALA G 89 13.86 -7.20 22.00
N ILE G 90 13.65 -8.31 21.28
CA ILE G 90 14.71 -9.28 21.14
C ILE G 90 15.75 -8.73 20.19
N LEU G 91 15.34 -8.00 19.15
CA LEU G 91 16.39 -7.37 18.30
C LEU G 91 17.20 -6.37 19.05
N ASP G 92 16.52 -5.59 19.89
CA ASP G 92 17.21 -4.50 20.60
C ASP G 92 18.21 -5.10 21.61
N ALA G 93 17.84 -6.20 22.22
CA ALA G 93 18.80 -6.94 23.05
C ALA G 93 20.05 -7.45 22.30
N LEU G 94 19.84 -8.09 21.14
CA LEU G 94 20.93 -8.57 20.28
C LEU G 94 21.78 -7.37 19.89
N ASN G 95 21.20 -6.19 19.70
CA ASN G 95 21.96 -5.00 19.30
C ASN G 95 22.87 -4.53 20.42
N THR G 96 22.59 -4.90 21.68
CA THR G 96 23.54 -4.49 22.74
C THR G 96 24.77 -5.38 22.82
N CYS G 97 24.79 -6.44 22.03
CA CYS G 97 25.87 -7.39 22.11
C CYS G 97 26.94 -7.03 21.13
N ASP G 98 27.57 -5.87 21.29
CA ASP G 98 28.57 -5.42 20.31
C ASP G 98 29.72 -6.40 20.03
N GLY G 99 29.97 -6.68 18.75
CA GLY G 99 31.05 -7.59 18.39
C GLY G 99 30.68 -9.07 18.49
N LEU G 100 29.71 -9.42 19.32
CA LEU G 100 29.34 -10.80 19.51
C LEU G 100 28.76 -11.44 18.28
N PRO G 101 29.25 -12.59 17.89
CA PRO G 101 28.64 -13.31 16.76
C PRO G 101 27.23 -13.85 16.99
N VAL G 102 26.32 -13.76 16.02
CA VAL G 102 24.94 -14.22 16.17
C VAL G 102 24.52 -14.86 14.89
N VAL G 103 23.91 -16.05 14.98
CA VAL G 103 23.34 -16.75 13.86
C VAL G 103 21.92 -17.11 14.21
N GLU G 104 20.99 -16.79 13.27
CA GLU G 104 19.57 -17.06 13.51
C GLU G 104 19.26 -18.38 12.79
N VAL G 105 18.56 -19.28 13.45
CA VAL G 105 18.23 -20.54 12.83
C VAL G 105 16.69 -20.78 12.81
N HIS G 106 16.19 -21.12 11.64
CA HIS G 106 14.78 -21.54 11.48
C HIS G 106 14.73 -22.97 10.91
N ILE G 107 14.02 -23.89 11.56
CA ILE G 107 14.06 -25.25 11.05
C ILE G 107 13.38 -25.32 9.69
N SER G 108 12.26 -24.63 9.56
CA SER G 108 11.47 -24.66 8.36
C SER G 108 11.82 -23.46 7.48
N ASN G 109 11.47 -23.53 6.20
CA ASN G 109 11.80 -22.42 5.28
C ASN G 109 10.70 -21.39 5.42
N ILE G 110 10.92 -20.37 6.25
CA ILE G 110 9.86 -19.41 6.55
C ILE G 110 9.33 -18.68 5.30
N HIS G 111 10.19 -18.53 4.29
CA HIS G 111 9.84 -17.93 3.02
C HIS G 111 8.82 -18.76 2.21
N GLN G 112 8.53 -20.01 2.55
CA GLN G 112 7.43 -20.71 1.87
C GLN G 112 6.15 -20.76 2.65
N ARG G 113 6.11 -20.06 3.77
CA ARG G 113 4.90 -20.10 4.59
C ARG G 113 4.14 -18.77 4.45
N GLU G 114 3.23 -18.49 5.38
CA GLU G 114 2.49 -17.22 5.36
C GLU G 114 3.37 -15.98 5.26
N PRO G 115 2.85 -14.94 4.59
CA PRO G 115 3.54 -13.66 4.41
C PRO G 115 4.01 -13.00 5.69
N PHE G 116 3.26 -13.09 6.76
CA PHE G 116 3.77 -12.48 7.98
C PHE G 116 5.05 -13.16 8.50
N ARG G 117 5.34 -14.38 8.08
CA ARG G 117 6.52 -15.04 8.61
C ARG G 117 7.70 -14.76 7.72
N HIS G 118 7.53 -13.92 6.70
CA HIS G 118 8.63 -13.66 5.76
C HIS G 118 9.58 -12.62 6.33
N HIS G 119 9.12 -11.80 7.25
CA HIS G 119 9.99 -10.86 7.87
C HIS G 119 10.37 -11.29 9.30
N SER G 120 11.67 -11.18 9.54
CA SER G 120 12.28 -11.34 10.85
C SER G 120 13.06 -10.12 11.26
N TYR G 121 12.72 -9.64 12.46
CA TYR G 121 13.47 -8.56 13.16
C TYR G 121 14.88 -8.98 13.57
N VAL G 122 15.04 -10.25 13.96
CA VAL G 122 16.36 -10.76 14.37
C VAL G 122 17.34 -10.69 13.18
N SER G 123 16.83 -10.90 11.97
CA SER G 123 17.66 -10.98 10.79
C SER G 123 18.39 -9.71 10.49
N GLN G 124 17.94 -8.57 11.01
CA GLN G 124 18.70 -7.37 10.74
C GLN G 124 19.90 -7.18 11.65
N ARG G 125 19.93 -7.98 12.71
CA ARG G 125 21.14 -7.98 13.53
C ARG G 125 21.99 -9.23 13.29
N ALA G 126 21.38 -10.42 13.28
CA ALA G 126 22.12 -11.65 13.01
C ALA G 126 23.16 -11.52 11.86
N ASP G 127 24.31 -12.11 12.10
CA ASP G 127 25.44 -12.05 11.18
C ASP G 127 25.06 -12.93 10.00
N GLY G 128 24.43 -14.06 10.29
CA GLY G 128 24.00 -15.04 9.29
C GLY G 128 22.63 -15.65 9.67
N VAL G 129 21.86 -16.05 8.66
CA VAL G 129 20.54 -16.59 8.88
C VAL G 129 20.44 -17.94 8.15
N VAL G 130 20.01 -18.97 8.83
CA VAL G 130 19.88 -20.26 8.17
C VAL G 130 18.42 -20.69 8.28
N ALA G 131 17.73 -20.90 7.17
CA ALA G 131 16.35 -21.35 7.21
C ALA G 131 16.09 -22.58 6.33
N GLY G 132 15.30 -23.51 6.86
CA GLY G 132 14.92 -24.73 6.17
C GLY G 132 15.98 -25.73 5.78
N CYS G 133 16.98 -25.84 6.62
CA CYS G 133 17.96 -26.88 6.59
C CYS G 133 17.68 -27.88 7.68
N GLY G 134 16.46 -27.91 8.20
CA GLY G 134 16.13 -28.84 9.28
C GLY G 134 16.90 -28.54 10.56
N VAL G 135 17.00 -29.54 11.44
CA VAL G 135 17.69 -29.45 12.71
C VAL G 135 19.15 -29.35 12.43
N GLN G 136 19.56 -29.73 11.23
CA GLN G 136 20.94 -29.55 10.78
C GLN G 136 21.38 -28.09 10.71
N GLY G 137 20.40 -27.20 10.53
CA GLY G 137 20.70 -25.78 10.58
C GLY G 137 21.33 -25.34 11.88
N TYR G 138 20.99 -25.99 12.98
CA TYR G 138 21.64 -25.68 14.23
C TYR G 138 23.14 -25.98 14.18
N VAL G 139 23.51 -27.09 13.53
CA VAL G 139 24.90 -27.46 13.42
C VAL G 139 25.65 -26.47 12.52
N PHE G 140 24.97 -25.97 11.50
CA PHE G 140 25.55 -24.92 10.65
C PHE G 140 25.71 -23.70 11.57
N GLY G 141 24.80 -23.47 12.51
CA GLY G 141 24.91 -22.27 13.31
C GLY G 141 26.12 -22.32 14.24
N VAL G 142 26.33 -23.51 14.81
CA VAL G 142 27.54 -23.73 15.67
C VAL G 142 28.86 -23.60 14.89
N GLU G 143 28.86 -24.13 13.69
CA GLU G 143 30.05 -24.02 12.85
C GLU G 143 30.40 -22.62 12.46
N ARG G 144 29.37 -21.82 12.19
CA ARG G 144 29.57 -20.42 11.87
C ARG G 144 30.11 -19.67 13.11
N ILE G 145 29.56 -19.94 14.28
CA ILE G 145 30.08 -19.30 15.47
C ILE G 145 31.57 -19.70 15.62
N ALA G 146 31.90 -20.98 15.45
CA ALA G 146 33.25 -21.46 15.65
C ALA G 146 34.17 -20.72 14.69
N ALA G 147 33.74 -20.47 13.47
CA ALA G 147 34.57 -19.70 12.54
C ALA G 147 34.64 -18.22 12.88
N LEU G 148 33.60 -17.60 13.40
CA LEU G 148 33.69 -16.18 13.71
C LEU G 148 34.42 -15.95 15.01
N ALA G 149 34.37 -16.95 15.87
CA ALA G 149 35.01 -16.83 17.15
C ALA G 149 36.54 -16.96 17.01
N GLY G 150 37.01 -17.82 16.09
CA GLY G 150 38.43 -18.06 15.92
C GLY G 150 38.97 -17.66 14.55
N ARG H 2 -10.35 -36.83 24.34
CA ARG H 2 -10.97 -36.41 25.63
C ARG H 2 -12.33 -35.72 25.43
N SER H 3 -13.36 -36.25 26.08
CA SER H 3 -14.69 -35.65 26.04
C SER H 3 -14.98 -34.59 27.08
N LEU H 4 -16.18 -34.05 26.97
CA LEU H 4 -16.67 -33.14 27.98
C LEU H 4 -16.78 -33.83 29.34
N ALA H 5 -17.27 -35.08 29.39
CA ALA H 5 -17.38 -35.81 30.68
C ALA H 5 -16.03 -36.28 31.22
N ASN H 6 -15.05 -36.37 30.31
CA ASN H 6 -13.66 -36.72 30.64
C ASN H 6 -12.84 -35.64 31.30
N ALA H 7 -12.78 -34.49 30.61
CA ALA H 7 -11.89 -33.38 30.99
C ALA H 7 -12.54 -32.02 30.89
N PRO H 8 -12.04 -31.06 31.68
CA PRO H 8 -12.61 -29.73 31.65
C PRO H 8 -12.32 -29.00 30.36
N ILE H 9 -13.11 -27.96 30.12
CA ILE H 9 -12.87 -27.00 29.07
C ILE H 9 -12.03 -25.96 29.72
N MET H 10 -10.91 -25.66 29.07
CA MET H 10 -10.06 -24.58 29.49
C MET H 10 -10.63 -23.28 28.97
N ILE H 11 -10.71 -22.26 29.83
CA ILE H 11 -11.23 -20.99 29.38
C ILE H 11 -10.08 -20.04 29.64
N LEU H 12 -9.40 -19.57 28.61
CA LEU H 12 -8.31 -18.67 28.87
C LEU H 12 -8.67 -17.21 28.66
N ASN H 13 -8.23 -16.37 29.59
CA ASN H 13 -8.38 -14.93 29.47
C ASN H 13 -7.07 -14.12 29.41
N GLY H 14 -6.94 -13.30 28.38
CA GLY H 14 -5.79 -12.42 28.13
C GLY H 14 -5.63 -11.15 28.96
N PRO H 15 -4.68 -10.30 28.58
CA PRO H 15 -4.35 -9.21 29.48
C PRO H 15 -5.42 -8.21 29.75
N ASN H 16 -5.36 -7.64 30.93
CA ASN H 16 -6.18 -6.48 31.30
C ASN H 16 -7.61 -6.84 31.62
N LEU H 17 -7.99 -8.07 31.30
CA LEU H 17 -9.30 -8.56 31.62
C LEU H 17 -9.50 -8.76 33.11
N ASN H 18 -8.44 -8.85 33.90
CA ASN H 18 -8.62 -8.83 35.36
C ASN H 18 -9.40 -7.59 35.80
N LEU H 19 -9.41 -6.51 35.00
CA LEU H 19 -10.11 -5.31 35.40
C LEU H 19 -11.46 -5.15 34.83
N LEU H 20 -12.03 -6.24 34.35
CA LEU H 20 -13.34 -6.19 33.73
C LEU H 20 -14.46 -5.86 34.71
N GLY H 21 -15.24 -4.85 34.37
CA GLY H 21 -16.36 -4.39 35.16
C GLY H 21 -15.96 -3.49 36.32
N GLN H 22 -14.70 -3.12 36.39
CA GLN H 22 -14.20 -2.32 37.49
C GLN H 22 -13.83 -0.97 36.95
N ARG H 23 -14.26 -0.64 35.73
CA ARG H 23 -13.82 0.62 35.16
C ARG H 23 -14.83 1.73 35.26
N GLN H 24 -15.67 1.84 34.25
CA GLN H 24 -16.68 2.89 34.24
C GLN H 24 -18.02 2.19 34.09
N PRO H 25 -18.51 1.71 35.23
CA PRO H 25 -19.77 0.96 35.27
C PRO H 25 -20.83 1.93 34.82
N GLU H 26 -20.99 1.98 33.51
CA GLU H 26 -21.82 2.99 32.90
C GLU H 26 -21.54 2.91 31.40
N ILE H 27 -20.26 2.98 31.04
CA ILE H 27 -19.80 2.94 29.64
C ILE H 27 -19.29 1.54 29.33
N TYR H 28 -18.72 0.90 30.35
CA TYR H 28 -18.33 -0.50 30.27
C TYR H 28 -19.36 -1.26 31.12
N GLY H 29 -19.44 -2.57 30.96
CA GLY H 29 -20.38 -3.35 31.75
C GLY H 29 -20.18 -3.29 33.25
N SER H 30 -20.83 -4.19 33.94
CA SER H 30 -20.72 -4.24 35.38
C SER H 30 -20.26 -5.63 35.81
N ASP H 31 -20.37 -6.60 34.91
CA ASP H 31 -19.93 -7.96 35.16
C ASP H 31 -18.40 -7.99 35.29
N THR H 32 -17.93 -8.86 36.16
CA THR H 32 -16.51 -9.05 36.36
C THR H 32 -16.12 -10.41 35.85
N LEU H 33 -14.82 -10.59 35.78
CA LEU H 33 -14.26 -11.87 35.42
C LEU H 33 -14.88 -12.96 36.28
N ALA H 34 -15.22 -12.67 37.55
CA ALA H 34 -15.91 -13.66 38.42
C ALA H 34 -17.33 -13.92 37.93
N ASP H 35 -18.01 -12.88 37.46
CA ASP H 35 -19.27 -13.16 36.81
C ASP H 35 -19.11 -13.96 35.50
N VAL H 36 -18.08 -13.70 34.67
CA VAL H 36 -18.01 -14.52 33.47
C VAL H 36 -17.73 -16.01 33.83
N GLU H 37 -16.87 -16.23 34.82
CA GLU H 37 -16.57 -17.58 35.24
C GLU H 37 -17.80 -18.36 35.67
N ALA H 38 -18.70 -17.67 36.33
CA ALA H 38 -19.88 -18.34 36.88
C ALA H 38 -20.81 -18.77 35.73
N LEU H 39 -20.90 -17.91 34.71
CA LEU H 39 -21.70 -18.24 33.52
C LEU H 39 -21.19 -19.48 32.83
N CYS H 40 -19.88 -19.55 32.62
CA CYS H 40 -19.21 -20.69 32.00
C CYS H 40 -19.47 -22.00 32.84
N VAL H 41 -19.25 -21.97 34.15
CA VAL H 41 -19.48 -23.17 35.00
C VAL H 41 -20.91 -23.70 34.77
N LYS H 42 -21.88 -22.79 34.78
CA LYS H 42 -23.30 -23.05 34.59
C LYS H 42 -23.58 -23.73 33.24
N ALA H 43 -23.06 -23.11 32.18
CA ALA H 43 -23.26 -23.58 30.82
C ALA H 43 -22.64 -24.92 30.66
N ALA H 44 -21.41 -25.08 31.13
CA ALA H 44 -20.76 -26.39 31.09
C ALA H 44 -21.52 -27.49 31.90
N ALA H 45 -21.97 -27.16 33.10
CA ALA H 45 -22.66 -28.16 33.90
C ALA H 45 -23.86 -28.73 33.20
N ALA H 46 -24.53 -27.86 32.44
CA ALA H 46 -25.75 -28.25 31.77
C ALA H 46 -25.51 -29.38 30.78
N HIS H 47 -24.28 -29.43 30.23
CA HIS H 47 -23.86 -30.44 29.28
C HIS H 47 -23.02 -31.52 29.98
N GLY H 48 -23.08 -31.56 31.31
CA GLY H 48 -22.28 -32.46 32.12
C GLY H 48 -20.79 -32.21 32.14
N GLY H 49 -20.35 -30.96 31.89
CA GLY H 49 -18.93 -30.69 31.85
C GLY H 49 -18.47 -29.77 32.98
N THR H 50 -17.20 -29.36 32.93
CA THR H 50 -16.58 -28.44 33.88
C THR H 50 -15.60 -27.55 33.15
N VAL H 51 -15.13 -26.51 33.83
CA VAL H 51 -14.23 -25.57 33.24
C VAL H 51 -13.07 -25.32 34.18
N ASP H 52 -11.97 -24.88 33.59
CA ASP H 52 -10.76 -24.47 34.29
C ASP H 52 -10.57 -23.03 33.77
N PHE H 53 -10.81 -22.03 34.60
CA PHE H 53 -10.99 -20.65 34.18
C PHE H 53 -9.74 -19.87 34.55
N ARG H 54 -9.02 -19.27 33.58
CA ARG H 54 -7.76 -18.64 33.94
C ARG H 54 -7.51 -17.33 33.21
N GLN H 55 -6.74 -16.46 33.85
CA GLN H 55 -6.45 -15.14 33.34
C GLN H 55 -4.98 -14.83 33.57
N SER H 56 -4.34 -14.18 32.62
CA SER H 56 -2.97 -13.77 32.81
C SER H 56 -2.76 -12.62 31.87
N ASN H 57 -1.81 -11.82 32.26
CA ASN H 57 -1.28 -10.73 31.45
C ASN H 57 0.01 -11.04 30.69
N HIS H 58 0.50 -12.27 30.88
CA HIS H 58 1.70 -12.70 30.18
C HIS H 58 1.51 -13.60 28.98
N GLU H 59 2.17 -13.19 27.90
CA GLU H 59 2.03 -13.93 26.66
C GLU H 59 2.50 -15.38 26.83
N GLY H 60 3.67 -15.46 27.48
CA GLY H 60 4.35 -16.71 27.72
C GLY H 60 3.56 -17.68 28.57
N GLU H 61 2.87 -17.17 29.59
CA GLU H 61 2.09 -18.03 30.45
C GLU H 61 0.84 -18.55 29.73
N LEU H 62 0.24 -17.71 28.89
CA LEU H 62 -0.88 -18.19 28.06
C LEU H 62 -0.41 -19.31 27.16
N VAL H 63 0.80 -19.21 26.61
CA VAL H 63 1.37 -20.27 25.73
C VAL H 63 1.61 -21.53 26.60
N ASP H 64 2.12 -21.38 27.81
CA ASP H 64 2.31 -22.53 28.70
C ASP H 64 0.99 -23.19 28.91
N TRP H 65 -0.05 -22.41 29.18
CA TRP H 65 -1.37 -23.01 29.46
C TRP H 65 -2.06 -23.69 28.29
N ILE H 66 -1.77 -23.20 27.10
CA ILE H 66 -2.34 -23.84 25.96
C ILE H 66 -1.70 -25.23 25.81
N HIS H 67 -0.40 -25.30 26.08
CA HIS H 67 0.35 -26.56 26.05
C HIS H 67 -0.25 -27.54 27.05
N GLU H 68 -0.70 -27.00 28.19
CA GLU H 68 -1.26 -27.86 29.23
C GLU H 68 -2.61 -28.38 28.74
N ALA H 69 -3.41 -27.51 28.11
CA ALA H 69 -4.74 -27.87 27.61
C ALA H 69 -4.67 -28.96 26.57
N ARG H 70 -3.69 -28.78 25.70
CA ARG H 70 -3.34 -29.70 24.69
C ARG H 70 -3.32 -31.18 25.12
N LEU H 71 -2.90 -31.46 26.34
CA LEU H 71 -2.86 -32.80 26.87
C LEU H 71 -3.92 -33.16 27.87
N ASN H 72 -4.53 -32.17 28.50
CA ASN H 72 -5.37 -32.45 29.67
C ASN H 72 -6.83 -31.96 29.61
N HIS H 73 -7.21 -31.29 28.53
CA HIS H 73 -8.50 -30.66 28.50
C HIS H 73 -9.23 -31.07 27.25
N CYS H 74 -10.55 -30.92 27.22
CA CYS H 74 -11.38 -31.21 26.04
C CYS H 74 -11.58 -30.13 25.00
N GLY H 75 -11.24 -28.87 25.31
CA GLY H 75 -11.21 -27.80 24.32
C GLY H 75 -10.77 -26.49 24.94
N ILE H 76 -10.65 -25.43 24.14
CA ILE H 76 -10.31 -24.12 24.62
C ILE H 76 -11.26 -23.00 24.16
N VAL H 77 -11.70 -22.24 25.14
CA VAL H 77 -12.39 -21.03 24.85
C VAL H 77 -11.37 -19.98 25.19
N ILE H 78 -11.02 -19.12 24.23
CA ILE H 78 -10.03 -18.07 24.50
C ILE H 78 -10.41 -16.66 24.08
N ASN H 79 -10.22 -15.71 25.01
CA ASN H 79 -10.35 -14.28 24.81
C ASN H 79 -8.95 -13.79 25.04
N PRO H 80 -8.20 -13.60 23.97
CA PRO H 80 -6.80 -13.22 24.05
C PRO H 80 -6.59 -11.73 24.28
N ALA H 81 -7.67 -10.96 24.31
CA ALA H 81 -7.58 -9.51 24.46
C ALA H 81 -6.56 -8.92 23.54
N ALA H 82 -5.66 -8.08 24.06
CA ALA H 82 -4.71 -7.46 23.13
C ALA H 82 -3.83 -8.39 22.32
N TYR H 83 -3.54 -9.54 22.92
CA TYR H 83 -2.65 -10.48 22.30
C TYR H 83 -3.23 -11.09 21.02
N SER H 84 -4.53 -10.98 20.82
CA SER H 84 -5.21 -11.32 19.58
C SER H 84 -4.54 -10.67 18.40
N HIS H 85 -4.13 -9.42 18.58
CA HIS H 85 -3.61 -8.63 17.49
C HIS H 85 -2.07 -8.68 17.32
N THR H 86 -1.37 -9.19 18.31
CA THR H 86 0.10 -9.11 18.25
C THR H 86 0.79 -10.46 18.35
N SER H 87 0.09 -11.46 18.90
CA SER H 87 0.74 -12.72 19.20
C SER H 87 0.75 -13.92 18.22
N VAL H 88 1.77 -14.01 17.38
CA VAL H 88 2.16 -15.20 16.67
C VAL H 88 2.49 -16.38 17.59
N ALA H 89 3.03 -16.09 18.77
CA ALA H 89 3.38 -17.14 19.67
C ALA H 89 2.13 -17.92 20.13
N ILE H 90 1.02 -17.27 20.43
CA ILE H 90 -0.18 -17.96 20.91
C ILE H 90 -0.85 -18.62 19.72
N LEU H 91 -0.78 -17.99 18.55
CA LEU H 91 -1.28 -18.69 17.37
C LEU H 91 -0.57 -20.04 17.17
N ASP H 92 0.76 -20.01 17.29
CA ASP H 92 1.60 -21.18 17.14
C ASP H 92 1.32 -22.21 18.25
N ALA H 93 1.12 -21.76 19.48
CA ALA H 93 0.72 -22.75 20.48
C ALA H 93 -0.56 -23.45 20.08
N LEU H 94 -1.56 -22.66 19.67
CA LEU H 94 -2.86 -23.24 19.30
C LEU H 94 -2.68 -24.20 18.14
N ASN H 95 -1.77 -23.90 17.20
CA ASN H 95 -1.49 -24.80 16.12
C ASN H 95 -0.95 -26.22 16.56
N THR H 96 -0.36 -26.37 17.74
CA THR H 96 0.12 -27.68 18.17
C THR H 96 -1.02 -28.51 18.71
N CYS H 97 -2.15 -27.89 18.97
CA CYS H 97 -3.22 -28.64 19.61
C CYS H 97 -4.08 -29.28 18.53
N ASP H 98 -3.46 -30.18 17.79
CA ASP H 98 -4.06 -30.92 16.69
C ASP H 98 -5.37 -31.61 17.05
N GLY H 99 -6.46 -31.31 16.32
CA GLY H 99 -7.77 -31.90 16.59
C GLY H 99 -8.45 -31.35 17.83
N LEU H 100 -7.91 -30.27 18.38
CA LEU H 100 -8.53 -29.77 19.59
C LEU H 100 -9.44 -28.62 19.25
N PRO H 101 -10.67 -28.66 19.74
CA PRO H 101 -11.58 -27.56 19.46
C PRO H 101 -11.24 -26.26 20.18
N VAL H 102 -11.34 -25.18 19.42
CA VAL H 102 -11.00 -23.85 19.92
C VAL H 102 -11.98 -22.78 19.47
N VAL H 103 -12.42 -21.97 20.42
CA VAL H 103 -13.31 -20.88 20.07
C VAL H 103 -12.73 -19.58 20.59
N GLU H 104 -12.66 -18.57 19.72
CA GLU H 104 -12.17 -17.26 20.06
C GLU H 104 -13.34 -16.35 20.51
N VAL H 105 -13.20 -15.68 21.63
CA VAL H 105 -14.25 -14.75 22.11
C VAL H 105 -13.74 -13.36 22.38
N HIS H 106 -14.39 -12.35 21.80
CA HIS H 106 -14.17 -10.96 22.10
C HIS H 106 -15.48 -10.40 22.64
N ILE H 107 -15.46 -9.69 23.76
CA ILE H 107 -16.60 -9.03 24.36
C ILE H 107 -17.25 -7.93 23.55
N SER H 108 -16.41 -7.04 23.11
CA SER H 108 -16.80 -5.98 22.23
C SER H 108 -16.62 -6.46 20.75
N ASN H 109 -17.32 -5.78 19.86
CA ASN H 109 -17.19 -6.02 18.44
C ASN H 109 -15.96 -5.30 17.96
N ILE H 110 -14.83 -6.03 17.92
CA ILE H 110 -13.57 -5.45 17.50
C ILE H 110 -13.58 -4.84 16.10
N HIS H 111 -14.60 -5.13 15.28
CA HIS H 111 -14.64 -4.62 13.89
C HIS H 111 -15.17 -3.17 13.80
N GLN H 112 -15.52 -2.58 14.93
CA GLN H 112 -16.01 -1.21 15.03
C GLN H 112 -14.98 -0.33 15.69
N ARG H 113 -13.84 -0.91 16.06
CA ARG H 113 -12.81 -0.14 16.72
C ARG H 113 -11.72 0.22 15.74
N GLU H 114 -10.56 0.59 16.26
CA GLU H 114 -9.42 0.99 15.45
C GLU H 114 -9.06 -0.10 14.44
N PRO H 115 -8.63 0.28 13.28
CA PRO H 115 -8.20 -0.71 12.29
C PRO H 115 -7.21 -1.77 12.85
N PHE H 116 -6.25 -1.44 13.69
CA PHE H 116 -5.34 -2.47 14.19
C PHE H 116 -6.01 -3.60 15.02
N ARG H 117 -7.21 -3.40 15.56
CA ARG H 117 -7.95 -4.48 16.22
C ARG H 117 -8.75 -5.38 15.29
N HIS H 118 -8.76 -5.09 14.00
CA HIS H 118 -9.53 -5.84 13.03
C HIS H 118 -8.92 -7.21 12.73
N HIS H 119 -7.61 -7.29 12.77
CA HIS H 119 -6.96 -8.54 12.52
C HIS H 119 -6.61 -9.27 13.83
N SER H 120 -6.94 -10.54 13.90
CA SER H 120 -6.57 -11.41 15.03
C SER H 120 -5.78 -12.60 14.47
N TYR H 121 -4.54 -12.76 14.92
CA TYR H 121 -3.74 -14.00 14.69
C TYR H 121 -4.45 -15.27 15.17
N VAL H 122 -5.23 -15.15 16.24
CA VAL H 122 -5.93 -16.34 16.82
C VAL H 122 -6.98 -16.81 15.82
N SER H 123 -7.59 -15.89 15.10
CA SER H 123 -8.62 -16.24 14.13
C SER H 123 -8.21 -17.17 12.99
N GLN H 124 -6.94 -17.30 12.70
CA GLN H 124 -6.64 -18.27 11.69
C GLN H 124 -6.59 -19.70 12.15
N ARG H 125 -6.58 -19.95 13.46
CA ARG H 125 -6.65 -21.31 13.95
C ARG H 125 -8.00 -21.60 14.56
N ALA H 126 -8.62 -20.59 15.14
CA ALA H 126 -9.83 -20.84 15.90
C ALA H 126 -10.91 -21.44 15.02
N ASP H 127 -11.55 -22.49 15.50
CA ASP H 127 -12.68 -23.07 14.81
C ASP H 127 -13.80 -22.05 14.60
N GLY H 128 -14.17 -21.34 15.66
CA GLY H 128 -15.16 -20.29 15.61
C GLY H 128 -14.64 -19.03 16.27
N VAL H 129 -15.11 -17.88 15.81
CA VAL H 129 -14.91 -16.57 16.41
C VAL H 129 -16.23 -15.86 16.77
N VAL H 130 -16.40 -15.49 18.04
CA VAL H 130 -17.56 -14.75 18.48
C VAL H 130 -17.16 -13.38 18.97
N ALA H 131 -17.82 -12.33 18.52
CA ALA H 131 -17.33 -10.99 18.82
C ALA H 131 -18.48 -10.05 19.01
N GLY H 132 -18.40 -9.19 20.02
CA GLY H 132 -19.45 -8.22 20.34
C GLY H 132 -20.78 -8.77 20.76
N CYS H 133 -20.77 -9.97 21.33
CA CYS H 133 -21.92 -10.55 21.99
C CYS H 133 -21.89 -10.39 23.50
N GLY H 134 -21.07 -9.49 24.00
CA GLY H 134 -20.97 -9.38 25.45
C GLY H 134 -20.39 -10.58 26.21
N VAL H 135 -20.58 -10.60 27.52
CA VAL H 135 -20.12 -11.76 28.24
C VAL H 135 -20.84 -13.00 27.76
N GLN H 136 -21.99 -12.83 27.12
CA GLN H 136 -22.78 -14.00 26.73
C GLN H 136 -21.98 -14.80 25.68
N GLY H 137 -21.11 -14.08 24.97
CA GLY H 137 -20.25 -14.81 24.05
C GLY H 137 -19.53 -16.03 24.67
N TYR H 138 -19.14 -15.94 25.93
CA TYR H 138 -18.42 -17.04 26.55
C TYR H 138 -19.37 -18.22 26.69
N VAL H 139 -20.63 -17.95 26.94
CA VAL H 139 -21.63 -19.02 27.01
C VAL H 139 -21.68 -19.58 25.60
N PHE H 140 -21.58 -18.71 24.58
CA PHE H 140 -21.68 -19.26 23.24
C PHE H 140 -20.50 -20.19 23.04
N GLY H 141 -19.28 -19.71 23.32
CA GLY H 141 -18.12 -20.57 23.30
C GLY H 141 -18.21 -21.91 24.02
N VAL H 142 -18.68 -21.91 25.25
CA VAL H 142 -18.87 -23.19 25.94
C VAL H 142 -19.80 -24.13 25.12
N GLU H 143 -20.87 -23.58 24.59
CA GLU H 143 -21.81 -24.39 23.86
C GLU H 143 -21.23 -24.94 22.58
N ARG H 144 -20.36 -24.15 21.94
CA ARG H 144 -19.72 -24.61 20.73
C ARG H 144 -18.76 -25.78 20.98
N ILE H 145 -17.88 -25.65 21.97
CA ILE H 145 -17.01 -26.73 22.42
C ILE H 145 -17.85 -27.98 22.72
N ALA H 146 -18.95 -27.83 23.47
CA ALA H 146 -19.81 -28.95 23.87
C ALA H 146 -20.22 -29.76 22.67
N ALA H 147 -20.80 -29.07 21.70
CA ALA H 147 -21.16 -29.64 20.43
C ALA H 147 -19.95 -30.15 19.70
N LEU H 148 -18.80 -29.48 19.75
CA LEU H 148 -17.65 -30.00 19.00
C LEU H 148 -17.00 -31.20 19.68
N ALA H 149 -17.02 -31.24 21.01
CA ALA H 149 -16.35 -32.31 21.73
C ALA H 149 -17.12 -33.62 21.69
N GLY H 150 -18.43 -33.53 21.45
CA GLY H 150 -19.33 -34.68 21.35
C GLY H 150 -20.04 -34.79 20.00
N ARG I 2 -5.67 12.13 43.05
CA ARG I 2 -4.31 11.99 43.63
C ARG I 2 -3.39 13.16 43.16
N SER I 3 -2.98 14.02 44.09
CA SER I 3 -1.89 14.98 43.89
C SER I 3 -0.44 14.43 44.08
N LEU I 4 0.56 15.25 43.78
CA LEU I 4 1.95 14.86 43.97
C LEU I 4 2.29 14.71 45.43
N ALA I 5 1.53 15.37 46.29
CA ALA I 5 1.76 15.29 47.71
C ALA I 5 1.09 14.04 48.26
N ASN I 6 0.05 13.61 47.60
CA ASN I 6 -0.61 12.40 48.05
C ASN I 6 0.05 11.09 47.61
N ALA I 7 0.79 11.08 46.51
CA ALA I 7 1.30 9.82 45.92
C ALA I 7 2.47 10.04 45.05
N PRO I 8 3.36 9.06 44.96
CA PRO I 8 4.45 9.18 43.98
C PRO I 8 3.95 9.02 42.56
N ILE I 9 4.78 9.57 41.71
CA ILE I 9 4.76 9.43 40.28
C ILE I 9 5.46 8.13 39.94
N MET I 10 4.83 7.26 39.17
CA MET I 10 5.43 6.00 38.69
C MET I 10 6.24 6.27 37.45
N ILE I 11 7.52 5.92 37.45
CA ILE I 11 8.39 6.09 36.31
C ILE I 11 8.69 4.64 35.86
N LEU I 12 8.17 4.25 34.70
CA LEU I 12 8.35 2.90 34.18
C LEU I 12 9.27 2.84 32.99
N ASN I 13 10.21 1.89 33.00
CA ASN I 13 11.20 1.75 31.91
C ASN I 13 11.13 0.37 31.31
N GLY I 14 11.00 0.31 29.98
CA GLY I 14 10.88 -0.96 29.27
C GLY I 14 12.19 -1.73 29.13
N PRO I 15 12.16 -2.70 28.25
CA PRO I 15 13.22 -3.68 28.03
C PRO I 15 14.50 -3.09 27.56
N ASN I 16 15.62 -3.63 28.02
CA ASN I 16 16.98 -3.22 27.58
C ASN I 16 17.50 -1.96 28.21
N LEU I 17 16.68 -1.23 28.95
CA LEU I 17 17.11 0.04 29.50
C LEU I 17 18.04 -0.14 30.75
N ASN I 18 18.05 -1.36 31.28
CA ASN I 18 18.99 -1.74 32.29
C ASN I 18 20.39 -1.53 31.85
N LEU I 19 20.62 -1.66 30.56
CA LEU I 19 21.93 -1.52 30.03
C LEU I 19 22.21 -0.10 29.68
N LEU I 20 21.30 0.81 30.04
CA LEU I 20 21.57 2.21 29.73
C LEU I 20 22.95 2.68 30.21
N GLY I 21 23.70 3.27 29.30
CA GLY I 21 25.02 3.81 29.58
C GLY I 21 26.17 2.82 29.71
N GLN I 22 25.97 1.56 29.37
CA GLN I 22 26.95 0.51 29.60
C GLN I 22 27.42 -0.08 28.32
N ARG I 23 27.03 0.54 27.21
CA ARG I 23 27.42 -0.03 25.95
C ARG I 23 28.68 0.59 25.43
N GLN I 24 28.52 1.63 24.60
CA GLN I 24 29.63 2.32 23.97
C GLN I 24 29.69 3.79 24.43
N PRO I 25 30.32 4.02 25.59
CA PRO I 25 30.49 5.36 26.16
C PRO I 25 31.37 6.18 25.21
N GLU I 26 30.67 6.72 24.22
CA GLU I 26 31.31 7.36 23.09
C GLU I 26 30.21 7.65 22.09
N ILE I 27 29.47 6.59 21.73
CA ILE I 27 28.41 6.66 20.73
C ILE I 27 27.09 6.80 21.45
N TYR I 28 26.99 6.07 22.56
CA TYR I 28 25.88 6.21 23.46
C TYR I 28 26.38 6.96 24.67
N GLY I 29 25.43 7.48 25.43
CA GLY I 29 25.76 8.25 26.61
C GLY I 29 26.56 7.47 27.64
N SER I 30 26.73 8.16 28.75
CA SER I 30 27.47 7.64 29.87
C SER I 30 26.45 7.50 31.00
N ASP I 31 25.33 8.22 30.92
CA ASP I 31 24.30 8.14 31.95
C ASP I 31 23.68 6.74 32.04
N THR I 32 23.45 6.32 33.27
CA THR I 32 22.86 5.01 33.53
C THR I 32 21.46 5.20 34.00
N LEU I 33 20.76 4.09 34.09
CA LEU I 33 19.43 4.12 34.67
C LEU I 33 19.48 4.72 36.07
N ALA I 34 20.58 4.55 36.79
CA ALA I 34 20.68 5.13 38.14
C ALA I 34 20.78 6.62 38.12
N ASP I 35 21.47 7.15 37.10
CA ASP I 35 21.59 8.57 36.95
C ASP I 35 20.23 9.14 36.64
N VAL I 36 19.50 8.47 35.76
CA VAL I 36 18.17 8.90 35.41
C VAL I 36 17.24 8.96 36.63
N GLU I 37 17.24 7.90 37.43
CA GLU I 37 16.41 7.92 38.64
C GLU I 37 16.76 9.14 39.50
N ALA I 38 18.03 9.47 39.59
CA ALA I 38 18.41 10.58 40.44
C ALA I 38 17.86 11.90 39.90
N LEU I 39 17.92 12.08 38.58
CA LEU I 39 17.34 13.26 37.93
C LEU I 39 15.84 13.35 38.24
N CYS I 40 15.19 12.20 38.21
CA CYS I 40 13.77 12.13 38.50
C CYS I 40 13.38 12.41 39.97
N VAL I 41 14.14 11.88 40.92
CA VAL I 41 13.95 12.17 42.34
C VAL I 41 14.11 13.67 42.59
N LYS I 42 15.17 14.28 42.06
CA LYS I 42 15.40 15.71 42.22
C LYS I 42 14.26 16.58 41.65
N ALA I 43 13.78 16.26 40.46
CA ALA I 43 12.72 17.01 39.79
C ALA I 43 11.40 16.86 40.55
N ALA I 44 11.11 15.66 40.99
CA ALA I 44 9.91 15.50 41.78
C ALA I 44 10.01 16.26 43.13
N ALA I 45 11.17 16.31 43.79
CA ALA I 45 11.27 17.00 45.09
C ALA I 45 10.96 18.52 45.00
N ALA I 46 11.51 19.13 43.96
CA ALA I 46 11.31 20.53 43.65
C ALA I 46 9.85 20.88 43.56
N HIS I 47 9.01 19.88 43.32
CA HIS I 47 7.59 20.09 43.24
C HIS I 47 6.92 19.43 44.38
N GLY I 48 7.71 19.02 45.36
CA GLY I 48 7.13 18.50 46.55
C GLY I 48 6.52 17.14 46.34
N GLY I 49 7.08 16.30 45.45
CA GLY I 49 6.57 14.94 45.31
C GLY I 49 7.64 13.88 45.42
N THR I 50 7.24 12.64 45.18
CA THR I 50 8.14 11.51 45.10
C THR I 50 7.99 10.70 43.79
N VAL I 51 8.95 9.84 43.49
CA VAL I 51 8.81 8.90 42.39
C VAL I 51 8.99 7.46 42.85
N ASP I 52 8.56 6.53 42.01
CA ASP I 52 8.62 5.10 42.26
C ASP I 52 9.15 4.58 40.96
N PHE I 53 10.46 4.31 40.93
CA PHE I 53 11.18 4.09 39.68
C PHE I 53 11.47 2.62 39.40
N ARG I 54 11.00 2.12 38.26
CA ARG I 54 11.09 0.70 37.90
C ARG I 54 11.49 0.40 36.46
N GLN I 55 12.03 -0.80 36.24
CA GLN I 55 12.48 -1.18 34.91
C GLN I 55 12.24 -2.66 34.75
N SER I 56 11.68 -3.05 33.60
CA SER I 56 11.45 -4.45 33.35
C SER I 56 11.56 -4.81 31.92
N ASN I 57 11.91 -6.07 31.67
CA ASN I 57 12.03 -6.61 30.30
C ASN I 57 10.78 -7.34 29.89
N HIS I 58 9.86 -7.47 30.82
CA HIS I 58 8.66 -8.21 30.58
C HIS I 58 7.39 -7.36 30.40
N GLU I 59 6.77 -7.58 29.24
CA GLU I 59 5.59 -6.85 28.78
C GLU I 59 4.44 -6.88 29.82
N GLY I 60 4.17 -8.10 30.28
CA GLY I 60 3.11 -8.36 31.23
C GLY I 60 3.38 -7.87 32.64
N GLU I 61 4.65 -7.59 32.96
CA GLU I 61 4.96 -7.06 34.25
C GLU I 61 4.69 -5.53 34.24
N LEU I 62 5.11 -4.88 33.15
CA LEU I 62 4.89 -3.49 32.89
C LEU I 62 3.31 -3.34 32.96
N VAL I 63 2.61 -4.31 32.42
CA VAL I 63 1.16 -4.33 32.54
C VAL I 63 0.65 -4.31 34.03
N ASP I 64 1.18 -5.20 34.87
CA ASP I 64 0.92 -5.32 36.28
C ASP I 64 1.22 -4.07 37.01
N TRP I 65 2.29 -3.39 36.59
CA TRP I 65 2.72 -2.22 37.27
C TRP I 65 1.84 -1.01 36.91
N ILE I 66 1.34 -0.96 35.68
CA ILE I 66 0.36 0.02 35.25
C ILE I 66 -0.97 -0.15 36.06
N HIS I 67 -1.43 -1.39 36.22
CA HIS I 67 -2.61 -1.59 37.10
C HIS I 67 -2.39 -1.05 38.50
N GLU I 68 -1.22 -1.29 39.07
CA GLU I 68 -0.86 -0.82 40.40
C GLU I 68 -0.87 0.72 40.50
N ALA I 69 -0.27 1.36 39.50
CA ALA I 69 -0.18 2.79 39.45
C ALA I 69 -1.51 3.48 39.40
N ARG I 70 -2.44 2.83 38.71
CA ARG I 70 -3.80 3.28 38.58
C ARG I 70 -4.46 3.40 39.96
N LEU I 71 -4.06 2.60 40.92
CA LEU I 71 -4.66 2.67 42.23
C LEU I 71 -3.76 3.47 43.18
N ASN I 72 -2.47 3.53 42.92
CA ASN I 72 -1.58 3.95 43.99
C ASN I 72 -0.75 5.15 43.67
N HIS I 73 -0.84 5.69 42.46
CA HIS I 73 0.14 6.67 42.04
C HIS I 73 -0.56 7.89 41.42
N CYS I 74 0.15 8.99 41.28
CA CYS I 74 -0.51 10.18 40.76
C CYS I 74 -0.37 10.39 39.28
N GLY I 75 0.43 9.55 38.65
CA GLY I 75 0.71 9.67 37.24
C GLY I 75 1.78 8.68 36.87
N ILE I 76 2.01 8.55 35.57
CA ILE I 76 2.96 7.62 35.05
C ILE I 76 3.87 8.29 34.04
N VAL I 77 5.18 8.16 34.15
CA VAL I 77 6.13 8.72 33.16
C VAL I 77 6.68 7.40 32.59
N ILE I 78 6.50 7.09 31.29
CA ILE I 78 6.92 5.78 30.72
C ILE I 78 7.76 5.85 29.49
N ASN I 79 8.86 5.09 29.56
CA ASN I 79 9.75 4.83 28.47
C ASN I 79 9.59 3.37 28.03
N PRO I 80 8.73 3.14 27.05
CA PRO I 80 8.35 1.77 26.75
C PRO I 80 9.43 1.09 25.90
N ALA I 81 10.43 1.81 25.44
CA ALA I 81 11.44 1.24 24.55
C ALA I 81 10.74 0.40 23.48
N ALA I 82 11.21 -0.81 23.22
CA ALA I 82 10.77 -1.54 22.06
C ALA I 82 9.28 -1.86 22.10
N TYR I 83 8.76 -2.06 23.30
CA TYR I 83 7.39 -2.32 23.43
C TYR I 83 6.61 -1.12 22.99
N SER I 84 7.21 0.04 22.78
CA SER I 84 6.37 1.09 22.23
C SER I 84 5.75 0.73 20.87
N HIS I 85 6.57 0.09 20.05
CA HIS I 85 6.18 -0.26 18.72
C HIS I 85 5.45 -1.56 18.59
N THR I 86 5.29 -2.34 19.68
CA THR I 86 4.67 -3.64 19.56
C THR I 86 3.55 -3.93 20.52
N SER I 87 3.42 -3.27 21.65
CA SER I 87 2.48 -3.70 22.68
C SER I 87 1.12 -3.03 22.78
N VAL I 88 0.14 -3.67 22.13
CA VAL I 88 -1.18 -3.26 22.27
C VAL I 88 -1.57 -3.52 23.73
N ALA I 89 -0.92 -4.45 24.40
CA ALA I 89 -1.25 -4.76 25.79
C ALA I 89 -0.91 -3.61 26.76
N ILE I 90 0.16 -2.88 26.54
CA ILE I 90 0.51 -1.74 27.39
C ILE I 90 -0.49 -0.65 27.16
N LEU I 91 -0.84 -0.41 25.89
CA LEU I 91 -1.81 0.60 25.51
C LEU I 91 -3.14 0.27 26.20
N ASP I 92 -3.63 -0.95 26.09
CA ASP I 92 -4.85 -1.30 26.80
C ASP I 92 -4.75 -1.11 28.28
N ALA I 93 -3.60 -1.41 28.88
CA ALA I 93 -3.38 -1.05 30.29
C ALA I 93 -3.47 0.47 30.61
N LEU I 94 -2.75 1.31 29.84
CA LEU I 94 -2.85 2.75 30.04
C LEU I 94 -4.28 3.25 29.85
N ASN I 95 -5.00 2.72 28.88
CA ASN I 95 -6.39 3.09 28.69
C ASN I 95 -7.30 2.84 29.89
N THR I 96 -6.96 1.95 30.85
CA THR I 96 -7.86 1.69 32.02
C THR I 96 -7.65 2.72 33.12
N CYS I 97 -6.58 3.47 32.93
CA CYS I 97 -6.19 4.55 33.83
C CYS I 97 -6.92 5.84 33.59
N ASP I 98 -8.23 5.79 33.69
CA ASP I 98 -9.04 6.98 33.45
C ASP I 98 -8.65 8.16 34.33
N GLY I 99 -8.49 9.29 33.71
CA GLY I 99 -8.17 10.51 34.44
C GLY I 99 -6.75 10.61 34.97
N LEU I 100 -5.93 9.59 34.73
CA LEU I 100 -4.57 9.66 35.20
C LEU I 100 -3.59 10.21 34.14
N PRO I 101 -2.77 11.22 34.46
CA PRO I 101 -1.77 11.75 33.53
C PRO I 101 -0.61 10.80 33.19
N VAL I 102 -0.33 10.72 31.90
CA VAL I 102 0.63 9.80 31.37
C VAL I 102 1.53 10.55 30.39
N VAL I 103 2.84 10.47 30.57
CA VAL I 103 3.79 11.05 29.60
C VAL I 103 4.71 9.94 29.12
N GLU I 104 4.81 9.84 27.80
CA GLU I 104 5.69 8.95 27.13
C GLU I 104 7.02 9.64 26.86
N VAL I 105 8.11 8.97 27.23
CA VAL I 105 9.50 9.44 26.99
C VAL I 105 10.38 8.43 26.15
N HIS I 106 11.18 8.95 25.24
CA HIS I 106 12.11 8.20 24.43
C HIS I 106 13.40 9.03 24.42
N ILE I 107 14.51 8.42 24.80
CA ILE I 107 15.72 9.17 24.96
C ILE I 107 16.14 9.62 23.59
N SER I 108 16.05 8.72 22.61
CA SER I 108 16.48 9.08 21.23
C SER I 108 15.28 9.57 20.41
N ASN I 109 15.53 10.28 19.33
CA ASN I 109 14.53 10.76 18.40
C ASN I 109 14.15 9.63 17.47
N ILE I 110 13.08 8.92 17.79
CA ILE I 110 12.68 7.74 17.04
C ILE I 110 12.36 8.11 15.62
N HIS I 111 11.93 9.35 15.41
CA HIS I 111 11.61 9.73 14.04
C HIS I 111 12.78 9.73 13.11
N GLN I 112 14.00 9.65 13.62
CA GLN I 112 15.15 9.59 12.71
C GLN I 112 15.75 8.19 12.53
N ARG I 113 15.14 7.18 13.11
CA ARG I 113 15.65 5.83 12.96
C ARG I 113 14.78 5.04 11.97
N GLU I 114 14.91 3.73 11.98
CA GLU I 114 14.10 2.86 11.15
C GLU I 114 12.60 3.16 11.21
N PRO I 115 11.98 3.11 10.02
CA PRO I 115 10.54 3.29 9.91
C PRO I 115 9.67 2.49 10.90
N PHE I 116 10.05 1.34 11.41
CA PHE I 116 9.14 0.62 12.32
C PHE I 116 9.18 1.29 13.69
N ARG I 117 10.18 2.14 13.87
CA ARG I 117 10.23 2.87 15.10
C ARG I 117 9.37 4.14 15.04
N HIS I 118 8.78 4.46 13.92
CA HIS I 118 8.07 5.73 13.88
C HIS I 118 6.70 5.68 14.46
N HIS I 119 6.22 4.52 14.84
CA HIS I 119 4.89 4.49 15.39
C HIS I 119 5.01 3.90 16.77
N SER I 120 4.21 4.40 17.71
CA SER I 120 4.09 3.91 19.09
C SER I 120 2.61 3.67 19.44
N TYR I 121 2.26 2.48 19.87
CA TYR I 121 0.94 2.27 20.38
C TYR I 121 0.70 3.17 21.58
N VAL I 122 1.73 3.38 22.42
CA VAL I 122 1.60 4.22 23.59
C VAL I 122 1.22 5.65 23.34
N SER I 123 1.81 6.27 22.31
CA SER I 123 1.49 7.63 21.96
C SER I 123 0.01 7.94 21.77
N GLN I 124 -0.82 6.95 21.48
CA GLN I 124 -2.25 7.28 21.30
C GLN I 124 -3.07 7.42 22.60
N ARG I 125 -2.51 6.99 23.74
CA ARG I 125 -3.14 7.27 25.00
C ARG I 125 -2.36 8.34 25.75
N ALA I 126 -1.07 8.40 25.53
CA ALA I 126 -0.27 9.30 26.34
C ALA I 126 -0.72 10.77 26.18
N ASP I 127 -0.74 11.50 27.28
CA ASP I 127 -1.18 12.88 27.22
C ASP I 127 -0.13 13.66 26.42
N GLY I 128 1.15 13.46 26.67
CA GLY I 128 2.26 14.09 25.92
C GLY I 128 3.36 13.06 25.63
N VAL I 129 4.20 13.36 24.62
CA VAL I 129 5.23 12.45 24.16
C VAL I 129 6.47 13.24 23.95
N VAL I 130 7.53 12.84 24.63
CA VAL I 130 8.83 13.52 24.51
C VAL I 130 9.84 12.57 23.91
N ALA I 131 10.47 12.99 22.82
CA ALA I 131 11.50 12.22 22.19
C ALA I 131 12.75 12.98 21.78
N GLY I 132 13.91 12.37 21.94
CA GLY I 132 15.18 12.97 21.46
C GLY I 132 15.74 14.10 22.30
N CYS I 133 15.31 14.16 23.54
CA CYS I 133 15.78 15.24 24.41
C CYS I 133 16.70 14.62 25.46
N GLY I 134 17.21 13.42 25.15
CA GLY I 134 18.10 12.69 26.05
C GLY I 134 17.46 12.30 27.38
N VAL I 135 18.27 12.12 28.44
CA VAL I 135 17.70 11.72 29.73
C VAL I 135 16.97 12.87 30.38
N GLN I 136 17.30 14.04 29.88
CA GLN I 136 16.63 15.27 30.27
C GLN I 136 15.15 15.15 29.97
N GLY I 137 14.82 14.40 28.94
CA GLY I 137 13.42 14.19 28.65
C GLY I 137 12.60 13.64 29.81
N TYR I 138 13.21 12.81 30.66
CA TYR I 138 12.49 12.33 31.89
C TYR I 138 12.20 13.50 32.84
N VAL I 139 13.10 14.50 32.89
CA VAL I 139 12.85 15.69 33.71
C VAL I 139 11.55 16.43 33.21
N PHE I 140 11.44 16.56 31.89
CA PHE I 140 10.25 17.17 31.30
C PHE I 140 9.03 16.31 31.69
N GLY I 141 9.24 15.01 31.65
CA GLY I 141 8.15 14.11 31.95
C GLY I 141 7.61 14.39 33.35
N VAL I 142 8.49 14.47 34.33
CA VAL I 142 8.05 14.69 35.71
C VAL I 142 7.39 16.08 35.82
N GLU I 143 7.95 17.05 35.15
CA GLU I 143 7.41 18.41 35.17
C GLU I 143 6.00 18.52 34.57
N ARG I 144 5.77 17.75 33.50
CA ARG I 144 4.49 17.75 32.87
C ARG I 144 3.46 17.06 33.80
N ILE I 145 3.83 15.97 34.44
CA ILE I 145 2.93 15.31 35.40
C ILE I 145 2.57 16.27 36.58
N ALA I 146 3.58 16.94 37.12
CA ALA I 146 3.39 17.94 38.16
C ALA I 146 2.39 18.98 37.71
N ALA I 147 2.50 19.50 36.50
CA ALA I 147 1.51 20.47 36.02
C ALA I 147 0.16 19.83 35.80
N LEU I 148 0.10 18.59 35.34
CA LEU I 148 -1.23 17.99 35.21
C LEU I 148 -1.86 17.54 36.52
N ALA I 149 -1.06 17.03 37.45
CA ALA I 149 -1.61 16.50 38.71
C ALA I 149 -1.90 17.64 39.67
N GLY I 150 -1.23 18.78 39.41
CA GLY I 150 -1.57 20.07 40.01
C GLY I 150 -2.38 20.97 39.06
N ARG J 2 9.84 35.02 -28.29
CA ARG J 2 9.54 33.69 -28.86
C ARG J 2 10.85 32.93 -28.97
N SER J 3 11.83 33.53 -29.64
CA SER J 3 13.22 33.07 -29.75
C SER J 3 14.31 33.59 -28.78
N LEU J 4 15.49 32.96 -28.82
CA LEU J 4 16.64 33.36 -28.04
C LEU J 4 17.17 34.78 -28.25
N ALA J 5 17.08 35.23 -29.49
CA ALA J 5 17.51 36.57 -29.87
C ALA J 5 16.44 37.60 -29.56
N ASN J 6 15.19 37.15 -29.54
CA ASN J 6 14.04 38.00 -29.25
C ASN J 6 13.97 38.27 -27.74
N ALA J 7 13.90 37.18 -26.98
CA ALA J 7 13.65 37.28 -25.55
C ALA J 7 14.61 36.43 -24.72
N PRO J 8 14.82 36.82 -23.46
CA PRO J 8 15.69 36.02 -22.59
C PRO J 8 15.04 34.73 -22.15
N ILE J 9 15.88 33.91 -21.52
CA ILE J 9 15.50 32.70 -20.87
C ILE J 9 15.31 32.94 -19.38
N MET J 10 14.19 32.52 -18.84
CA MET J 10 14.04 32.67 -17.41
C MET J 10 14.79 31.55 -16.74
N ILE J 11 15.62 31.83 -15.76
CA ILE J 11 16.20 30.75 -14.95
C ILE J 11 15.67 30.99 -13.57
N LEU J 12 14.98 30.00 -13.02
CA LEU J 12 14.31 30.14 -11.74
C LEU J 12 14.94 29.19 -10.74
N ASN J 13 15.22 29.71 -9.55
CA ASN J 13 15.79 28.98 -8.44
C ASN J 13 14.84 29.09 -7.27
N GLY J 14 14.45 27.92 -6.79
CA GLY J 14 13.57 27.79 -5.63
C GLY J 14 14.27 28.01 -4.31
N PRO J 15 13.62 27.54 -3.26
CA PRO J 15 14.06 27.79 -1.90
C PRO J 15 15.33 27.16 -1.41
N ASN J 16 16.10 27.99 -0.69
CA ASN J 16 17.32 27.64 0.04
C ASN J 16 18.53 27.71 -0.88
N LEU J 17 18.29 28.02 -2.16
CA LEU J 17 19.40 28.12 -3.13
C LEU J 17 20.21 29.40 -3.08
N ASN J 18 19.76 30.42 -2.35
CA ASN J 18 20.51 31.61 -2.03
C ASN J 18 21.74 31.22 -1.20
N LEU J 19 21.66 30.08 -0.50
CA LEU J 19 22.80 29.65 0.31
C LEU J 19 23.77 28.74 -0.42
N LEU J 20 23.53 28.54 -1.70
CA LEU J 20 24.46 27.72 -2.46
C LEU J 20 25.94 28.11 -2.27
N GLY J 21 26.76 27.11 -1.93
CA GLY J 21 28.18 27.26 -1.71
C GLY J 21 28.66 27.99 -0.45
N GLN J 22 27.77 28.19 0.52
CA GLN J 22 28.16 28.92 1.71
C GLN J 22 27.97 28.01 2.89
N ARG J 23 27.81 26.73 2.61
CA ARG J 23 27.54 25.78 3.66
C ARG J 23 28.83 25.15 4.17
N GLN J 24 29.14 23.95 3.72
CA GLN J 24 30.36 23.26 4.14
C GLN J 24 31.21 23.10 2.89
N PRO J 25 32.04 24.10 2.60
CA PRO J 25 32.92 24.06 1.42
C PRO J 25 33.92 22.93 1.62
N GLU J 26 33.43 21.74 1.29
CA GLU J 26 34.11 20.50 1.58
C GLU J 26 33.17 19.33 1.23
N ILE J 27 31.95 19.35 1.79
CA ILE J 27 30.91 18.33 1.53
C ILE J 27 29.96 18.78 0.41
N TYR J 28 29.67 20.08 0.42
CA TYR J 28 28.90 20.74 -0.63
C TYR J 28 29.91 21.49 -1.50
N GLY J 29 29.51 21.84 -2.72
CA GLY J 29 30.40 22.55 -3.63
C GLY J 29 30.91 23.87 -3.08
N SER J 30 31.52 24.64 -3.97
CA SER J 30 32.08 25.93 -3.60
C SER J 30 31.44 27.03 -4.47
N ASP J 31 30.83 26.63 -5.57
CA ASP J 31 30.17 27.60 -6.46
C ASP J 31 28.94 28.17 -5.79
N THR J 32 28.72 29.46 -6.04
CA THR J 32 27.56 30.19 -5.58
C THR J 32 26.58 30.36 -6.74
N LEU J 33 25.40 30.82 -6.37
CA LEU J 33 24.33 31.19 -7.31
C LEU J 33 24.88 32.25 -8.25
N ALA J 34 25.74 33.11 -7.72
CA ALA J 34 26.40 34.11 -8.57
C ALA J 34 27.17 33.43 -9.68
N ASP J 35 27.97 32.43 -9.29
CA ASP J 35 28.78 31.65 -10.21
C ASP J 35 27.81 31.01 -11.20
N VAL J 36 26.77 30.36 -10.68
CA VAL J 36 25.85 29.69 -11.57
C VAL J 36 25.24 30.67 -12.50
N GLU J 37 24.83 31.81 -12.00
CA GLU J 37 24.30 32.78 -12.91
C GLU J 37 25.34 33.06 -14.00
N ALA J 38 26.60 33.21 -13.59
CA ALA J 38 27.61 33.53 -14.59
C ALA J 38 27.71 32.36 -15.58
N LEU J 39 27.65 31.13 -15.08
CA LEU J 39 27.72 30.02 -16.03
C LEU J 39 26.60 30.16 -17.06
N CYS J 40 25.40 30.51 -16.59
CA CYS J 40 24.24 30.59 -17.46
C CYS J 40 24.41 31.72 -18.50
N VAL J 41 24.79 32.91 -18.06
CA VAL J 41 24.97 34.04 -19.00
C VAL J 41 25.80 33.66 -20.20
N LYS J 42 26.93 33.00 -19.94
CA LYS J 42 27.93 32.60 -20.93
C LYS J 42 27.37 31.56 -21.92
N ALA J 43 26.77 30.51 -21.38
CA ALA J 43 26.18 29.49 -22.23
C ALA J 43 25.18 30.18 -23.11
N ALA J 44 24.35 31.03 -22.51
CA ALA J 44 23.36 31.69 -23.33
C ALA J 44 24.00 32.51 -24.44
N ALA J 45 25.01 33.31 -24.06
CA ALA J 45 25.69 34.19 -25.03
C ALA J 45 26.23 33.44 -26.22
N ALA J 46 26.70 32.22 -26.00
CA ALA J 46 27.29 31.47 -27.10
C ALA J 46 26.27 31.30 -28.23
N HIS J 47 25.00 31.14 -27.84
CA HIS J 47 23.94 31.02 -28.82
C HIS J 47 23.27 32.34 -29.13
N GLY J 48 23.88 33.46 -28.73
CA GLY J 48 23.29 34.77 -28.92
C GLY J 48 22.03 35.10 -28.14
N GLY J 49 21.87 34.52 -26.95
CA GLY J 49 20.73 34.83 -26.11
C GLY J 49 21.17 35.39 -24.76
N THR J 50 20.21 35.75 -23.93
CA THR J 50 20.46 36.32 -22.61
C THR J 50 19.57 35.61 -21.58
N VAL J 51 19.94 35.74 -20.32
CA VAL J 51 19.16 35.09 -19.29
C VAL J 51 18.58 36.10 -18.30
N ASP J 52 17.63 35.63 -17.49
CA ASP J 52 16.96 36.50 -16.55
C ASP J 52 16.89 35.57 -15.38
N PHE J 53 17.90 35.67 -14.54
CA PHE J 53 18.18 34.72 -13.47
C PHE J 53 17.55 35.18 -12.14
N ARG J 54 16.71 34.35 -11.54
CA ARG J 54 16.04 34.76 -10.30
C ARG J 54 15.93 33.61 -9.28
N GLN J 55 15.80 33.98 -8.01
CA GLN J 55 15.68 32.97 -6.93
C GLN J 55 14.66 33.38 -5.89
N SER J 56 13.96 32.43 -5.27
CA SER J 56 13.02 32.85 -4.24
C SER J 56 12.62 31.69 -3.32
N ASN J 57 12.29 32.03 -2.08
CA ASN J 57 11.84 31.08 -1.11
C ASN J 57 10.33 30.94 -1.07
N HIS J 58 9.63 31.71 -1.92
CA HIS J 58 8.18 31.76 -1.89
C HIS J 58 7.51 31.13 -3.08
N GLU J 59 6.66 30.17 -2.72
CA GLU J 59 5.91 29.38 -3.68
C GLU J 59 5.16 30.28 -4.67
N GLY J 60 4.48 31.28 -4.13
CA GLY J 60 3.62 32.19 -4.89
C GLY J 60 4.39 33.12 -5.81
N GLU J 61 5.58 33.48 -5.37
CA GLU J 61 6.43 34.36 -6.12
C GLU J 61 6.92 33.60 -7.31
N LEU J 62 7.15 32.31 -7.11
CA LEU J 62 7.62 31.48 -8.22
C LEU J 62 6.45 31.34 -9.24
N VAL J 63 5.22 31.15 -8.77
CA VAL J 63 4.08 31.15 -9.67
C VAL J 63 4.03 32.48 -10.47
N ASP J 64 4.04 33.60 -9.74
CA ASP J 64 3.97 34.89 -10.40
C ASP J 64 5.00 34.96 -11.49
N TRP J 65 6.23 34.57 -11.17
CA TRP J 65 7.33 34.61 -12.12
C TRP J 65 7.14 33.68 -13.28
N ILE J 66 6.36 32.63 -13.05
CA ILE J 66 6.17 31.69 -14.12
C ILE J 66 5.22 32.31 -15.15
N HIS J 67 4.25 33.06 -14.65
CA HIS J 67 3.26 33.67 -15.52
C HIS J 67 3.93 34.76 -16.39
N GLU J 68 4.89 35.48 -15.82
CA GLU J 68 5.64 36.52 -16.52
C GLU J 68 6.44 35.92 -17.67
N ALA J 69 7.10 34.80 -17.42
CA ALA J 69 7.93 34.16 -18.46
C ALA J 69 7.02 33.76 -19.63
N ARG J 70 5.83 33.30 -19.26
CA ARG J 70 4.80 32.88 -20.21
C ARG J 70 4.56 33.86 -21.34
N LEU J 71 4.65 35.15 -21.04
CA LEU J 71 4.39 36.20 -22.02
C LEU J 71 5.65 36.87 -22.51
N ASN J 72 6.75 36.81 -21.75
CA ASN J 72 7.93 37.60 -22.13
C ASN J 72 9.23 36.85 -22.26
N HIS J 73 9.23 35.53 -22.18
CA HIS J 73 10.52 34.81 -22.23
C HIS J 73 10.47 33.70 -23.28
N CYS J 74 11.63 33.19 -23.67
CA CYS J 74 11.63 32.19 -24.73
C CYS J 74 11.72 30.78 -24.20
N GLY J 75 11.88 30.60 -22.89
CA GLY J 75 11.87 29.28 -22.27
C GLY J 75 12.15 29.38 -20.77
N ILE J 76 12.10 28.26 -20.08
CA ILE J 76 12.40 28.26 -18.66
C ILE J 76 13.32 27.14 -18.28
N VAL J 77 14.29 27.47 -17.44
CA VAL J 77 15.12 26.50 -16.75
C VAL J 77 14.74 26.69 -15.29
N ILE J 78 14.34 25.62 -14.64
CA ILE J 78 13.95 25.78 -13.26
C ILE J 78 14.48 24.67 -12.41
N ASN J 79 14.92 25.08 -11.24
CA ASN J 79 15.36 24.18 -10.23
C ASN J 79 14.49 24.52 -9.06
N PRO J 80 13.47 23.74 -8.81
CA PRO J 80 12.50 24.11 -7.81
C PRO J 80 12.83 23.73 -6.40
N ALA J 81 13.95 23.02 -6.28
CA ALA J 81 14.50 22.71 -5.02
C ALA J 81 13.39 21.96 -4.30
N ALA J 82 13.15 22.28 -3.05
CA ALA J 82 12.17 21.56 -2.24
C ALA J 82 10.75 21.58 -2.80
N TYR J 83 10.40 22.67 -3.50
CA TYR J 83 9.07 22.76 -4.06
C TYR J 83 8.88 21.71 -5.21
N SER J 84 9.93 21.05 -5.70
CA SER J 84 9.75 19.94 -6.67
C SER J 84 8.80 18.85 -6.11
N HIS J 85 8.93 18.56 -4.83
CA HIS J 85 8.20 17.46 -4.24
C HIS J 85 6.88 17.86 -3.61
N THR J 86 6.59 19.15 -3.47
CA THR J 86 5.32 19.50 -2.80
C THR J 86 4.43 20.39 -3.63
N SER J 87 4.96 20.99 -4.66
CA SER J 87 4.19 22.06 -5.26
C SER J 87 3.40 21.78 -6.52
N VAL J 88 2.14 21.41 -6.32
CA VAL J 88 1.19 21.26 -7.36
C VAL J 88 0.90 22.65 -7.98
N ALA J 89 0.86 23.72 -7.18
CA ALA J 89 0.66 25.06 -7.80
C ALA J 89 1.73 25.46 -8.84
N ILE J 90 2.99 25.09 -8.67
CA ILE J 90 4.04 25.51 -9.64
C ILE J 90 3.89 24.67 -10.91
N LEU J 91 3.47 23.42 -10.72
CA LEU J 91 3.16 22.53 -11.85
C LEU J 91 2.03 23.15 -12.65
N ASP J 92 1.01 23.61 -11.95
CA ASP J 92 -0.14 24.11 -12.70
C ASP J 92 0.31 25.41 -13.39
N ALA J 93 1.27 26.14 -12.80
CA ALA J 93 1.68 27.40 -13.43
C ALA J 93 2.37 27.07 -14.71
N LEU J 94 3.27 26.10 -14.66
CA LEU J 94 3.99 25.69 -15.85
C LEU J 94 3.06 25.18 -16.91
N ASN J 95 1.94 24.59 -16.50
CA ASN J 95 1.01 24.00 -17.45
C ASN J 95 0.29 25.05 -18.25
N THR J 96 0.33 26.29 -17.79
CA THR J 96 -0.35 27.32 -18.55
C THR J 96 0.59 27.75 -19.65
N CYS J 97 1.86 27.40 -19.57
CA CYS J 97 2.84 27.91 -20.54
C CYS J 97 2.88 27.10 -21.81
N ASP J 98 1.71 26.94 -22.42
CA ASP J 98 1.57 26.06 -23.57
C ASP J 98 2.66 26.31 -24.57
N GLY J 99 3.32 25.22 -24.97
CA GLY J 99 4.30 25.25 -26.05
C GLY J 99 5.62 25.89 -25.71
N LEU J 100 5.79 26.21 -24.45
CA LEU J 100 7.00 26.84 -24.01
C LEU J 100 7.85 25.74 -23.46
N PRO J 101 9.10 25.72 -23.89
CA PRO J 101 10.07 24.71 -23.45
C PRO J 101 10.49 24.91 -22.01
N VAL J 102 10.42 23.84 -21.22
CA VAL J 102 10.79 23.91 -19.83
C VAL J 102 11.85 22.87 -19.54
N VAL J 103 12.90 23.21 -18.81
CA VAL J 103 13.81 22.16 -18.34
C VAL J 103 14.07 22.23 -16.84
N GLU J 104 13.94 21.10 -16.17
CA GLU J 104 14.06 21.03 -14.73
C GLU J 104 15.48 20.64 -14.39
N VAL J 105 16.18 21.38 -13.54
CA VAL J 105 17.53 21.01 -13.10
C VAL J 105 17.63 20.76 -11.58
N HIS J 106 18.22 19.64 -11.19
CA HIS J 106 18.62 19.38 -9.80
C HIS J 106 20.13 19.14 -9.75
N ILE J 107 20.79 19.80 -8.82
CA ILE J 107 22.23 19.74 -8.68
C ILE J 107 22.68 18.34 -8.28
N SER J 108 21.96 17.80 -7.29
CA SER J 108 22.18 16.49 -6.73
C SER J 108 21.24 15.49 -7.40
N ASN J 109 21.59 14.22 -7.21
CA ASN J 109 20.86 13.11 -7.76
C ASN J 109 19.82 12.83 -6.77
N ILE J 110 18.67 13.44 -6.98
CA ILE J 110 17.60 13.17 -6.05
C ILE J 110 17.22 11.69 -5.92
N HIS J 111 17.56 10.86 -6.90
CA HIS J 111 17.12 9.46 -6.77
C HIS J 111 18.00 8.72 -5.80
N GLN J 112 19.11 9.32 -5.38
CA GLN J 112 19.97 8.66 -4.41
C GLN J 112 19.63 9.14 -3.04
N ARG J 113 18.67 10.05 -2.90
CA ARG J 113 18.38 10.56 -1.57
C ARG J 113 17.14 9.89 -1.02
N GLU J 114 16.50 10.52 -0.03
CA GLU J 114 15.29 10.01 0.60
C GLU J 114 14.18 9.81 -0.41
N PRO J 115 13.37 8.79 -0.15
CA PRO J 115 12.22 8.45 -0.99
C PRO J 115 11.25 9.58 -1.32
N PHE J 116 11.06 10.54 -0.43
CA PHE J 116 10.09 11.60 -0.68
C PHE J 116 10.67 12.53 -1.72
N ARG J 117 11.98 12.49 -1.93
CA ARG J 117 12.53 13.32 -2.97
C ARG J 117 12.52 12.66 -4.37
N HIS J 118 12.04 11.42 -4.46
CA HIS J 118 12.08 10.63 -5.71
C HIS J 118 11.05 11.09 -6.72
N HIS J 119 10.01 11.75 -6.23
CA HIS J 119 8.98 12.25 -7.07
C HIS J 119 9.10 13.79 -7.15
N SER J 120 8.84 14.32 -8.33
CA SER J 120 8.81 15.76 -8.61
C SER J 120 7.60 16.04 -9.48
N TYR J 121 6.70 16.90 -8.97
CA TYR J 121 5.51 17.38 -9.71
C TYR J 121 5.87 18.10 -10.99
N VAL J 122 7.01 18.77 -10.95
CA VAL J 122 7.43 19.55 -12.10
C VAL J 122 7.85 18.66 -13.23
N SER J 123 8.34 17.48 -12.90
CA SER J 123 8.78 16.52 -13.89
C SER J 123 7.71 16.10 -14.91
N GLN J 124 6.45 16.18 -14.56
CA GLN J 124 5.47 15.80 -15.54
C GLN J 124 5.15 16.91 -16.48
N ARG J 125 5.71 18.10 -16.27
CA ARG J 125 5.54 19.15 -17.28
C ARG J 125 6.84 19.42 -17.99
N ALA J 126 7.97 19.24 -17.30
CA ALA J 126 9.22 19.65 -17.93
C ALA J 126 9.43 18.84 -19.18
N ASP J 127 10.02 19.48 -20.20
CA ASP J 127 10.32 18.71 -21.38
C ASP J 127 11.45 17.75 -21.01
N GLY J 128 12.47 18.28 -20.35
CA GLY J 128 13.57 17.48 -19.88
C GLY J 128 13.92 17.78 -18.44
N VAL J 129 14.62 16.82 -17.86
CA VAL J 129 14.99 16.82 -16.47
C VAL J 129 16.38 16.35 -16.36
N VAL J 130 17.17 17.20 -15.74
CA VAL J 130 18.55 16.90 -15.48
C VAL J 130 18.86 16.90 -14.00
N ALA J 131 19.36 15.78 -13.48
CA ALA J 131 19.64 15.62 -12.06
C ALA J 131 21.03 15.04 -11.77
N GLY J 132 21.68 15.55 -10.73
CA GLY J 132 22.99 15.06 -10.33
C GLY J 132 24.19 15.33 -11.22
N CYS J 133 24.07 16.31 -12.12
CA CYS J 133 25.23 16.76 -12.88
C CYS J 133 25.87 18.05 -12.31
N GLY J 134 25.63 18.41 -11.06
CA GLY J 134 26.23 19.60 -10.47
C GLY J 134 25.78 20.94 -11.09
N VAL J 135 26.56 21.99 -10.91
CA VAL J 135 26.08 23.21 -11.50
C VAL J 135 26.12 23.05 -12.98
N GLN J 136 27.00 22.18 -13.47
CA GLN J 136 27.05 21.98 -14.90
C GLN J 136 25.65 21.71 -15.50
N GLY J 137 24.74 21.11 -14.75
CA GLY J 137 23.44 20.88 -15.36
C GLY J 137 22.68 22.13 -15.81
N TYR J 138 23.02 23.30 -15.27
CA TYR J 138 22.27 24.51 -15.61
C TYR J 138 22.60 24.83 -17.02
N VAL J 139 23.89 24.65 -17.31
CA VAL J 139 24.38 24.86 -18.65
C VAL J 139 23.66 23.93 -19.62
N PHE J 140 23.50 22.67 -19.24
CA PHE J 140 22.73 21.74 -20.08
C PHE J 140 21.33 22.28 -20.32
N GLY J 141 20.69 22.73 -19.25
CA GLY J 141 19.36 23.33 -19.32
C GLY J 141 19.37 24.41 -20.36
N VAL J 142 20.32 25.31 -20.23
CA VAL J 142 20.38 26.35 -21.19
C VAL J 142 20.58 25.77 -22.60
N GLU J 143 21.55 24.86 -22.79
CA GLU J 143 21.81 24.39 -24.18
C GLU J 143 20.58 23.75 -24.80
N ARG J 144 19.79 23.07 -23.98
CA ARG J 144 18.55 22.43 -24.44
C ARG J 144 17.45 23.43 -24.80
N ILE J 145 17.35 24.47 -24.01
CA ILE J 145 16.39 25.52 -24.31
C ILE J 145 16.81 26.10 -25.66
N ALA J 146 18.11 26.29 -25.87
CA ALA J 146 18.51 26.89 -27.13
C ALA J 146 18.03 25.99 -28.26
N ALA J 147 18.18 24.69 -28.10
CA ALA J 147 17.85 23.80 -29.20
C ALA J 147 16.36 23.76 -29.43
N LEU J 148 15.59 23.72 -28.36
CA LEU J 148 14.17 23.65 -28.54
C LEU J 148 13.64 24.95 -29.09
N ALA J 149 14.26 26.06 -28.68
CA ALA J 149 13.79 27.39 -29.07
C ALA J 149 14.10 27.64 -30.55
N GLY J 150 15.23 27.14 -31.01
CA GLY J 150 15.67 27.34 -32.39
C GLY J 150 15.55 26.10 -33.25
N ARG K 2 27.54 29.94 18.66
CA ARG K 2 27.03 30.98 19.61
C ARG K 2 26.39 30.39 20.85
N SER K 3 26.62 31.07 21.95
CA SER K 3 26.04 30.76 23.24
C SER K 3 24.73 31.45 23.63
N LEU K 4 24.12 30.96 24.71
CA LEU K 4 22.95 31.63 25.27
C LEU K 4 23.29 33.05 25.73
N ALA K 5 24.51 33.22 26.21
CA ALA K 5 24.89 34.52 26.69
C ALA K 5 25.12 35.47 25.54
N ASN K 6 25.70 34.93 24.46
CA ASN K 6 26.10 35.66 23.27
C ASN K 6 24.95 36.05 22.34
N ALA K 7 23.95 35.17 22.17
CA ALA K 7 22.89 35.35 21.16
C ALA K 7 21.54 34.79 21.62
N PRO K 8 20.45 35.34 21.14
CA PRO K 8 19.10 34.80 21.44
C PRO K 8 18.77 33.47 20.82
N ILE K 9 17.79 32.81 21.44
CA ILE K 9 17.13 31.63 20.95
C ILE K 9 15.99 32.13 20.07
N MET K 10 15.91 31.61 18.85
CA MET K 10 14.84 31.96 17.94
C MET K 10 13.70 31.00 18.20
N ILE K 11 12.50 31.52 18.40
CA ILE K 11 11.31 30.74 18.64
C ILE K 11 10.36 31.09 17.47
N LEU K 12 10.21 30.16 16.54
CA LEU K 12 9.36 30.36 15.37
C LEU K 12 8.03 29.66 15.43
N ASN K 13 6.95 30.31 15.01
CA ASN K 13 5.60 29.82 15.06
C ASN K 13 4.97 29.89 13.67
N GLY K 14 4.43 28.76 13.20
CA GLY K 14 3.87 28.63 11.87
C GLY K 14 2.46 29.14 11.83
N PRO K 15 1.75 28.74 10.77
CA PRO K 15 0.46 29.33 10.45
C PRO K 15 -0.58 29.04 11.46
N ASN K 16 -1.48 30.00 11.58
CA ASN K 16 -2.67 29.91 12.43
C ASN K 16 -2.46 30.07 13.93
N LEU K 17 -1.19 30.09 14.38
CA LEU K 17 -0.95 30.08 15.84
C LEU K 17 -1.21 31.50 16.41
N ASN K 18 -1.25 32.50 15.52
CA ASN K 18 -1.70 33.85 15.86
C ASN K 18 -3.08 33.84 16.52
N LEU K 19 -3.84 32.75 16.43
CA LEU K 19 -5.20 32.76 16.93
C LEU K 19 -5.29 31.89 18.15
N LEU K 20 -4.13 31.53 18.67
CA LEU K 20 -4.04 30.70 19.83
C LEU K 20 -4.75 31.36 21.02
N GLY K 21 -5.63 30.60 21.65
CA GLY K 21 -6.40 31.12 22.77
C GLY K 21 -7.54 32.06 22.42
N GLN K 22 -7.89 32.20 21.15
CA GLN K 22 -8.97 33.10 20.77
C GLN K 22 -10.12 32.41 20.09
N ARG K 23 -10.15 31.09 20.18
CA ARG K 23 -11.17 30.30 19.52
C ARG K 23 -12.28 29.96 20.49
N GLN K 24 -12.21 28.75 21.03
CA GLN K 24 -13.21 28.24 21.95
C GLN K 24 -12.56 28.02 23.33
N PRO K 25 -12.51 29.07 24.14
CA PRO K 25 -11.94 29.01 25.49
C PRO K 25 -12.78 28.03 26.35
N GLU K 26 -12.47 26.74 26.24
CA GLU K 26 -13.26 25.66 26.82
C GLU K 26 -12.75 24.31 26.26
N ILE K 27 -12.61 24.24 24.92
CA ILE K 27 -12.16 23.05 24.20
C ILE K 27 -10.69 23.20 23.87
N TYR K 28 -10.32 24.44 23.53
CA TYR K 28 -8.92 24.85 23.35
C TYR K 28 -8.58 25.72 24.56
N GLY K 29 -7.28 25.87 24.83
CA GLY K 29 -6.85 26.67 25.96
C GLY K 29 -7.32 28.13 26.01
N SER K 30 -6.72 28.85 26.95
CA SER K 30 -6.94 30.27 27.14
C SER K 30 -5.63 31.03 26.84
N ASP K 31 -4.52 30.31 26.83
CA ASP K 31 -3.25 30.91 26.51
C ASP K 31 -3.16 31.45 25.09
N THR K 32 -2.53 32.61 24.96
CA THR K 32 -2.34 33.26 23.68
C THR K 32 -0.88 33.19 23.32
N LEU K 33 -0.55 33.50 22.10
CA LEU K 33 0.84 33.53 21.70
C LEU K 33 1.58 34.54 22.53
N ALA K 34 0.93 35.60 23.01
CA ALA K 34 1.68 36.49 23.88
C ALA K 34 2.08 35.76 25.18
N ASP K 35 1.17 34.97 25.76
CA ASP K 35 1.47 34.20 26.96
C ASP K 35 2.59 33.15 26.77
N VAL K 36 2.61 32.48 25.61
CA VAL K 36 3.61 31.50 25.29
C VAL K 36 4.94 32.21 25.23
N GLU K 37 4.95 33.33 24.52
CA GLU K 37 6.13 34.18 24.42
C GLU K 37 6.68 34.53 25.81
N ALA K 38 5.78 34.81 26.76
CA ALA K 38 6.20 35.14 28.12
C ALA K 38 6.89 33.96 28.79
N LEU K 39 6.25 32.79 28.72
CA LEU K 39 6.87 31.56 29.23
C LEU K 39 8.26 31.31 28.59
N CYS K 40 8.44 31.68 27.34
CA CYS K 40 9.76 31.54 26.71
C CYS K 40 10.82 32.50 27.27
N VAL K 41 10.45 33.76 27.44
CA VAL K 41 11.34 34.84 27.95
C VAL K 41 11.75 34.44 29.35
N LYS K 42 10.74 34.01 30.08
CA LYS K 42 10.92 33.56 31.44
C LYS K 42 11.88 32.39 31.64
N ALA K 43 11.75 31.38 30.80
CA ALA K 43 12.62 30.21 30.88
C ALA K 43 14.05 30.54 30.42
N ALA K 44 14.16 31.25 29.30
CA ALA K 44 15.47 31.69 28.87
C ALA K 44 16.17 32.55 29.93
N ALA K 45 15.47 33.48 30.61
CA ALA K 45 16.09 34.39 31.58
C ALA K 45 16.74 33.63 32.74
N ALA K 46 16.14 32.50 33.10
CA ALA K 46 16.67 31.72 34.20
C ALA K 46 18.04 31.14 33.85
N HIS K 47 18.35 31.01 32.56
CA HIS K 47 19.60 30.46 32.10
C HIS K 47 20.42 31.57 31.59
N GLY K 48 20.03 32.81 31.85
CA GLY K 48 20.83 33.95 31.40
C GLY K 48 20.67 34.28 29.92
N GLY K 49 19.65 33.77 29.25
CA GLY K 49 19.56 34.05 27.82
C GLY K 49 18.34 34.87 27.44
N THR K 50 18.22 35.12 26.15
CA THR K 50 17.13 35.86 25.56
C THR K 50 16.44 35.13 24.42
N VAL K 51 15.30 35.67 24.02
CA VAL K 51 14.60 35.06 22.90
C VAL K 51 14.22 36.13 21.84
N ASP K 52 13.88 35.62 20.66
CA ASP K 52 13.44 36.34 19.50
C ASP K 52 12.24 35.50 18.99
N PHE K 53 11.05 35.97 19.31
CA PHE K 53 9.81 35.24 19.13
C PHE K 53 9.00 35.74 17.96
N ARG K 54 8.72 34.90 16.98
CA ARG K 54 8.12 35.32 15.72
C ARG K 54 7.05 34.33 15.27
N GLN K 55 6.07 34.82 14.51
CA GLN K 55 4.97 34.00 14.03
C GLN K 55 4.67 34.44 12.62
N SER K 56 4.39 33.48 11.74
CA SER K 56 4.06 33.76 10.34
C SER K 56 3.22 32.64 9.72
N ASN K 57 2.34 33.06 8.82
CA ASN K 57 1.56 32.25 7.96
C ASN K 57 2.18 31.81 6.63
N HIS K 58 3.36 32.35 6.32
CA HIS K 58 4.07 32.15 5.06
C HIS K 58 5.33 31.32 5.14
N GLU K 59 5.25 30.18 4.46
CA GLU K 59 6.30 29.19 4.42
C GLU K 59 7.64 29.86 4.15
N GLY K 60 7.67 30.67 3.12
CA GLY K 60 8.92 31.21 2.64
C GLY K 60 9.41 32.19 3.64
N GLU K 61 8.51 32.82 4.43
CA GLU K 61 8.99 33.74 5.42
C GLU K 61 9.69 32.98 6.57
N LEU K 62 9.14 31.80 6.96
CA LEU K 62 9.78 30.97 7.96
C LEU K 62 11.16 30.52 7.52
N VAL K 63 11.25 30.14 6.27
CA VAL K 63 12.53 29.79 5.69
C VAL K 63 13.52 30.98 5.78
N ASP K 64 13.09 32.18 5.48
CA ASP K 64 13.99 33.38 5.58
C ASP K 64 14.47 33.56 7.02
N TRP K 65 13.55 33.41 7.96
CA TRP K 65 13.90 33.50 9.35
C TRP K 65 14.88 32.39 9.84
N ILE K 66 14.78 31.23 9.21
CA ILE K 66 15.63 30.09 9.53
C ILE K 66 17.06 30.46 9.04
N HIS K 67 17.14 31.01 7.85
CA HIS K 67 18.47 31.43 7.40
C HIS K 67 19.02 32.43 8.41
N GLU K 68 18.21 33.41 8.83
CA GLU K 68 18.62 34.40 9.78
C GLU K 68 19.16 33.77 11.07
N ALA K 69 18.46 32.78 11.61
CA ALA K 69 18.89 32.18 12.86
C ALA K 69 20.25 31.52 12.68
N ARG K 70 20.48 31.08 11.46
CA ARG K 70 21.62 30.28 11.20
C ARG K 70 22.87 31.09 11.48
N LEU K 71 22.83 32.38 11.19
CA LEU K 71 23.97 33.25 11.42
C LEU K 71 24.00 34.10 12.71
N ASN K 72 22.87 34.26 13.37
CA ASN K 72 22.75 35.20 14.47
C ASN K 72 22.19 34.65 15.79
N HIS K 73 21.75 33.42 15.80
CA HIS K 73 21.08 32.93 16.99
C HIS K 73 21.82 31.72 17.50
N CYS K 74 21.49 31.28 18.70
CA CYS K 74 22.13 30.12 19.31
C CYS K 74 21.33 28.81 19.26
N GLY K 75 20.08 28.87 18.83
CA GLY K 75 19.28 27.70 18.61
C GLY K 75 17.93 28.13 18.04
N ILE K 76 17.13 27.14 17.68
CA ILE K 76 15.78 27.34 17.25
C ILE K 76 14.81 26.43 18.01
N VAL K 77 13.74 26.98 18.53
CA VAL K 77 12.62 26.15 18.95
C VAL K 77 11.56 26.46 17.88
N ILE K 78 10.91 25.46 17.31
CA ILE K 78 9.93 25.75 16.26
C ILE K 78 8.70 24.89 16.37
N ASN K 79 7.56 25.54 16.28
CA ASN K 79 6.26 24.90 16.17
C ASN K 79 5.84 25.22 14.75
N PRO K 80 6.02 24.29 13.82
CA PRO K 80 5.77 24.54 12.40
C PRO K 80 4.30 24.49 12.12
N ALA K 81 3.48 23.99 13.06
CA ALA K 81 2.06 23.95 12.81
C ALA K 81 1.74 23.15 11.53
N ALA K 82 0.87 23.64 10.64
CA ALA K 82 0.45 22.79 9.54
C ALA K 82 1.64 22.50 8.61
N TYR K 83 2.59 23.43 8.57
CA TYR K 83 3.71 23.20 7.69
C TYR K 83 4.58 22.05 8.19
N SER K 84 4.44 21.59 9.43
CA SER K 84 5.17 20.37 9.78
C SER K 84 4.92 19.18 8.81
N HIS K 85 3.67 19.10 8.39
CA HIS K 85 3.25 17.98 7.59
C HIS K 85 3.47 18.19 6.13
N THR K 86 3.74 19.42 5.74
CA THR K 86 3.76 19.68 4.31
C THR K 86 5.03 20.27 3.77
N SER K 87 5.82 20.83 4.62
CA SER K 87 6.93 21.63 4.10
C SER K 87 8.30 21.00 4.04
N VAL K 88 8.68 20.56 2.87
CA VAL K 88 10.00 20.07 2.64
C VAL K 88 10.97 21.28 2.65
N ALA K 89 10.48 22.47 2.30
CA ALA K 89 11.33 23.69 2.27
C ALA K 89 11.75 24.14 3.67
N ILE K 90 10.92 23.99 4.71
CA ILE K 90 11.35 24.32 6.08
C ILE K 90 12.40 23.31 6.57
N LEU K 91 12.20 22.05 6.16
CA LEU K 91 13.16 20.96 6.49
C LEU K 91 14.53 21.27 5.91
N ASP K 92 14.53 21.66 4.66
CA ASP K 92 15.80 21.91 3.96
C ASP K 92 16.48 23.12 4.57
N ALA K 93 15.69 24.12 4.96
CA ALA K 93 16.26 25.28 5.65
C ALA K 93 16.96 24.85 6.93
N LEU K 94 16.29 24.08 7.77
CA LEU K 94 16.89 23.61 8.99
C LEU K 94 18.17 22.80 8.72
N ASN K 95 18.19 21.99 7.66
CA ASN K 95 19.38 21.18 7.33
C ASN K 95 20.56 22.11 6.96
N THR K 96 20.32 23.35 6.56
CA THR K 96 21.47 24.24 6.32
C THR K 96 22.10 24.75 7.56
N CYS K 97 21.41 24.56 8.68
CA CYS K 97 21.90 25.00 9.95
C CYS K 97 22.74 23.95 10.66
N ASP K 98 23.89 23.67 10.07
CA ASP K 98 24.88 22.73 10.59
C ASP K 98 25.33 22.96 12.03
N GLY K 99 25.00 22.00 12.91
CA GLY K 99 25.47 22.05 14.28
C GLY K 99 24.58 22.81 15.25
N LEU K 100 23.59 23.52 14.72
CA LEU K 100 22.67 24.27 15.55
C LEU K 100 21.56 23.43 16.17
N PRO K 101 21.41 23.59 17.45
CA PRO K 101 20.35 22.87 18.17
C PRO K 101 18.96 23.34 17.70
N VAL K 102 18.16 22.37 17.37
CA VAL K 102 16.79 22.62 16.96
C VAL K 102 15.84 21.72 17.77
N VAL K 103 14.74 22.26 18.27
CA VAL K 103 13.70 21.45 18.91
C VAL K 103 12.32 21.79 18.34
N GLU K 104 11.59 20.78 17.88
CA GLU K 104 10.26 20.96 17.41
C GLU K 104 9.26 20.89 18.54
N VAL K 105 8.24 21.76 18.54
CA VAL K 105 7.15 21.70 19.54
C VAL K 105 5.78 21.71 18.91
N HIS K 106 4.90 20.84 19.40
CA HIS K 106 3.51 20.77 19.04
C HIS K 106 2.70 20.81 20.32
N ILE K 107 1.71 21.67 20.35
CA ILE K 107 0.98 21.88 21.58
C ILE K 107 0.15 20.68 21.80
N SER K 108 -0.48 20.23 20.72
CA SER K 108 -1.40 19.07 20.78
C SER K 108 -0.65 17.79 20.50
N ASN K 109 -1.16 16.66 20.96
CA ASN K 109 -0.56 15.36 20.61
C ASN K 109 -1.00 14.97 19.23
N ILE K 110 -0.15 15.25 18.25
CA ILE K 110 -0.47 14.97 16.86
C ILE K 110 -0.74 13.48 16.60
N HIS K 111 -0.17 12.57 17.39
CA HIS K 111 -0.36 11.16 17.17
C HIS K 111 -1.80 10.74 17.51
N GLN K 112 -2.54 11.60 18.14
CA GLN K 112 -3.90 11.20 18.48
C GLN K 112 -4.92 11.70 17.49
N ARG K 113 -4.50 12.48 16.49
CA ARG K 113 -5.45 13.08 15.57
C ARG K 113 -5.46 12.33 14.22
N GLU K 114 -5.86 13.01 13.13
CA GLU K 114 -5.85 12.41 11.79
C GLU K 114 -4.48 11.94 11.35
N PRO K 115 -4.50 10.84 10.59
CA PRO K 115 -3.30 10.18 10.08
C PRO K 115 -2.36 11.09 9.37
N PHE K 116 -2.84 12.06 8.58
CA PHE K 116 -1.95 12.96 7.85
C PHE K 116 -1.13 13.84 8.81
N ARG K 117 -1.54 13.86 10.07
CA ARG K 117 -0.84 14.64 11.09
C ARG K 117 0.29 13.86 11.78
N HIS K 118 0.34 12.56 11.51
CA HIS K 118 1.28 11.64 12.16
C HIS K 118 2.75 11.86 11.74
N HIS K 119 2.99 12.44 10.57
CA HIS K 119 4.33 12.54 10.04
C HIS K 119 4.70 14.00 9.94
N SER K 120 5.90 14.35 10.39
CA SER K 120 6.43 15.70 10.29
C SER K 120 7.74 15.64 9.56
N TYR K 121 7.93 16.46 8.55
CA TYR K 121 9.16 16.52 7.86
C TYR K 121 10.24 17.13 8.78
N VAL K 122 9.84 18.09 9.60
CA VAL K 122 10.81 18.76 10.47
C VAL K 122 11.37 17.77 11.52
N SER K 123 10.61 16.77 11.97
CA SER K 123 11.16 15.81 12.94
C SER K 123 12.41 15.05 12.53
N GLN K 124 12.68 14.94 11.22
CA GLN K 124 13.88 14.23 10.85
C GLN K 124 15.14 15.11 10.99
N ARG K 125 14.98 16.42 11.10
CA ARG K 125 16.17 17.24 11.37
C ARG K 125 16.20 17.66 12.83
N ALA K 126 15.07 17.78 13.52
CA ALA K 126 15.08 18.30 14.88
C ALA K 126 15.85 17.42 15.82
N ASP K 127 16.64 17.99 16.69
CA ASP K 127 17.27 17.15 17.69
C ASP K 127 16.19 16.51 18.60
N GLY K 128 15.23 17.31 19.05
CA GLY K 128 14.19 16.79 19.93
C GLY K 128 12.86 17.23 19.40
N VAL K 129 11.80 16.54 19.84
CA VAL K 129 10.44 16.77 19.47
C VAL K 129 9.61 16.52 20.71
N VAL K 130 8.77 17.51 21.02
CA VAL K 130 7.94 17.54 22.19
C VAL K 130 6.52 17.75 21.62
N ALA K 131 5.57 16.87 21.98
CA ALA K 131 4.22 16.90 21.51
C ALA K 131 3.18 16.56 22.59
N GLY K 132 2.09 17.33 22.57
CA GLY K 132 1.02 17.17 23.53
C GLY K 132 1.30 17.53 24.98
N CYS K 133 2.28 18.37 25.16
CA CYS K 133 2.58 18.82 26.51
C CYS K 133 2.04 20.23 26.71
N GLY K 134 1.14 20.66 25.85
CA GLY K 134 0.53 21.96 26.01
C GLY K 134 1.50 23.06 25.70
N VAL K 135 1.28 24.26 26.22
CA VAL K 135 2.17 25.35 25.97
C VAL K 135 3.40 25.12 26.83
N GLN K 136 3.28 24.36 27.92
CA GLN K 136 4.48 23.99 28.65
C GLN K 136 5.60 23.41 27.74
N GLY K 137 5.23 22.73 26.66
CA GLY K 137 6.18 22.19 25.72
C GLY K 137 7.20 23.20 25.23
N TYR K 138 6.77 24.46 25.14
CA TYR K 138 7.75 25.47 24.66
C TYR K 138 8.82 25.75 25.72
N VAL K 139 8.46 25.59 27.00
CA VAL K 139 9.40 25.71 28.10
C VAL K 139 10.48 24.60 28.03
N PHE K 140 10.03 23.37 27.83
CA PHE K 140 10.89 22.18 27.70
C PHE K 140 11.85 22.47 26.50
N GLY K 141 11.31 23.09 25.48
CA GLY K 141 12.08 23.33 24.27
C GLY K 141 13.18 24.34 24.57
N VAL K 142 12.84 25.41 25.28
CA VAL K 142 13.86 26.40 25.68
C VAL K 142 14.96 25.83 26.55
N GLU K 143 14.60 24.96 27.50
CA GLU K 143 15.59 24.29 28.31
C GLU K 143 16.47 23.32 27.64
N ARG K 144 15.92 22.57 26.69
CA ARG K 144 16.75 21.68 25.93
C ARG K 144 17.76 22.52 25.09
N ILE K 145 17.34 23.66 24.59
CA ILE K 145 18.24 24.46 23.77
C ILE K 145 19.35 24.93 24.72
N ALA K 146 18.99 25.22 25.98
CA ALA K 146 19.99 25.74 26.91
C ALA K 146 20.99 24.64 27.21
N ALA K 147 20.46 23.44 27.42
CA ALA K 147 21.34 22.33 27.74
C ALA K 147 22.24 21.98 26.59
N LEU K 148 21.80 22.07 25.34
CA LEU K 148 22.68 21.75 24.20
C LEU K 148 23.63 22.86 23.77
N ALA K 149 23.22 24.09 24.01
CA ALA K 149 24.02 25.24 23.64
C ALA K 149 25.17 25.39 24.65
N GLY K 150 24.95 24.92 25.88
CA GLY K 150 25.98 24.94 26.91
C GLY K 150 26.35 23.57 27.49
N ARG L 2 -22.68 38.49 10.77
CA ARG L 2 -23.38 37.18 10.93
C ARG L 2 -24.22 36.89 9.70
N SER L 3 -25.26 37.68 9.43
CA SER L 3 -26.12 37.52 8.27
C SER L 3 -25.73 38.09 6.90
N LEU L 4 -26.46 37.66 5.89
CA LEU L 4 -26.20 38.11 4.55
C LEU L 4 -26.43 39.61 4.45
N ALA L 5 -27.35 40.13 5.25
CA ALA L 5 -27.57 41.57 5.24
C ALA L 5 -26.52 42.37 6.03
N ASN L 6 -25.91 41.76 7.03
CA ASN L 6 -24.92 42.41 7.90
C ASN L 6 -23.55 42.54 7.29
N ALA L 7 -23.17 41.48 6.59
CA ALA L 7 -21.80 41.34 6.11
C ALA L 7 -21.72 40.59 4.77
N PRO L 8 -20.66 40.88 4.03
CA PRO L 8 -20.45 40.24 2.73
C PRO L 8 -20.03 38.76 2.84
N ILE L 9 -20.23 38.10 1.71
CA ILE L 9 -19.73 36.78 1.51
C ILE L 9 -18.32 36.94 0.98
N MET L 10 -17.36 36.24 1.61
CA MET L 10 -15.98 36.24 1.14
C MET L 10 -15.89 35.20 0.05
N ILE L 11 -15.35 35.58 -1.10
CA ILE L 11 -15.10 34.63 -2.16
C ILE L 11 -13.60 34.64 -2.47
N LEU L 12 -12.94 33.53 -2.20
CA LEU L 12 -11.51 33.39 -2.43
C LEU L 12 -11.19 32.37 -3.52
N ASN L 13 -10.10 32.71 -4.20
CA ASN L 13 -9.60 32.01 -5.35
C ASN L 13 -8.10 31.93 -5.19
N GLY L 14 -7.63 30.69 -5.23
CA GLY L 14 -6.25 30.30 -5.13
C GLY L 14 -5.48 30.53 -6.42
N PRO L 15 -4.32 29.91 -6.49
CA PRO L 15 -3.32 30.19 -7.53
C PRO L 15 -3.67 29.81 -8.98
N ASN L 16 -3.11 30.61 -9.90
CA ASN L 16 -3.27 30.49 -11.34
C ASN L 16 -4.68 30.87 -11.81
N LEU L 17 -5.61 31.06 -10.89
CA LEU L 17 -6.96 31.42 -11.30
C LEU L 17 -7.00 32.80 -11.92
N ASN L 18 -5.98 33.61 -11.69
CA ASN L 18 -5.94 34.92 -12.36
C ASN L 18 -5.89 34.80 -13.86
N LEU L 19 -5.40 33.67 -14.36
CA LEU L 19 -5.30 33.44 -15.78
C LEU L 19 -6.58 32.87 -16.34
N LEU L 20 -7.57 32.65 -15.50
CA LEU L 20 -8.80 32.06 -15.98
C LEU L 20 -9.32 32.74 -17.25
N GLY L 21 -9.61 31.90 -18.23
CA GLY L 21 -10.13 32.33 -19.51
C GLY L 21 -9.15 33.03 -20.43
N GLN L 22 -7.85 32.95 -20.14
CA GLN L 22 -6.88 33.62 -20.99
C GLN L 22 -5.91 32.61 -21.56
N ARG L 23 -6.28 31.35 -21.51
CA ARG L 23 -5.36 30.31 -21.95
C ARG L 23 -5.63 29.88 -23.36
N GLN L 24 -6.39 28.80 -23.51
CA GLN L 24 -6.77 28.31 -24.82
C GLN L 24 -8.29 28.39 -24.91
N PRO L 25 -8.78 29.55 -25.37
CA PRO L 25 -10.21 29.80 -25.55
C PRO L 25 -10.72 28.85 -26.62
N GLU L 26 -10.99 27.62 -26.19
CA GLU L 26 -11.30 26.53 -27.12
C GLU L 26 -11.40 25.27 -26.29
N ILE L 27 -10.34 25.02 -25.53
CA ILE L 27 -10.24 23.84 -24.70
C ILE L 27 -10.70 24.25 -23.30
N TYR L 28 -10.31 25.47 -22.93
CA TYR L 28 -10.72 26.08 -21.67
C TYR L 28 -11.78 27.14 -22.01
N GLY L 29 -12.60 27.49 -21.01
CA GLY L 29 -13.63 28.48 -21.21
C GLY L 29 -13.14 29.82 -21.77
N SER L 30 -14.04 30.81 -21.74
CA SER L 30 -13.73 32.15 -22.21
C SER L 30 -13.95 33.16 -21.08
N ASP L 31 -14.70 32.75 -20.06
CA ASP L 31 -14.93 33.55 -18.88
C ASP L 31 -13.66 33.82 -18.07
N THR L 32 -13.56 35.07 -17.64
CA THR L 32 -12.42 35.50 -16.86
C THR L 32 -12.86 35.57 -15.44
N LEU L 33 -11.87 35.76 -14.57
CA LEU L 33 -12.15 35.92 -13.15
C LEU L 33 -13.08 37.12 -12.95
N ALA L 34 -12.96 38.14 -13.80
CA ALA L 34 -13.90 39.25 -13.75
C ALA L 34 -15.35 38.84 -14.05
N ASP L 35 -15.55 37.93 -14.99
CA ASP L 35 -16.90 37.42 -15.28
C ASP L 35 -17.49 36.68 -14.05
N VAL L 36 -16.63 35.94 -13.37
CA VAL L 36 -17.06 35.16 -12.21
C VAL L 36 -17.47 36.12 -11.10
N GLU L 37 -16.62 37.09 -10.81
CA GLU L 37 -16.99 38.03 -9.78
C GLU L 37 -18.35 38.64 -10.11
N ALA L 38 -18.60 38.94 -11.38
CA ALA L 38 -19.90 39.50 -11.72
C ALA L 38 -21.08 38.55 -11.45
N LEU L 39 -20.92 37.26 -11.74
CA LEU L 39 -21.97 36.28 -11.46
C LEU L 39 -22.27 36.23 -9.97
N CYS L 40 -21.21 36.35 -9.19
CA CYS L 40 -21.34 36.24 -7.74
C CYS L 40 -22.07 37.47 -7.18
N VAL L 41 -21.71 38.63 -7.70
CA VAL L 41 -22.36 39.83 -7.22
C VAL L 41 -23.85 39.73 -7.51
N LYS L 42 -24.14 39.38 -8.75
CA LYS L 42 -25.52 39.27 -9.15
C LYS L 42 -26.22 38.33 -8.21
N ALA L 43 -25.68 37.13 -8.06
CA ALA L 43 -26.39 36.12 -7.28
C ALA L 43 -26.62 36.52 -5.82
N ALA L 44 -25.66 37.23 -5.24
CA ALA L 44 -25.82 37.66 -3.85
C ALA L 44 -26.86 38.79 -3.73
N ALA L 45 -26.88 39.65 -4.74
CA ALA L 45 -27.76 40.80 -4.70
C ALA L 45 -29.18 40.30 -4.71
N ALA L 46 -29.39 39.22 -5.42
CA ALA L 46 -30.75 38.71 -5.56
C ALA L 46 -31.25 38.35 -4.15
N HIS L 47 -30.34 38.03 -3.24
CA HIS L 47 -30.70 37.69 -1.88
C HIS L 47 -30.34 38.82 -0.94
N GLY L 48 -30.15 40.00 -1.53
CA GLY L 48 -29.90 41.20 -0.79
C GLY L 48 -28.60 41.11 -0.05
N GLY L 49 -27.61 40.47 -0.65
CA GLY L 49 -26.30 40.35 -0.03
C GLY L 49 -25.25 40.98 -0.92
N THR L 50 -23.99 40.93 -0.45
CA THR L 50 -22.86 41.43 -1.19
C THR L 50 -21.72 40.43 -1.09
N VAL L 51 -20.71 40.63 -1.94
CA VAL L 51 -19.55 39.77 -1.97
C VAL L 51 -18.24 40.54 -1.98
N ASP L 52 -17.18 39.89 -1.53
CA ASP L 52 -15.86 40.50 -1.37
C ASP L 52 -14.99 39.46 -2.08
N PHE L 53 -14.68 39.74 -3.32
CA PHE L 53 -14.10 38.73 -4.19
C PHE L 53 -12.63 38.96 -4.29
N ARG L 54 -11.82 37.92 -4.04
CA ARG L 54 -10.36 38.06 -4.04
C ARG L 54 -9.61 36.90 -4.67
N GLN L 55 -8.37 37.13 -5.07
CA GLN L 55 -7.54 36.08 -5.62
C GLN L 55 -6.08 36.23 -5.25
N SER L 56 -5.45 35.11 -4.96
CA SER L 56 -4.05 35.09 -4.56
C SER L 56 -3.34 33.79 -4.91
N ASN L 57 -2.08 33.92 -5.29
CA ASN L 57 -1.15 32.83 -5.55
C ASN L 57 -0.42 32.36 -4.28
N HIS L 58 -0.59 33.06 -3.15
CA HIS L 58 0.13 32.76 -1.92
C HIS L 58 -0.73 32.10 -0.83
N GLU L 59 -0.23 30.96 -0.42
CA GLU L 59 -0.90 30.16 0.58
C GLU L 59 -1.20 30.99 1.83
N GLY L 60 -0.17 31.67 2.28
CA GLY L 60 -0.21 32.43 3.52
C GLY L 60 -1.13 33.64 3.44
N GLU L 61 -1.26 34.20 2.25
CA GLU L 61 -2.16 35.32 2.11
C GLU L 61 -3.59 34.80 2.20
N LEU L 62 -3.79 33.62 1.64
CA LEU L 62 -5.11 33.02 1.69
C LEU L 62 -5.52 32.74 3.13
N VAL L 63 -4.58 32.26 3.94
CA VAL L 63 -4.82 32.01 5.36
C VAL L 63 -5.20 33.35 6.04
N ASP L 64 -4.47 34.42 5.74
CA ASP L 64 -4.74 35.74 6.31
C ASP L 64 -6.20 36.19 6.03
N TRP L 65 -6.70 35.93 4.81
CA TRP L 65 -8.04 36.33 4.37
C TRP L 65 -9.11 35.47 5.01
N ILE L 66 -8.73 34.28 5.39
CA ILE L 66 -9.65 33.39 6.05
C ILE L 66 -9.82 33.90 7.49
N HIS L 67 -8.72 34.33 8.11
CA HIS L 67 -8.76 34.88 9.47
C HIS L 67 -9.69 36.12 9.44
N GLU L 68 -9.52 36.94 8.41
CA GLU L 68 -10.37 38.09 8.24
C GLU L 68 -11.85 37.77 8.14
N ALA L 69 -12.19 36.85 7.27
CA ALA L 69 -13.55 36.44 7.09
C ALA L 69 -14.16 35.91 8.37
N ARG L 70 -13.32 35.30 9.20
CA ARG L 70 -13.76 34.69 10.43
C ARG L 70 -14.45 35.76 11.31
N LEU L 71 -14.01 36.99 11.20
CA LEU L 71 -14.59 37.98 12.08
C LEU L 71 -15.47 39.00 11.34
N ASN L 72 -15.34 39.08 10.02
CA ASN L 72 -15.98 40.14 9.26
C ASN L 72 -16.93 39.69 8.13
N HIS L 73 -17.12 38.40 7.92
CA HIS L 73 -17.90 37.91 6.81
C HIS L 73 -18.97 36.89 7.21
N CYS L 74 -19.95 36.66 6.35
CA CYS L 74 -21.03 35.79 6.72
C CYS L 74 -20.83 34.36 6.26
N GLY L 75 -19.89 34.18 5.36
CA GLY L 75 -19.61 32.86 4.86
C GLY L 75 -18.44 32.87 3.91
N ILE L 76 -17.97 31.68 3.56
CA ILE L 76 -16.87 31.61 2.58
C ILE L 76 -17.17 30.66 1.43
N VAL L 77 -16.93 31.15 0.23
CA VAL L 77 -17.02 30.34 -0.94
C VAL L 77 -15.58 30.33 -1.38
N ILE L 78 -14.99 29.15 -1.58
CA ILE L 78 -13.55 29.08 -1.92
C ILE L 78 -13.18 28.08 -3.02
N ASN L 79 -12.44 28.54 -4.01
CA ASN L 79 -11.79 27.65 -4.96
C ASN L 79 -10.30 27.75 -4.71
N PRO L 80 -9.79 26.75 -3.98
CA PRO L 80 -8.40 26.69 -3.58
C PRO L 80 -7.46 26.30 -4.67
N ALA L 81 -7.96 25.88 -5.83
CA ALA L 81 -7.10 25.50 -6.94
C ALA L 81 -6.10 24.44 -6.42
N ALA L 82 -4.82 24.59 -6.78
CA ALA L 82 -3.82 23.60 -6.43
C ALA L 82 -3.66 23.36 -4.93
N TYR L 83 -3.91 24.40 -4.13
CA TYR L 83 -3.76 24.35 -2.71
C TYR L 83 -4.76 23.42 -2.07
N SER L 84 -5.85 23.11 -2.75
CA SER L 84 -6.79 22.08 -2.29
C SER L 84 -6.09 20.77 -1.92
N HIS L 85 -5.13 20.43 -2.78
CA HIS L 85 -4.47 19.16 -2.65
C HIS L 85 -3.23 19.17 -1.84
N THR L 86 -2.81 20.32 -1.38
CA THR L 86 -1.60 20.32 -0.63
C THR L 86 -1.67 21.13 0.65
N SER L 87 -2.73 21.90 0.91
CA SER L 87 -2.69 22.86 2.03
C SER L 87 -3.39 22.46 3.27
N VAL L 88 -2.60 21.91 4.15
CA VAL L 88 -3.03 21.69 5.51
C VAL L 88 -3.26 23.02 6.21
N ALA L 89 -2.44 24.03 5.87
CA ALA L 89 -2.57 25.33 6.47
C ALA L 89 -3.93 25.97 6.15
N ILE L 90 -4.40 25.85 4.92
CA ILE L 90 -5.67 26.48 4.56
C ILE L 90 -6.76 25.68 5.28
N LEU L 91 -6.65 24.36 5.35
CA LEU L 91 -7.63 23.55 6.13
C LEU L 91 -7.68 24.01 7.57
N ASP L 92 -6.51 24.18 8.16
CA ASP L 92 -6.42 24.61 9.55
C ASP L 92 -6.98 26.00 9.76
N ALA L 93 -6.80 26.92 8.82
CA ALA L 93 -7.44 28.22 8.95
C ALA L 93 -9.00 28.13 8.86
N LEU L 94 -9.52 27.31 7.96
CA LEU L 94 -10.97 27.14 7.85
C LEU L 94 -11.55 26.54 9.11
N ASN L 95 -10.78 25.67 9.77
CA ASN L 95 -11.17 25.00 11.02
C ASN L 95 -11.28 26.03 12.18
N THR L 96 -10.67 27.22 12.04
CA THR L 96 -10.84 28.17 13.14
C THR L 96 -12.21 28.89 13.07
N CYS L 97 -12.89 28.75 11.94
CA CYS L 97 -14.09 29.50 11.66
C CYS L 97 -15.34 28.81 12.12
N ASP L 98 -15.41 28.61 13.43
CA ASP L 98 -16.52 27.91 14.06
C ASP L 98 -17.89 28.41 13.65
N GLY L 99 -18.69 27.45 13.18
CA GLY L 99 -20.05 27.68 12.77
C GLY L 99 -20.16 28.45 11.48
N LEU L 100 -19.05 28.86 10.92
CA LEU L 100 -19.17 29.65 9.73
C LEU L 100 -19.36 28.76 8.50
N PRO L 101 -20.29 29.13 7.62
CA PRO L 101 -20.57 28.28 6.45
C PRO L 101 -19.48 28.39 5.38
N VAL L 102 -19.13 27.28 4.76
CA VAL L 102 -18.05 27.24 3.77
C VAL L 102 -18.42 26.31 2.64
N VAL L 103 -18.24 26.76 1.42
CA VAL L 103 -18.58 25.92 0.31
C VAL L 103 -17.42 25.95 -0.62
N GLU L 104 -16.88 24.80 -0.99
CA GLU L 104 -15.69 24.66 -1.82
C GLU L 104 -16.21 24.41 -3.22
N VAL L 105 -15.56 25.00 -4.21
CA VAL L 105 -16.04 24.95 -5.56
C VAL L 105 -14.84 24.70 -6.44
N HIS L 106 -14.98 23.70 -7.32
CA HIS L 106 -13.99 23.39 -8.36
C HIS L 106 -14.61 23.55 -9.77
N ILE L 107 -13.92 24.26 -10.67
CA ILE L 107 -14.47 24.55 -11.98
C ILE L 107 -14.58 23.25 -12.81
N SER L 108 -13.48 22.49 -12.82
CA SER L 108 -13.41 21.22 -13.52
C SER L 108 -13.76 20.09 -12.55
N ASN L 109 -14.12 18.93 -13.07
CA ASN L 109 -14.44 17.75 -12.24
C ASN L 109 -13.14 17.08 -11.87
N ILE L 110 -12.62 17.42 -10.69
CA ILE L 110 -11.29 16.98 -10.33
C ILE L 110 -11.25 15.50 -10.37
N HIS L 111 -12.39 14.88 -10.03
CA HIS L 111 -12.49 13.41 -10.06
C HIS L 111 -12.13 12.77 -11.39
N GLN L 112 -12.09 13.52 -12.48
CA GLN L 112 -11.73 12.95 -13.77
C GLN L 112 -10.30 13.18 -14.11
N ARG L 113 -9.54 13.88 -13.27
CA ARG L 113 -8.15 14.17 -13.59
C ARG L 113 -7.20 13.21 -12.86
N GLU L 114 -5.90 13.51 -12.87
CA GLU L 114 -4.86 12.76 -12.16
C GLU L 114 -5.27 12.38 -10.73
N PRO L 115 -4.88 11.20 -10.31
CA PRO L 115 -5.20 10.75 -8.94
C PRO L 115 -4.75 11.68 -7.82
N PHE L 116 -3.69 12.45 -7.96
CA PHE L 116 -3.36 13.35 -6.85
C PHE L 116 -4.33 14.53 -6.70
N ARG L 117 -5.19 14.72 -7.70
CA ARG L 117 -6.20 15.76 -7.60
C ARG L 117 -7.50 15.18 -7.02
N HIS L 118 -7.54 13.89 -6.70
CA HIS L 118 -8.82 13.30 -6.23
C HIS L 118 -9.03 13.71 -4.80
N HIS L 119 -7.96 14.06 -4.11
CA HIS L 119 -8.10 14.40 -2.68
C HIS L 119 -7.90 15.91 -2.40
N SER L 120 -8.79 16.43 -1.56
CA SER L 120 -8.75 17.84 -1.14
C SER L 120 -8.79 17.95 0.36
N TYR L 121 -7.81 18.65 0.92
CA TYR L 121 -7.83 18.87 2.36
C TYR L 121 -9.01 19.75 2.78
N VAL L 122 -9.49 20.61 1.88
CA VAL L 122 -10.58 21.53 2.18
C VAL L 122 -11.92 20.86 2.30
N SER L 123 -12.10 19.78 1.54
CA SER L 123 -13.34 19.07 1.63
C SER L 123 -13.56 18.47 3.00
N GLN L 124 -12.62 18.35 3.93
CA GLN L 124 -13.01 17.78 5.23
C GLN L 124 -13.61 18.82 6.16
N ARG L 125 -13.36 20.08 5.85
CA ARG L 125 -14.00 21.16 6.59
C ARG L 125 -15.20 21.75 5.84
N ALA L 126 -15.13 21.85 4.52
CA ALA L 126 -16.22 22.52 3.76
C ALA L 126 -17.58 21.89 4.00
N ASP L 127 -18.63 22.69 4.16
CA ASP L 127 -19.97 22.10 4.40
C ASP L 127 -20.44 21.46 3.11
N GLY L 128 -20.06 22.05 1.98
CA GLY L 128 -20.46 21.51 0.71
C GLY L 128 -19.33 21.70 -0.28
N VAL L 129 -19.31 20.87 -1.31
CA VAL L 129 -18.25 20.84 -2.31
C VAL L 129 -18.91 20.77 -3.63
N VAL L 130 -18.54 21.67 -4.53
CA VAL L 130 -19.21 21.67 -5.80
C VAL L 130 -18.09 21.55 -6.82
N ALA L 131 -18.20 20.60 -7.74
CA ALA L 131 -17.16 20.36 -8.74
C ALA L 131 -17.57 20.08 -10.21
N GLY L 132 -16.87 20.63 -11.18
CA GLY L 132 -17.22 20.33 -12.55
C GLY L 132 -18.56 20.91 -12.99
N CYS L 133 -19.09 21.87 -12.24
CA CYS L 133 -20.22 22.62 -12.73
C CYS L 133 -19.84 23.96 -13.40
N GLY L 134 -18.61 24.12 -13.86
CA GLY L 134 -18.18 25.34 -14.53
C GLY L 134 -18.18 26.54 -13.60
N VAL L 135 -18.19 27.75 -14.17
CA VAL L 135 -18.18 28.91 -13.32
C VAL L 135 -19.56 29.02 -12.68
N GLN L 136 -20.53 28.30 -13.20
CA GLN L 136 -21.82 28.27 -12.55
C GLN L 136 -21.69 27.71 -11.09
N GLY L 137 -20.75 26.82 -10.82
CA GLY L 137 -20.52 26.32 -9.47
C GLY L 137 -20.34 27.42 -8.43
N TYR L 138 -19.73 28.53 -8.81
CA TYR L 138 -19.64 29.70 -7.94
C TYR L 138 -21.03 30.28 -7.57
N VAL L 139 -21.99 30.28 -8.50
CA VAL L 139 -23.35 30.73 -8.22
C VAL L 139 -24.04 29.77 -7.22
N PHE L 140 -23.83 28.47 -7.38
CA PHE L 140 -24.43 27.52 -6.45
C PHE L 140 -23.90 27.76 -5.07
N GLY L 141 -22.61 28.08 -4.99
CA GLY L 141 -21.96 28.35 -3.71
C GLY L 141 -22.58 29.51 -2.97
N VAL L 142 -22.76 30.62 -3.66
CA VAL L 142 -23.40 31.80 -3.11
C VAL L 142 -24.82 31.44 -2.66
N GLU L 143 -25.52 30.59 -3.42
CA GLU L 143 -26.87 30.25 -3.00
C GLU L 143 -26.89 29.41 -1.74
N ARG L 144 -25.93 28.50 -1.65
CA ARG L 144 -25.83 27.65 -0.50
C ARG L 144 -25.49 28.52 0.70
N ILE L 145 -24.56 29.44 0.54
CA ILE L 145 -24.21 30.31 1.61
C ILE L 145 -25.47 31.06 2.01
N ALA L 146 -26.21 31.58 1.03
CA ALA L 146 -27.37 32.36 1.36
C ALA L 146 -28.36 31.53 2.12
N ALA L 147 -28.50 30.27 1.77
CA ALA L 147 -29.45 29.44 2.48
C ALA L 147 -28.93 29.13 3.87
N LEU L 148 -27.65 28.94 4.00
CA LEU L 148 -27.09 28.59 5.28
C LEU L 148 -26.96 29.75 6.25
N ALA L 149 -26.74 30.92 5.67
CA ALA L 149 -26.58 32.10 6.48
C ALA L 149 -27.97 32.48 6.99
N GLY L 150 -29.01 32.22 6.21
CA GLY L 150 -30.36 32.54 6.64
C GLY L 150 -31.21 31.32 7.00
C TRS M . 14.80 -9.76 -15.92
C1 TRS M . 15.69 -8.87 -15.06
C2 TRS M . 14.24 -10.80 -14.95
C3 TRS M . 13.57 -9.07 -16.50
N TRS M . 15.75 -10.27 -16.93
O1 TRS M . 15.82 -7.64 -15.70
O2 TRS M . 15.23 -11.40 -14.14
O3 TRS M . 12.97 -9.80 -17.55
C TRS N . -22.52 -4.80 -5.96
C1 TRS N . -22.40 -4.37 -4.49
C2 TRS N . -21.98 -3.67 -6.85
C3 TRS N . -21.68 -6.04 -6.11
N TRS N . -23.91 -5.14 -6.34
O1 TRS N . -22.90 -5.43 -3.67
O2 TRS N . -22.90 -2.62 -6.82
O3 TRS N . -21.82 -6.57 -7.42
C TRS O . 4.57 -8.95 21.53
C1 TRS O . 3.76 -7.67 21.67
C2 TRS O . 3.74 -9.95 20.70
C3 TRS O . 5.80 -8.66 20.64
N TRS O . 4.85 -9.48 22.86
O1 TRS O . 4.33 -6.66 22.48
O2 TRS O . 2.58 -10.44 21.32
O3 TRS O . 6.70 -9.73 20.60
C TRS P . 3.13 23.57 0.30
C1 TRS P . 1.83 23.21 1.03
C2 TRS P . 4.29 22.97 1.08
C3 TRS P . 2.98 23.03 -1.13
N TRS P . 3.35 25.00 0.21
O1 TRS P . 0.76 23.83 0.39
O2 TRS P . 4.33 23.29 2.48
O3 TRS P . 4.06 23.33 -1.99
#